data_2ZSW
#
_entry.id   2ZSW
#
_cell.length_a   66.711
_cell.length_b   90.147
_cell.length_c   91.969
_cell.angle_alpha   81.11
_cell.angle_beta   70.58
_cell.angle_gamma   68.25
#
_symmetry.space_group_name_H-M   'P 1'
#
loop_
_entity.id
_entity.type
_entity.pdbx_description
1 polymer 'H-2 class I histocompatibility antigen, K-B alpha chain'
2 polymer Beta-2-microglobulin
3 polymer '8-mer peptide from spike glycoprotein'
4 water water
#
loop_
_entity_poly.entity_id
_entity_poly.type
_entity_poly.pdbx_seq_one_letter_code
_entity_poly.pdbx_strand_id
1 'polypeptide(L)'
;GPHSLRYFVTAVSRPGLGEPRYMEVGYVDDTEFVRFDSDAENPRYEPRARWMEQEGPEYWERETQKAKGNEQSFRVDLRT
LLGYYNQSKGGSHTIQVISGCEVGSDGRLLRGYQQYAYDGCDYIALNEDLKTWTAADMAALITKHKWEQAGEAERLRAYL
EGTCVEWLRRYLKNGNATLLRTDSPKAHVTHHSRPEDKVTLRCWALGFYPADITLTWQLNGEELIQDMELVETRPAGDGT
FQKWASVVVPLGKEQYYTCHVYHQGLPEPLTLRWEPPP
;
A,E,C,G
2 'polypeptide(L)'
;IQKTPQIQVYSRHPPENGKPNILNCYVTQFHPPHIEIQMLKNGKKIPKVEMSDMSFSKDWSFYILAHTEFTPTETDTYAC
RVKHDSMAEPKTVYWDRDM
;
H,F,B,D
3 'polypeptide(L)' R(ABA)YIFANI M,N,O,P
#
# COMPACT_ATOMS: atom_id res chain seq x y z
N GLY A 1 -10.27 33.76 -22.02
CA GLY A 1 -9.51 32.48 -22.26
C GLY A 1 -9.15 31.80 -20.95
N PRO A 2 -8.34 30.71 -21.03
CA PRO A 2 -7.96 30.01 -19.78
C PRO A 2 -6.92 30.81 -18.97
N HIS A 3 -6.70 30.43 -17.72
CA HIS A 3 -5.69 31.02 -16.87
C HIS A 3 -5.07 29.90 -16.05
N SER A 4 -3.95 30.20 -15.40
CA SER A 4 -3.26 29.20 -14.61
C SER A 4 -2.63 29.88 -13.41
N LEU A 5 -2.67 29.18 -12.27
CA LEU A 5 -1.88 29.56 -11.10
C LEU A 5 -0.87 28.44 -10.85
N ARG A 6 0.42 28.75 -11.00
CA ARG A 6 1.47 27.72 -10.83
C ARG A 6 2.52 28.13 -9.82
N TYR A 7 3.06 27.16 -9.11
CA TYR A 7 4.18 27.41 -8.19
C TYR A 7 5.44 26.66 -8.60
N PHE A 8 6.54 27.39 -8.73
CA PHE A 8 7.82 26.79 -9.07
C PHE A 8 8.70 26.64 -7.83
N VAL A 9 9.00 25.40 -7.50
CA VAL A 9 9.70 25.16 -6.26
C VAL A 9 11.09 24.57 -6.48
N THR A 10 12.04 25.13 -5.72
CA THR A 10 13.42 24.72 -5.82
C THR A 10 13.96 24.47 -4.43
N ALA A 11 14.59 23.31 -4.25
CA ALA A 11 15.41 23.07 -3.08
C ALA A 11 16.81 22.60 -3.49
N VAL A 12 17.84 23.36 -3.11
CA VAL A 12 19.24 23.07 -3.50
C VAL A 12 20.16 22.83 -2.29
N SER A 13 20.62 21.59 -2.10
CA SER A 13 21.51 21.31 -1.00
C SER A 13 22.87 21.86 -1.34
N ARG A 14 23.72 22.06 -0.32
CA ARG A 14 25.08 22.58 -0.51
C ARG A 14 25.92 22.26 0.76
N PRO A 15 26.33 20.98 0.91
CA PRO A 15 26.98 20.45 2.11
C PRO A 15 28.13 21.30 2.56
N GLY A 16 28.31 21.38 3.88
CA GLY A 16 29.38 22.17 4.50
C GLY A 16 29.49 23.62 4.09
N LEU A 17 28.41 24.19 3.54
CA LEU A 17 28.36 25.61 3.19
C LEU A 17 27.13 26.27 3.78
N GLY A 18 26.20 25.45 4.27
CA GLY A 18 25.01 25.97 4.90
C GLY A 18 23.76 25.15 4.62
N GLU A 19 22.63 25.63 5.11
CA GLU A 19 21.38 24.95 4.86
C GLU A 19 21.05 25.00 3.36
N PRO A 20 20.26 24.04 2.86
CA PRO A 20 19.78 24.14 1.49
C PRO A 20 19.05 25.45 1.24
N ARG A 21 19.05 25.91 -0.01
CA ARG A 21 18.39 27.14 -0.37
C ARG A 21 17.04 26.74 -0.96
N TYR A 22 15.99 27.42 -0.55
CA TYR A 22 14.66 27.04 -0.95
C TYR A 22 13.98 28.25 -1.52
N MET A 23 13.20 28.03 -2.57
CA MET A 23 12.44 29.09 -3.15
C MET A 23 11.09 28.63 -3.59
N GLU A 24 10.09 29.48 -3.35
CA GLU A 24 8.78 29.26 -3.92
C GLU A 24 8.53 30.44 -4.79
N VAL A 25 8.20 30.18 -6.05
CA VAL A 25 7.98 31.26 -7.00
C VAL A 25 6.63 31.10 -7.64
N GLY A 26 5.76 32.07 -7.39
CA GLY A 26 4.38 32.04 -7.85
C GLY A 26 4.17 32.67 -9.21
N TYR A 27 3.32 32.04 -10.02
CA TYR A 27 3.00 32.50 -11.37
C TYR A 27 1.50 32.43 -11.63
N VAL A 28 0.93 33.59 -11.98
CA VAL A 28 -0.39 33.67 -12.59
C VAL A 28 -0.12 33.93 -14.07
N ASP A 29 -0.38 32.89 -14.88
CA ASP A 29 -0.26 32.93 -16.34
C ASP A 29 1.13 33.34 -16.81
N ASP A 30 2.17 32.69 -16.31
CA ASP A 30 3.54 33.05 -16.70
C ASP A 30 4.12 34.36 -16.15
N THR A 31 3.28 35.26 -15.66
CA THR A 31 3.80 36.37 -14.89
C THR A 31 4.10 35.94 -13.45
N GLU A 32 5.35 36.07 -13.01
CA GLU A 32 5.70 35.87 -11.61
C GLU A 32 4.99 36.94 -10.79
N PHE A 33 4.37 36.54 -9.69
CA PHE A 33 3.66 37.49 -8.85
C PHE A 33 4.06 37.40 -7.37
N VAL A 34 4.51 36.22 -6.95
CA VAL A 34 5.04 36.08 -5.59
C VAL A 34 6.35 35.31 -5.59
N ARG A 35 7.22 35.64 -4.64
CA ARG A 35 8.47 34.92 -4.45
C ARG A 35 8.78 34.79 -2.96
N PHE A 36 9.31 33.61 -2.61
CA PHE A 36 9.93 33.37 -1.31
C PHE A 36 11.32 32.81 -1.49
N ASP A 37 12.30 33.39 -0.79
CA ASP A 37 13.72 32.98 -0.87
C ASP A 37 14.34 32.79 0.50
N SER A 38 14.84 31.59 0.75
CA SER A 38 15.28 31.25 2.10
C SER A 38 16.60 31.89 2.51
N ASP A 39 17.35 32.43 1.55
CA ASP A 39 18.56 33.17 1.91
C ASP A 39 18.27 34.53 2.60
N ALA A 40 18.01 34.42 3.90
CA ALA A 40 17.83 35.56 4.84
C ALA A 40 17.62 35.04 6.28
N GLU A 41 18.16 35.74 7.28
CA GLU A 41 17.90 35.43 8.71
C GLU A 41 16.37 35.40 9.04
N ASN A 42 15.61 36.27 8.38
CA ASN A 42 14.15 36.36 8.57
C ASN A 42 13.48 36.44 7.18
N PRO A 43 13.43 35.29 6.46
CA PRO A 43 12.94 35.22 5.08
C PRO A 43 11.44 35.47 5.02
N ARG A 44 10.94 36.10 3.97
CA ARG A 44 9.52 36.45 3.86
C ARG A 44 8.94 36.27 2.46
N TYR A 45 7.67 35.88 2.35
CA TYR A 45 6.99 35.94 1.05
C TYR A 45 6.94 37.39 0.59
N GLU A 46 7.25 37.61 -0.68
CA GLU A 46 7.19 38.96 -1.23
C GLU A 46 6.29 39.11 -2.45
N PRO A 47 5.68 40.29 -2.60
CA PRO A 47 4.97 40.58 -3.83
C PRO A 47 5.97 40.82 -4.97
N ARG A 48 5.61 40.46 -6.20
CA ARG A 48 6.50 40.62 -7.35
C ARG A 48 5.78 41.29 -8.48
N ALA A 49 4.52 41.63 -8.23
CA ALA A 49 3.71 42.47 -9.10
C ALA A 49 3.03 43.50 -8.22
N ARG A 50 2.90 44.74 -8.71
CA ARG A 50 2.39 45.84 -7.89
C ARG A 50 0.99 45.54 -7.32
N TRP A 51 0.14 44.91 -8.12
CA TRP A 51 -1.23 44.61 -7.71
C TRP A 51 -1.34 43.66 -6.52
N MET A 52 -0.29 42.90 -6.25
CA MET A 52 -0.30 42.00 -5.11
C MET A 52 -0.19 42.74 -3.78
N GLU A 53 0.33 43.96 -3.83
CA GLU A 53 0.45 44.81 -2.63
C GLU A 53 -0.87 45.06 -1.94
N GLN A 54 -1.97 44.78 -2.64
CA GLN A 54 -3.33 44.91 -2.10
C GLN A 54 -3.62 43.94 -0.96
N GLU A 55 -2.92 42.79 -0.93
CA GLU A 55 -3.08 41.77 0.12
C GLU A 55 -2.53 42.24 1.45
N GLY A 56 -3.26 41.92 2.53
CA GLY A 56 -3.01 42.46 3.87
C GLY A 56 -1.89 41.79 4.65
N PRO A 57 -1.55 42.36 5.82
CA PRO A 57 -0.38 41.88 6.56
C PRO A 57 -0.54 40.39 6.87
N GLU A 58 -1.78 39.95 7.01
CA GLU A 58 -2.14 38.59 7.39
C GLU A 58 -1.82 37.61 6.28
N TYR A 59 -2.05 38.04 5.05
CA TYR A 59 -1.83 37.18 3.90
C TYR A 59 -0.37 36.78 3.82
N TRP A 60 0.51 37.75 4.02
CA TRP A 60 1.93 37.51 3.92
C TRP A 60 2.40 36.71 5.13
N GLU A 61 1.93 37.12 6.31
CA GLU A 61 2.23 36.32 7.47
C GLU A 61 1.90 34.87 7.20
N ARG A 62 0.69 34.60 6.71
CA ARG A 62 0.20 33.23 6.53
C ARG A 62 1.02 32.47 5.51
N GLU A 63 1.37 33.13 4.41
CA GLU A 63 2.12 32.46 3.34
C GLU A 63 3.56 32.15 3.71
N THR A 64 4.19 33.11 4.40
CA THR A 64 5.57 33.05 4.86
C THR A 64 5.79 31.82 5.72
N GLN A 65 4.96 31.65 6.75
CA GLN A 65 5.07 30.48 7.60
C GLN A 65 4.88 29.20 6.78
N LYS A 66 3.91 29.20 5.86
CA LYS A 66 3.59 28.00 5.10
C LYS A 66 4.77 27.54 4.27
N ALA A 67 5.49 28.53 3.71
CA ALA A 67 6.70 28.31 2.91
C ALA A 67 7.84 27.85 3.77
N LYS A 68 8.04 28.55 4.89
CA LYS A 68 8.99 28.11 5.89
C LYS A 68 8.72 26.63 6.19
N GLY A 69 7.46 26.29 6.46
CA GLY A 69 7.08 24.91 6.67
C GLY A 69 7.55 24.03 5.53
N ASN A 70 7.14 24.39 4.32
CA ASN A 70 7.52 23.67 3.12
C ASN A 70 9.01 23.45 2.95
N GLU A 71 9.77 24.51 3.17
CA GLU A 71 11.23 24.43 3.15
C GLU A 71 11.80 23.31 4.03
N GLN A 72 11.31 23.24 5.26
CA GLN A 72 11.79 22.26 6.18
C GLN A 72 11.44 20.88 5.67
N SER A 73 10.26 20.78 5.08
CA SER A 73 9.83 19.53 4.48
C SER A 73 10.84 19.08 3.40
N PHE A 74 11.23 20.00 2.54
CA PHE A 74 12.22 19.71 1.52
C PHE A 74 13.65 19.48 2.07
N ARG A 75 13.97 20.06 3.22
CA ARG A 75 15.28 19.76 3.80
C ARG A 75 15.40 18.27 4.08
N VAL A 76 14.35 17.69 4.66
CA VAL A 76 14.25 16.26 4.93
C VAL A 76 14.25 15.48 3.62
N ASP A 77 13.57 16.04 2.64
CA ASP A 77 13.40 15.41 1.36
C ASP A 77 14.72 15.21 0.64
N LEU A 78 15.60 16.21 0.70
CA LEU A 78 16.93 16.10 0.14
C LEU A 78 17.72 14.98 0.82
N ARG A 79 17.62 14.91 2.16
CA ARG A 79 18.31 13.87 2.94
C ARG A 79 17.77 12.48 2.59
N THR A 80 16.49 12.44 2.26
CA THR A 80 15.82 11.20 1.96
C THR A 80 16.25 10.68 0.61
N LEU A 81 16.39 11.57 -0.36
CA LEU A 81 16.75 11.12 -1.69
C LEU A 81 18.15 10.54 -1.76
N LEU A 82 19.07 11.08 -0.97
CA LEU A 82 20.40 10.48 -0.82
C LEU A 82 20.28 9.02 -0.38
N GLY A 83 19.35 8.78 0.54
CA GLY A 83 19.04 7.43 1.03
C GLY A 83 18.47 6.50 -0.02
N TYR A 84 17.60 7.02 -0.88
CA TYR A 84 17.01 6.26 -1.98
C TYR A 84 18.00 5.92 -3.08
N TYR A 85 18.87 6.87 -3.42
CA TYR A 85 19.75 6.73 -4.57
C TYR A 85 21.12 6.25 -4.14
N ASN A 86 21.32 6.16 -2.82
CA ASN A 86 22.57 5.66 -2.27
C ASN A 86 23.77 6.56 -2.60
N GLN A 87 23.52 7.87 -2.64
CA GLN A 87 24.54 8.85 -2.98
C GLN A 87 25.31 9.33 -1.75
N SER A 88 26.61 9.65 -1.93
CA SER A 88 27.44 10.19 -0.84
C SER A 88 26.95 11.54 -0.27
N LYS A 89 27.30 11.80 0.99
CA LYS A 89 26.76 12.97 1.72
C LYS A 89 27.11 14.37 1.16
N GLY A 90 28.25 14.47 0.43
CA GLY A 90 28.87 15.75 0.04
C GLY A 90 28.46 16.41 -1.28
N GLY A 91 27.62 15.73 -2.05
CA GLY A 91 27.14 16.29 -3.30
C GLY A 91 26.02 17.28 -3.08
N SER A 92 25.98 18.30 -3.93
CA SER A 92 24.84 19.20 -4.00
C SER A 92 23.78 18.58 -4.89
N HIS A 93 22.52 18.60 -4.46
CA HIS A 93 21.47 18.02 -5.28
C HIS A 93 20.30 18.96 -5.31
N THR A 94 19.43 18.78 -6.30
CA THR A 94 18.31 19.71 -6.53
C THR A 94 16.97 19.03 -6.67
N ILE A 95 16.01 19.44 -5.86
CA ILE A 95 14.62 19.03 -6.04
C ILE A 95 13.89 20.23 -6.64
N GLN A 96 13.08 19.96 -7.65
CA GLN A 96 12.28 20.96 -8.32
C GLN A 96 10.84 20.49 -8.42
N VAL A 97 9.90 21.40 -8.18
CA VAL A 97 8.49 21.07 -8.31
C VAL A 97 7.71 22.14 -9.08
N ILE A 98 6.72 21.68 -9.84
CA ILE A 98 5.81 22.57 -10.52
C ILE A 98 4.46 22.17 -10.01
N SER A 99 3.77 23.10 -9.37
CA SER A 99 2.51 22.80 -8.69
C SER A 99 1.43 23.86 -8.94
N GLY A 100 0.26 23.44 -9.41
CA GLY A 100 -0.82 24.39 -9.69
C GLY A 100 -1.90 23.91 -10.64
N CYS A 101 -2.83 24.82 -10.94
CA CYS A 101 -4.01 24.49 -11.71
C CYS A 101 -4.13 25.37 -12.93
N GLU A 102 -4.74 24.82 -13.99
CA GLU A 102 -5.20 25.60 -15.15
C GLU A 102 -6.74 25.56 -15.21
N VAL A 103 -7.38 26.73 -15.17
CA VAL A 103 -8.84 26.80 -15.19
C VAL A 103 -9.36 27.52 -16.41
N GLY A 104 -10.39 26.95 -17.02
CA GLY A 104 -11.11 27.56 -18.14
C GLY A 104 -11.87 28.82 -17.74
N SER A 105 -12.47 29.47 -18.73
CA SER A 105 -13.19 30.73 -18.50
C SER A 105 -14.53 30.48 -17.83
N ASP A 106 -14.94 29.20 -17.83
CA ASP A 106 -16.13 28.75 -17.14
C ASP A 106 -15.86 28.52 -15.63
N GLY A 107 -14.59 28.38 -15.30
CA GLY A 107 -14.18 28.26 -13.92
C GLY A 107 -13.92 26.82 -13.52
N ARG A 108 -14.00 25.93 -14.51
CA ARG A 108 -13.73 24.52 -14.32
C ARG A 108 -12.22 24.23 -14.44
N LEU A 109 -11.75 23.16 -13.81
CA LEU A 109 -10.33 22.79 -13.87
C LEU A 109 -10.04 22.02 -15.13
N LEU A 110 -9.17 22.56 -15.97
CA LEU A 110 -8.77 21.92 -17.23
C LEU A 110 -7.72 20.85 -17.03
N ARG A 111 -6.64 21.20 -16.35
CA ARG A 111 -5.68 20.20 -15.92
C ARG A 111 -4.99 20.67 -14.66
N GLY A 112 -4.43 19.72 -13.93
CA GLY A 112 -3.71 20.05 -12.71
C GLY A 112 -2.26 19.63 -12.86
N TYR A 113 -1.36 20.38 -12.22
CA TYR A 113 0.07 20.04 -12.24
C TYR A 113 0.66 19.76 -10.85
N GLN A 114 1.26 18.58 -10.72
CA GLN A 114 2.20 18.27 -9.65
C GLN A 114 3.30 17.43 -10.26
N GLN A 115 4.36 18.13 -10.67
CA GLN A 115 5.55 17.53 -11.29
C GLN A 115 6.77 17.73 -10.40
N TYR A 116 7.29 16.60 -9.93
CA TYR A 116 8.56 16.57 -9.20
C TYR A 116 9.74 16.22 -10.09
N ALA A 117 10.88 16.81 -9.82
CA ALA A 117 12.10 16.45 -10.52
C ALA A 117 13.26 16.42 -9.55
N TYR A 118 14.14 15.44 -9.78
CA TYR A 118 15.37 15.31 -9.00
C TYR A 118 16.60 15.45 -9.89
N ASP A 119 17.47 16.39 -9.54
CA ASP A 119 18.63 16.74 -10.36
C ASP A 119 18.32 16.94 -11.85
N GLY A 120 17.26 17.69 -12.17
CA GLY A 120 16.84 17.96 -13.57
C GLY A 120 16.23 16.82 -14.37
N CYS A 121 15.76 15.80 -13.65
CA CYS A 121 15.14 14.61 -14.24
C CYS A 121 13.81 14.30 -13.58
N ASP A 122 12.81 13.92 -14.37
CA ASP A 122 11.47 13.69 -13.84
C ASP A 122 11.53 12.68 -12.71
N TYR A 123 10.85 12.94 -11.61
CA TYR A 123 10.87 12.04 -10.48
C TYR A 123 9.54 11.34 -10.32
N ILE A 124 8.52 12.14 -10.04
CA ILE A 124 7.17 11.64 -9.97
C ILE A 124 6.23 12.76 -10.44
N ALA A 125 5.05 12.39 -10.93
CA ALA A 125 4.03 13.38 -11.28
C ALA A 125 2.63 12.79 -11.16
N LEU A 126 1.67 13.67 -10.92
CA LEU A 126 0.27 13.29 -10.87
C LEU A 126 -0.28 13.17 -12.29
N ASN A 127 -1.00 12.09 -12.54
CA ASN A 127 -1.59 11.86 -13.87
C ASN A 127 -2.77 12.79 -14.15
N GLU A 128 -3.20 12.85 -15.41
CA GLU A 128 -4.31 13.75 -15.82
C GLU A 128 -5.60 13.39 -15.08
N ASP A 129 -5.76 12.10 -14.79
CA ASP A 129 -6.87 11.59 -13.98
C ASP A 129 -6.91 12.14 -12.55
N LEU A 130 -5.88 12.86 -12.12
CA LEU A 130 -5.82 13.48 -10.78
C LEU A 130 -5.92 12.50 -9.59
N LYS A 131 -5.66 11.22 -9.87
CA LYS A 131 -5.91 10.15 -8.90
C LYS A 131 -4.73 9.18 -8.72
N THR A 132 -3.87 9.07 -9.74
CA THR A 132 -2.71 8.16 -9.70
C THR A 132 -1.40 8.85 -10.05
N TRP A 133 -0.27 8.14 -9.85
CA TRP A 133 1.07 8.70 -10.04
C TRP A 133 1.86 8.00 -11.12
N THR A 134 2.69 8.76 -11.82
CA THR A 134 3.71 8.19 -12.69
C THR A 134 5.08 8.47 -12.07
N ALA A 135 5.81 7.39 -11.80
CA ALA A 135 7.16 7.43 -11.23
C ALA A 135 8.22 7.08 -12.29
N ALA A 136 9.29 7.88 -12.35
CA ALA A 136 10.26 7.72 -13.43
C ALA A 136 11.33 6.65 -13.17
N ASP A 137 11.36 6.07 -11.95
CA ASP A 137 12.38 5.08 -11.59
C ASP A 137 12.13 4.37 -10.27
N MET A 138 13.01 3.41 -9.97
CA MET A 138 12.92 2.62 -8.72
C MET A 138 12.83 3.51 -7.47
N ALA A 139 13.56 4.62 -7.46
CA ALA A 139 13.53 5.49 -6.31
C ALA A 139 12.14 6.09 -6.10
N ALA A 140 11.58 6.71 -7.14
CA ALA A 140 10.25 7.33 -7.05
C ALA A 140 9.13 6.34 -6.72
N LEU A 141 9.37 5.06 -7.03
CA LEU A 141 8.43 4.01 -6.69
C LEU A 141 8.23 3.93 -5.19
N ILE A 142 9.28 4.25 -4.44
CA ILE A 142 9.19 4.34 -2.97
C ILE A 142 8.30 5.54 -2.56
N THR A 143 8.44 6.65 -3.26
CA THR A 143 7.56 7.83 -3.04
C THR A 143 6.12 7.57 -3.51
N LYS A 144 5.96 6.81 -4.60
CA LYS A 144 4.63 6.38 -5.01
C LYS A 144 3.94 5.61 -3.88
N HIS A 145 4.55 4.50 -3.45
CA HIS A 145 4.03 3.66 -2.36
C HIS A 145 3.61 4.46 -1.12
N LYS A 146 4.47 5.39 -0.65
CA LYS A 146 4.18 6.25 0.51
C LYS A 146 2.94 7.16 0.32
N TRP A 147 2.80 7.75 -0.87
CA TRP A 147 1.64 8.60 -1.24
C TRP A 147 0.35 7.79 -1.55
N GLU A 148 0.50 6.53 -1.91
CA GLU A 148 -0.64 5.66 -2.10
C GLU A 148 -1.24 5.37 -0.72
N GLN A 149 -0.38 5.03 0.24
CA GLN A 149 -0.82 4.63 1.59
C GLN A 149 -1.12 5.81 2.54
N ALA A 150 -0.92 7.06 2.07
CA ALA A 150 -1.41 8.22 2.82
C ALA A 150 -2.50 8.98 2.05
N GLY A 151 -2.93 8.39 0.93
CA GLY A 151 -3.92 8.99 0.04
C GLY A 151 -3.56 10.44 -0.24
N GLU A 152 -2.36 10.66 -0.76
CA GLU A 152 -1.86 12.01 -1.02
C GLU A 152 -2.54 12.62 -2.23
N ALA A 153 -2.83 11.76 -3.21
CA ALA A 153 -3.48 12.16 -4.45
C ALA A 153 -4.78 12.87 -4.13
N GLU A 154 -5.55 12.32 -3.19
CA GLU A 154 -6.85 12.89 -2.78
C GLU A 154 -6.69 14.28 -2.15
N ARG A 155 -5.75 14.40 -1.19
CA ARG A 155 -5.43 15.68 -0.53
C ARG A 155 -4.98 16.73 -1.55
N LEU A 156 -4.20 16.29 -2.53
CA LEU A 156 -3.76 17.15 -3.62
C LEU A 156 -4.91 17.57 -4.50
N ARG A 157 -5.74 16.59 -4.89
CA ARG A 157 -6.92 16.83 -5.71
C ARG A 157 -7.76 17.95 -5.11
N ALA A 158 -7.90 17.90 -3.78
CA ALA A 158 -8.70 18.87 -3.04
C ALA A 158 -8.09 20.27 -3.18
N TYR A 159 -6.77 20.35 -3.08
CA TYR A 159 -6.09 21.61 -3.19
C TYR A 159 -6.29 22.15 -4.59
N LEU A 160 -6.04 21.31 -5.60
CA LEU A 160 -6.19 21.69 -7.02
C LEU A 160 -7.61 22.16 -7.31
N GLU A 161 -8.60 21.37 -6.91
CA GLU A 161 -10.01 21.67 -7.18
C GLU A 161 -10.54 22.81 -6.31
N GLY A 162 -9.88 23.06 -5.17
CA GLY A 162 -10.39 24.02 -4.20
C GLY A 162 -9.51 25.25 -4.04
N THR A 163 -8.57 25.17 -3.10
CA THR A 163 -7.68 26.28 -2.82
C THR A 163 -7.06 26.90 -4.08
N CYS A 164 -6.50 26.07 -4.96
CA CYS A 164 -5.86 26.56 -6.16
C CYS A 164 -6.83 27.40 -7.02
N VAL A 165 -7.94 26.77 -7.42
CA VAL A 165 -8.93 27.42 -8.25
C VAL A 165 -9.42 28.71 -7.57
N GLU A 166 -9.81 28.60 -6.29
CA GLU A 166 -10.37 29.72 -5.53
C GLU A 166 -9.45 30.93 -5.50
N TRP A 167 -8.18 30.70 -5.14
CA TRP A 167 -7.21 31.78 -5.06
C TRP A 167 -6.86 32.37 -6.42
N LEU A 168 -6.68 31.49 -7.43
CA LEU A 168 -6.44 31.98 -8.79
C LEU A 168 -7.51 33.00 -9.19
N ARG A 169 -8.75 32.76 -8.75
CA ARG A 169 -9.86 33.69 -8.98
C ARG A 169 -9.66 34.98 -8.17
N ARG A 170 -9.31 34.84 -6.89
CA ARG A 170 -9.01 36.01 -6.06
C ARG A 170 -7.87 36.83 -6.69
N TYR A 171 -6.77 36.16 -7.06
CA TYR A 171 -5.62 36.85 -7.68
C TYR A 171 -6.00 37.56 -8.96
N LEU A 172 -6.82 36.90 -9.77
CA LEU A 172 -7.15 37.42 -11.08
C LEU A 172 -7.95 38.71 -10.99
N LYS A 173 -8.76 38.82 -9.94
CA LYS A 173 -9.59 40.02 -9.75
C LYS A 173 -8.70 41.16 -9.33
N ASN A 174 -7.56 40.87 -8.72
CA ASN A 174 -6.67 41.92 -8.29
C ASN A 174 -5.75 42.45 -9.38
N GLY A 175 -5.29 41.55 -10.27
CA GLY A 175 -4.29 41.91 -11.28
C GLY A 175 -4.68 41.75 -12.75
N ASN A 176 -5.97 41.65 -13.03
CA ASN A 176 -6.45 41.35 -14.39
C ASN A 176 -6.11 42.42 -15.45
N ALA A 177 -6.39 43.69 -15.12
CA ALA A 177 -6.01 44.82 -15.98
C ALA A 177 -4.49 44.82 -16.32
N THR A 178 -3.66 44.54 -15.30
CA THR A 178 -2.22 44.46 -15.47
C THR A 178 -1.84 43.29 -16.39
N LEU A 179 -2.25 42.07 -16.06
CA LEU A 179 -1.82 40.88 -16.80
C LEU A 179 -2.19 40.96 -18.27
N LEU A 180 -3.37 41.55 -18.54
CA LEU A 180 -3.88 41.77 -19.90
C LEU A 180 -3.08 42.76 -20.76
N ARG A 181 -2.24 43.60 -20.13
CA ARG A 181 -1.44 44.61 -20.84
C ARG A 181 -0.75 43.99 -22.03
N THR A 182 -0.60 44.82 -23.06
CA THR A 182 -0.08 44.34 -24.31
C THR A 182 0.72 45.45 -24.97
N ASP A 183 1.98 45.13 -25.24
CA ASP A 183 2.89 46.04 -25.93
C ASP A 183 3.21 45.54 -27.37
N SER A 184 2.68 46.22 -28.38
CA SER A 184 3.01 45.92 -29.78
C SER A 184 4.53 46.05 -30.02
N PRO A 185 5.11 45.21 -30.91
CA PRO A 185 6.52 45.39 -31.29
C PRO A 185 6.74 46.56 -32.27
N LYS A 186 7.94 47.14 -32.20
CA LYS A 186 8.40 48.12 -33.15
C LYS A 186 9.54 47.45 -33.92
N ALA A 187 9.48 47.52 -35.23
CA ALA A 187 10.42 46.81 -36.06
C ALA A 187 11.26 47.73 -36.96
N HIS A 188 12.56 47.44 -37.04
CA HIS A 188 13.39 48.08 -38.04
C HIS A 188 14.24 47.03 -38.74
N VAL A 189 14.75 47.36 -39.93
CA VAL A 189 15.69 46.49 -40.60
C VAL A 189 17.07 47.14 -40.61
N THR A 190 18.10 46.34 -40.35
CA THR A 190 19.43 46.85 -40.46
C THR A 190 20.14 46.16 -41.62
N HIS A 191 21.27 46.74 -42.02
CA HIS A 191 22.05 46.30 -43.16
C HIS A 191 23.47 46.12 -42.68
N HIS A 192 24.09 45.01 -43.07
CA HIS A 192 25.48 44.73 -42.69
C HIS A 192 26.23 44.04 -43.84
N SER A 193 27.51 44.38 -44.01
CA SER A 193 28.32 43.80 -45.08
C SER A 193 28.60 42.29 -44.86
N ARG A 194 29.08 41.61 -45.91
CA ARG A 194 29.49 40.21 -45.84
C ARG A 194 30.51 39.94 -46.93
N PRO A 195 31.46 39.03 -46.70
CA PRO A 195 32.48 38.84 -47.75
C PRO A 195 31.88 38.98 -49.16
N GLU A 196 32.44 39.93 -49.92
CA GLU A 196 32.08 40.21 -51.32
C GLU A 196 30.68 40.72 -51.58
N ASP A 197 29.97 40.04 -52.47
CA ASP A 197 28.74 40.54 -53.07
C ASP A 197 27.47 40.12 -52.32
N LYS A 198 27.60 39.84 -51.03
CA LYS A 198 26.47 39.43 -50.20
C LYS A 198 26.27 40.46 -49.10
N VAL A 199 25.05 40.66 -48.65
CA VAL A 199 24.80 41.48 -47.47
C VAL A 199 23.80 40.82 -46.55
N THR A 200 23.86 41.17 -45.28
CA THR A 200 22.98 40.61 -44.24
C THR A 200 21.90 41.64 -43.98
N LEU A 201 20.66 41.21 -44.06
CA LEU A 201 19.60 42.07 -43.61
C LEU A 201 19.10 41.49 -42.29
N ARG A 202 18.93 42.33 -41.28
CA ARG A 202 18.50 41.86 -40.02
C ARG A 202 17.21 42.54 -39.61
N CYS A 203 16.17 41.76 -39.36
CA CYS A 203 14.86 42.28 -39.00
C CYS A 203 14.67 42.24 -37.50
N TRP A 204 14.52 43.42 -36.88
CA TRP A 204 14.48 43.51 -35.43
C TRP A 204 13.08 43.77 -34.98
N ALA A 205 12.72 43.19 -33.83
CA ALA A 205 11.48 43.50 -33.13
C ALA A 205 11.82 43.81 -31.67
N LEU A 206 11.37 44.97 -31.17
CA LEU A 206 11.79 45.44 -29.87
C LEU A 206 10.61 45.97 -29.12
N GLY A 207 10.69 45.89 -27.80
CA GLY A 207 9.80 46.61 -26.92
C GLY A 207 8.43 45.97 -26.87
N PHE A 208 8.39 44.67 -27.10
CA PHE A 208 7.12 43.95 -27.10
C PHE A 208 6.86 43.12 -25.84
N TYR A 209 5.58 43.00 -25.50
CA TYR A 209 5.10 42.12 -24.45
C TYR A 209 3.74 41.55 -24.85
N PRO A 210 3.53 40.24 -24.63
CA PRO A 210 4.41 39.22 -24.07
C PRO A 210 5.46 38.79 -25.06
N ALA A 211 6.18 37.74 -24.70
CA ALA A 211 7.31 37.25 -25.47
C ALA A 211 6.95 36.51 -26.78
N ASP A 212 5.74 35.98 -26.91
CA ASP A 212 5.42 35.33 -28.17
C ASP A 212 5.43 36.28 -29.34
N ILE A 213 6.13 35.86 -30.39
CA ILE A 213 6.30 36.66 -31.59
C ILE A 213 6.82 35.72 -32.67
N THR A 214 6.59 36.08 -33.91
CA THR A 214 7.12 35.36 -35.06
C THR A 214 7.66 36.34 -36.06
N LEU A 215 8.91 36.12 -36.48
CA LEU A 215 9.58 36.91 -37.48
C LEU A 215 9.89 36.04 -38.66
N THR A 216 9.49 36.52 -39.85
CA THR A 216 9.79 35.82 -41.09
C THR A 216 10.22 36.74 -42.23
N TRP A 217 11.10 36.22 -43.08
CA TRP A 217 11.58 36.92 -44.27
C TRP A 217 11.00 36.30 -45.49
N GLN A 218 10.45 37.13 -46.36
CA GLN A 218 9.94 36.59 -47.60
C GLN A 218 10.71 37.15 -48.76
N LEU A 219 10.88 36.31 -49.78
CA LEU A 219 11.45 36.74 -51.04
C LEU A 219 10.43 36.63 -52.15
N ASN A 220 10.15 37.78 -52.76
CA ASN A 220 9.23 37.93 -53.90
C ASN A 220 7.87 37.20 -53.77
N GLY A 221 7.59 36.59 -52.63
CA GLY A 221 6.39 35.77 -52.51
C GLY A 221 6.47 34.76 -51.38
N GLU A 222 7.05 33.59 -51.66
CA GLU A 222 7.26 32.52 -50.67
C GLU A 222 8.24 32.91 -49.52
N GLU A 223 8.13 32.19 -48.39
CA GLU A 223 8.94 32.48 -47.17
C GLU A 223 10.35 31.88 -47.17
N LEU A 224 11.23 32.44 -46.35
CA LEU A 224 12.61 31.96 -46.27
C LEU A 224 12.93 31.14 -45.01
N ILE A 225 12.92 29.81 -45.18
CA ILE A 225 13.13 28.87 -44.07
C ILE A 225 14.60 28.40 -43.99
N GLN A 226 15.01 27.57 -44.96
CA GLN A 226 16.32 26.89 -44.99
C GLN A 226 17.52 27.77 -44.51
N ASP A 227 17.62 29.01 -45.02
CA ASP A 227 18.80 29.83 -44.78
C ASP A 227 18.70 30.90 -43.67
N MET A 228 17.49 31.38 -43.40
CA MET A 228 17.21 32.35 -42.35
C MET A 228 17.87 32.03 -40.99
N GLU A 229 18.32 33.06 -40.30
CA GLU A 229 18.90 32.92 -38.99
C GLU A 229 18.17 33.80 -37.97
N LEU A 230 17.89 33.25 -36.80
CA LEU A 230 17.21 34.05 -35.76
C LEU A 230 17.73 33.72 -34.38
N VAL A 231 17.41 34.54 -33.41
CA VAL A 231 17.83 34.26 -32.07
C VAL A 231 16.62 34.00 -31.18
N GLU A 232 16.82 33.28 -30.08
CA GLU A 232 15.80 33.16 -29.04
C GLU A 232 15.37 34.52 -28.56
N THR A 233 14.05 34.74 -28.49
CA THR A 233 13.48 35.92 -27.87
C THR A 233 14.19 36.14 -26.55
N ARG A 234 14.45 37.39 -26.22
CA ARG A 234 15.22 37.69 -25.03
C ARG A 234 14.65 38.92 -24.32
N PRO A 235 14.73 38.97 -22.97
CA PRO A 235 14.24 40.12 -22.24
C PRO A 235 15.13 41.37 -22.41
N ALA A 236 14.52 42.52 -22.69
CA ALA A 236 15.23 43.77 -22.66
C ALA A 236 15.66 44.07 -21.24
N GLY A 237 14.93 43.49 -20.28
CA GLY A 237 15.20 43.65 -18.87
C GLY A 237 14.40 44.76 -18.23
N ASP A 238 13.44 45.30 -18.98
CA ASP A 238 12.53 46.32 -18.47
C ASP A 238 11.09 45.84 -18.55
N GLY A 239 10.92 44.53 -18.62
CA GLY A 239 9.61 43.98 -18.80
C GLY A 239 9.32 43.67 -20.25
N THR A 240 9.96 44.36 -21.21
CA THR A 240 9.72 44.02 -22.62
C THR A 240 10.64 42.90 -23.14
N PHE A 241 10.40 42.43 -24.36
CA PHE A 241 11.28 41.45 -24.97
C PHE A 241 11.74 41.90 -26.32
N GLN A 242 12.71 41.18 -26.87
CA GLN A 242 13.27 41.55 -28.17
C GLN A 242 13.72 40.31 -28.95
N LYS A 243 13.77 40.46 -30.27
CA LYS A 243 14.09 39.36 -31.16
C LYS A 243 14.47 39.88 -32.52
N TRP A 244 15.25 39.08 -33.25
CA TRP A 244 15.60 39.40 -34.62
C TRP A 244 15.81 38.16 -35.48
N ALA A 245 15.68 38.35 -36.78
CA ALA A 245 15.88 37.30 -37.76
C ALA A 245 16.53 37.94 -38.98
N SER A 246 17.48 37.25 -39.58
CA SER A 246 18.30 37.85 -40.60
C SER A 246 18.53 36.84 -41.65
N VAL A 247 19.00 37.32 -42.79
CA VAL A 247 19.04 36.54 -44.02
C VAL A 247 20.12 37.18 -44.89
N VAL A 248 20.84 36.36 -45.64
CA VAL A 248 21.92 36.84 -46.47
C VAL A 248 21.44 36.95 -47.90
N VAL A 249 21.36 38.19 -48.36
CA VAL A 249 20.84 38.54 -49.70
C VAL A 249 21.95 39.05 -50.66
N PRO A 250 21.74 38.90 -51.99
CA PRO A 250 22.65 39.47 -52.95
C PRO A 250 22.75 41.00 -52.85
N LEU A 251 23.97 41.52 -52.88
CA LEU A 251 24.22 42.97 -52.90
C LEU A 251 23.51 43.62 -54.09
N GLY A 252 22.72 44.64 -53.81
CA GLY A 252 21.91 45.33 -54.82
C GLY A 252 20.46 44.85 -54.90
N LYS A 253 20.16 43.77 -54.19
CA LYS A 253 18.85 43.14 -54.27
C LYS A 253 18.05 43.29 -52.97
N GLU A 254 18.61 43.99 -51.98
CA GLU A 254 18.01 44.14 -50.65
C GLU A 254 16.51 44.47 -50.74
N GLN A 255 16.22 45.46 -51.55
CA GLN A 255 14.86 45.93 -51.74
C GLN A 255 13.84 44.84 -52.19
N TYR A 256 14.33 43.66 -52.57
CA TYR A 256 13.50 42.54 -53.02
C TYR A 256 13.06 41.63 -51.87
N TYR A 257 13.44 41.97 -50.64
CA TYR A 257 13.10 41.11 -49.47
C TYR A 257 12.17 41.75 -48.45
N THR A 258 11.20 40.99 -47.98
CA THR A 258 10.24 41.54 -47.01
C THR A 258 10.23 40.78 -45.68
N CYS A 259 10.33 41.57 -44.62
CA CYS A 259 10.23 41.04 -43.27
C CYS A 259 8.81 41.19 -42.74
N HIS A 260 8.29 40.12 -42.17
CA HIS A 260 6.95 40.14 -41.56
C HIS A 260 6.99 39.90 -40.04
N VAL A 261 6.38 40.79 -39.26
CA VAL A 261 6.39 40.65 -37.82
C VAL A 261 4.99 40.34 -37.30
N TYR A 262 4.85 39.19 -36.63
CA TYR A 262 3.55 38.71 -36.18
C TYR A 262 3.48 38.67 -34.67
N HIS A 263 2.62 39.51 -34.09
CA HIS A 263 2.51 39.61 -32.63
C HIS A 263 1.09 39.94 -32.28
N GLN A 264 0.67 39.53 -31.09
CA GLN A 264 -0.73 39.66 -30.68
C GLN A 264 -1.22 41.08 -30.40
N GLY A 265 -0.30 42.02 -30.16
CA GLY A 265 -0.69 43.39 -29.85
C GLY A 265 -0.85 44.22 -31.10
N LEU A 266 -0.63 43.59 -32.26
CA LEU A 266 -0.67 44.30 -33.52
C LEU A 266 -2.04 44.24 -34.20
N PRO A 267 -2.64 45.42 -34.50
CA PRO A 267 -3.84 45.41 -35.33
C PRO A 267 -3.69 44.47 -36.53
N GLU A 268 -2.49 44.39 -37.10
CA GLU A 268 -2.19 43.43 -38.17
C GLU A 268 -0.68 43.27 -38.34
N PRO A 269 -0.24 42.16 -38.99
CA PRO A 269 1.21 41.94 -39.05
C PRO A 269 1.94 43.15 -39.63
N LEU A 270 3.16 43.40 -39.16
CA LEU A 270 4.00 44.46 -39.68
C LEU A 270 4.74 43.95 -40.89
N THR A 271 4.77 44.78 -41.94
CA THR A 271 5.55 44.55 -43.15
C THR A 271 6.57 45.68 -43.31
N LEU A 272 7.84 45.31 -43.43
CA LEU A 272 8.89 46.30 -43.68
C LEU A 272 10.03 45.76 -44.53
N ARG A 273 10.70 46.69 -45.22
CA ARG A 273 11.88 46.40 -46.00
C ARG A 273 13.08 47.18 -45.42
N TRP A 274 14.27 46.92 -45.98
CA TRP A 274 15.43 47.76 -45.71
C TRP A 274 15.24 49.15 -46.34
N GLU A 275 15.48 50.18 -45.55
CA GLU A 275 15.40 51.59 -46.03
C GLU A 275 16.71 52.37 -46.04
N PRO A 276 17.43 52.40 -47.18
CA PRO A 276 18.62 53.24 -47.19
C PRO A 276 18.22 54.72 -47.18
N PRO A 277 18.62 55.46 -46.12
CA PRO A 277 18.53 56.97 -46.18
C PRO A 277 19.33 57.58 -47.35
N GLY B 1 7.67 -33.59 21.95
CA GLY B 1 7.48 -32.13 22.21
C GLY B 1 7.63 -31.29 20.94
N PRO B 2 7.71 -29.94 21.09
CA PRO B 2 7.88 -29.08 19.92
C PRO B 2 9.30 -29.15 19.31
N HIS B 3 9.46 -28.67 18.08
CA HIS B 3 10.77 -28.59 17.44
C HIS B 3 10.84 -27.27 16.71
N SER B 4 12.03 -26.91 16.27
CA SER B 4 12.24 -25.67 15.54
C SER B 4 13.31 -25.85 14.46
N LEU B 5 13.09 -25.21 13.31
CA LEU B 5 14.12 -25.03 12.30
C LEU B 5 14.36 -23.54 12.17
N ARG B 6 15.56 -23.09 12.54
CA ARG B 6 15.90 -21.67 12.60
CA ARG B 6 15.87 -21.66 12.54
C ARG B 6 17.13 -21.40 11.72
N TYR B 7 17.18 -20.23 11.08
CA TYR B 7 18.40 -19.86 10.31
C TYR B 7 19.04 -18.57 10.86
N PHE B 8 20.35 -18.61 11.12
CA PHE B 8 21.01 -17.45 11.70
C PHE B 8 21.86 -16.81 10.62
N VAL B 9 21.51 -15.59 10.29
CA VAL B 9 22.17 -14.96 9.16
C VAL B 9 23.02 -13.76 9.60
N THR B 10 24.23 -13.72 9.04
CA THR B 10 25.16 -12.62 9.31
C THR B 10 25.69 -12.07 8.01
N ALA B 11 25.68 -10.73 7.91
CA ALA B 11 26.39 -9.99 6.84
C ALA B 11 27.18 -8.87 7.47
N VAL B 12 28.50 -8.91 7.30
CA VAL B 12 29.43 -7.95 7.93
C VAL B 12 30.29 -7.25 6.86
N SER B 13 30.03 -5.96 6.65
CA SER B 13 30.84 -5.19 5.72
C SER B 13 32.23 -4.97 6.34
N ARG B 14 33.20 -4.62 5.49
CA ARG B 14 34.57 -4.33 5.92
C ARG B 14 35.32 -3.58 4.83
N PRO B 15 35.00 -2.26 4.68
CA PRO B 15 35.44 -1.45 3.56
C PRO B 15 36.94 -1.53 3.35
N GLY B 16 37.35 -1.36 2.10
CA GLY B 16 38.76 -1.43 1.71
C GLY B 16 39.52 -2.68 2.15
N LEU B 17 38.81 -3.73 2.57
CA LEU B 17 39.45 -4.98 2.96
C LEU B 17 38.86 -6.18 2.22
N GLY B 18 37.76 -5.97 1.53
CA GLY B 18 37.16 -7.01 0.74
C GLY B 18 35.65 -7.00 0.78
N GLU B 19 35.03 -7.98 0.13
CA GLU B 19 33.58 -8.09 0.12
C GLU B 19 33.10 -8.38 1.54
N PRO B 20 31.85 -8.00 1.86
CA PRO B 20 31.29 -8.40 3.15
C PRO B 20 31.35 -9.89 3.35
N ARG B 21 31.39 -10.32 4.60
CA ARG B 21 31.44 -11.72 4.91
C ARG B 21 30.02 -12.16 5.26
N TYR B 22 29.56 -13.26 4.65
CA TYR B 22 28.18 -13.69 4.82
C TYR B 22 28.17 -15.11 5.34
N MET B 23 27.26 -15.38 6.28
CA MET B 23 27.07 -16.72 6.77
C MET B 23 25.63 -17.06 6.95
N GLU B 24 25.30 -18.31 6.64
CA GLU B 24 23.98 -18.84 6.96
C GLU B 24 24.24 -20.01 7.82
N VAL B 25 23.66 -20.00 9.01
CA VAL B 25 23.89 -21.08 9.94
C VAL B 25 22.57 -21.70 10.32
N GLY B 26 22.40 -22.97 10.00
CA GLY B 26 21.13 -23.63 10.26
C GLY B 26 21.07 -24.35 11.58
N TYR B 27 19.91 -24.25 12.23
CA TYR B 27 19.67 -24.92 13.53
C TYR B 27 18.36 -25.70 13.59
N VAL B 28 18.46 -27.00 13.84
CA VAL B 28 17.28 -27.78 14.23
C VAL B 28 17.41 -27.95 15.74
N ASP B 29 16.50 -27.28 16.45
CA ASP B 29 16.41 -27.32 17.91
C ASP B 29 17.69 -26.95 18.62
N ASP B 30 18.30 -25.82 18.25
CA ASP B 30 19.58 -25.41 18.86
C ASP B 30 20.83 -26.19 18.47
N THR B 31 20.70 -27.33 17.82
CA THR B 31 21.85 -27.96 17.24
C THR B 31 22.10 -27.31 15.87
N GLU B 32 23.28 -26.74 15.67
CA GLU B 32 23.68 -26.34 14.33
C GLU B 32 23.71 -27.61 13.45
N PHE B 33 23.16 -27.56 12.24
CA PHE B 33 23.25 -28.72 11.35
C PHE B 33 23.77 -28.40 9.97
N VAL B 34 23.64 -27.14 9.55
CA VAL B 34 24.23 -26.69 8.28
C VAL B 34 24.89 -25.33 8.46
N ARG B 35 25.91 -25.05 7.65
CA ARG B 35 26.58 -23.76 7.67
C ARG B 35 27.01 -23.42 6.26
N PHE B 36 26.91 -22.14 5.94
CA PHE B 36 27.51 -21.57 4.73
C PHE B 36 28.37 -20.37 5.13
N ASP B 37 29.59 -20.30 4.60
CA ASP B 37 30.55 -19.21 4.90
C ASP B 37 31.16 -18.65 3.64
N SER B 38 30.99 -17.35 3.43
CA SER B 38 31.40 -16.76 2.16
C SER B 38 32.90 -16.62 2.01
N ASP B 39 33.64 -16.70 3.09
CA ASP B 39 35.09 -16.69 2.96
C ASP B 39 35.67 -17.95 2.28
N ALA B 40 35.64 -17.93 0.95
CA ALA B 40 36.26 -18.93 0.05
C ALA B 40 36.03 -18.51 -1.44
N GLU B 41 36.99 -18.83 -2.31
CA GLU B 41 36.86 -18.61 -3.76
C GLU B 41 35.65 -19.37 -4.35
N ASN B 42 35.41 -20.58 -3.82
CA ASN B 42 34.25 -21.40 -4.19
C ASN B 42 33.50 -21.88 -2.91
N PRO B 43 32.75 -20.97 -2.25
CA PRO B 43 32.10 -21.26 -0.97
C PRO B 43 31.01 -22.30 -1.19
N ARG B 44 30.72 -23.12 -0.18
CA ARG B 44 29.68 -24.17 -0.31
C ARG B 44 28.90 -24.41 0.98
N TYR B 45 27.62 -24.80 0.87
CA TYR B 45 26.84 -25.21 2.05
C TYR B 45 27.46 -26.48 2.56
N GLU B 46 27.59 -26.58 3.87
CA GLU B 46 28.20 -27.75 4.47
C GLU B 46 27.36 -28.41 5.55
N PRO B 47 27.42 -29.76 5.63
CA PRO B 47 26.76 -30.44 6.75
C PRO B 47 27.51 -30.15 8.05
N ARG B 48 26.83 -30.12 9.18
CA ARG B 48 27.47 -29.82 10.48
C ARG B 48 27.05 -30.81 11.53
N ALA B 49 26.29 -31.79 11.08
CA ALA B 49 25.95 -32.97 11.85
C ALA B 49 26.09 -34.16 10.92
N ARG B 50 26.55 -35.30 11.42
CA ARG B 50 26.82 -36.46 10.57
C ARG B 50 25.59 -36.93 9.77
N TRP B 51 24.43 -36.94 10.42
CA TRP B 51 23.19 -37.32 9.76
C TRP B 51 22.79 -36.47 8.53
N MET B 52 23.27 -35.24 8.44
CA MET B 52 22.96 -34.45 7.26
C MET B 52 23.66 -34.97 6.00
N GLU B 53 24.73 -35.75 6.17
CA GLU B 53 25.47 -36.28 5.03
C GLU B 53 24.62 -37.13 4.12
N GLN B 54 23.46 -37.54 4.63
CA GLN B 54 22.51 -38.37 3.87
C GLN B 54 21.87 -37.68 2.68
N GLU B 55 21.87 -36.34 2.69
CA GLU B 55 21.35 -35.51 1.58
C GLU B 55 22.29 -35.54 0.39
N GLY B 56 21.71 -35.54 -0.80
CA GLY B 56 22.44 -35.84 -2.04
C GLY B 56 23.16 -34.67 -2.65
N PRO B 57 23.93 -34.91 -3.72
CA PRO B 57 24.72 -33.85 -4.32
C PRO B 57 23.84 -32.67 -4.73
N GLU B 58 22.61 -32.98 -5.14
CA GLU B 58 21.64 -31.97 -5.57
C GLU B 58 21.24 -31.03 -4.44
N TYR B 59 21.08 -31.58 -3.24
CA TYR B 59 20.63 -30.80 -2.12
C TYR B 59 21.60 -29.67 -1.82
N TRP B 60 22.89 -30.00 -1.79
CA TRP B 60 23.93 -29.03 -1.49
C TRP B 60 24.04 -28.07 -2.65
N GLU B 61 24.05 -28.62 -3.87
CA GLU B 61 24.09 -27.75 -5.03
C GLU B 61 23.00 -26.70 -4.90
N ARG B 62 21.76 -27.15 -4.62
CA ARG B 62 20.61 -26.24 -4.55
C ARG B 62 20.75 -25.17 -3.46
N GLU B 63 21.16 -25.59 -2.27
CA GLU B 63 21.29 -24.68 -1.10
C GLU B 63 22.41 -23.68 -1.23
N THR B 64 23.55 -24.13 -1.78
CA THR B 64 24.72 -23.30 -2.06
C THR B 64 24.40 -22.11 -2.92
N GLN B 65 23.77 -22.36 -4.08
CA GLN B 65 23.35 -21.28 -4.96
C GLN B 65 22.39 -20.32 -4.24
N LYS B 66 21.44 -20.87 -3.50
CA LYS B 66 20.43 -20.06 -2.83
C LYS B 66 21.07 -19.14 -1.81
N ALA B 67 22.14 -19.61 -1.18
CA ALA B 67 22.88 -18.82 -0.19
C ALA B 67 23.70 -17.76 -0.89
N LYS B 68 24.41 -18.19 -1.92
CA LYS B 68 25.11 -17.26 -2.78
C LYS B 68 24.14 -16.14 -3.14
N GLY B 69 22.94 -16.51 -3.59
CA GLY B 69 21.91 -15.55 -3.91
C GLY B 69 21.69 -14.59 -2.77
N ASN B 70 21.34 -15.16 -1.63
CA ASN B 70 21.07 -14.39 -0.44
C ASN B 70 22.19 -13.43 -0.08
N GLU B 71 23.43 -13.94 -0.16
CA GLU B 71 24.60 -13.11 0.13
C GLU B 71 24.64 -11.81 -0.68
N GLN B 72 24.40 -11.96 -1.97
CA GLN B 72 24.43 -10.81 -2.85
C GLN B 72 23.29 -9.87 -2.49
N SER B 73 22.15 -10.44 -2.10
CA SER B 73 21.05 -9.64 -1.66
C SER B 73 21.46 -8.76 -0.46
N PHE B 74 22.10 -9.37 0.54
CA PHE B 74 22.64 -8.63 1.70
C PHE B 74 23.79 -7.66 1.36
N ARG B 75 24.55 -7.93 0.30
CA ARG B 75 25.58 -6.97 -0.11
C ARG B 75 24.95 -5.61 -0.44
N VAL B 76 23.87 -5.65 -1.20
CA VAL B 76 23.10 -4.46 -1.54
C VAL B 76 22.50 -3.87 -0.27
N ASP B 77 22.10 -4.75 0.64
CA ASP B 77 21.35 -4.35 1.83
C ASP B 77 22.22 -3.53 2.75
N LEU B 78 23.49 -3.91 2.83
CA LEU B 78 24.45 -3.12 3.63
C LEU B 78 24.61 -1.73 3.03
N ARG B 79 24.73 -1.67 1.70
CA ARG B 79 24.88 -0.39 1.00
C ARG B 79 23.65 0.47 1.20
N THR B 80 22.49 -0.18 1.22
CA THR B 80 21.23 0.49 1.42
C THR B 80 21.12 1.11 2.80
N LEU B 81 21.53 0.37 3.84
CA LEU B 81 21.36 0.87 5.19
C LEU B 81 22.21 2.11 5.46
N LEU B 82 23.39 2.16 4.84
CA LEU B 82 24.21 3.39 4.91
C LEU B 82 23.43 4.58 4.41
N GLY B 83 22.65 4.35 3.35
CA GLY B 83 21.79 5.35 2.75
C GLY B 83 20.70 5.79 3.70
N TYR B 84 20.05 4.84 4.36
CA TYR B 84 18.96 5.11 5.31
C TYR B 84 19.43 5.86 6.54
N TYR B 85 20.61 5.50 7.01
CA TYR B 85 21.08 6.02 8.28
C TYR B 85 22.04 7.17 8.08
N ASN B 86 22.32 7.46 6.81
CA ASN B 86 23.21 8.57 6.45
C ASN B 86 24.64 8.43 7.00
N GLN B 87 25.11 7.19 7.06
CA GLN B 87 26.43 6.86 7.62
C GLN B 87 27.53 6.86 6.58
N SER B 88 28.75 7.26 6.99
CA SER B 88 29.90 7.36 6.06
C SER B 88 30.29 6.01 5.46
N LYS B 89 30.95 6.01 4.30
CA LYS B 89 31.22 4.76 3.57
C LYS B 89 32.18 3.76 4.23
N GLY B 90 33.05 4.24 5.14
CA GLY B 90 34.18 3.45 5.64
C GLY B 90 33.99 2.59 6.89
N GLY B 91 32.82 2.71 7.50
CA GLY B 91 32.53 1.94 8.71
C GLY B 91 32.12 0.51 8.37
N SER B 92 32.49 -0.41 9.24
CA SER B 92 32.03 -1.79 9.15
C SER B 92 30.67 -1.87 9.84
N HIS B 93 29.70 -2.54 9.22
CA HIS B 93 28.37 -2.64 9.82
C HIS B 93 27.86 -4.05 9.70
N THR B 94 26.88 -4.38 10.52
CA THR B 94 26.43 -5.76 10.60
C THR B 94 24.93 -5.94 10.50
N ILE B 95 24.49 -6.70 9.50
CA ILE B 95 23.10 -7.15 9.46
C ILE B 95 23.00 -8.57 9.99
N GLN B 96 22.03 -8.81 10.87
CA GLN B 96 21.76 -10.15 11.41
C GLN B 96 20.31 -10.52 11.21
N VAL B 97 20.05 -11.78 10.95
CA VAL B 97 18.68 -12.26 10.79
C VAL B 97 18.43 -13.64 11.46
N ILE B 98 17.25 -13.76 12.09
CA ILE B 98 16.82 -15.02 12.67
C ILE B 98 15.54 -15.39 11.95
N SER B 99 15.58 -16.48 11.22
CA SER B 99 14.49 -16.85 10.33
C SER B 99 14.14 -18.35 10.49
N GLY B 100 12.86 -18.65 10.68
CA GLY B 100 12.45 -20.04 10.80
C GLY B 100 11.17 -20.25 11.58
N CYS B 101 10.82 -21.52 11.77
CA CYS B 101 9.53 -21.89 12.35
C CYS B 101 9.69 -22.75 13.59
N GLU B 102 8.70 -22.69 14.48
CA GLU B 102 8.56 -23.65 15.60
C GLU B 102 7.27 -24.42 15.40
N VAL B 103 7.38 -25.75 15.28
CA VAL B 103 6.20 -26.59 15.07
C VAL B 103 5.95 -27.52 16.24
N GLY B 104 4.69 -27.61 16.66
CA GLY B 104 4.24 -28.57 17.68
C GLY B 104 4.35 -30.02 17.25
N SER B 105 4.01 -30.94 18.14
CA SER B 105 4.14 -32.37 17.86
C SER B 105 3.01 -32.87 16.96
N ASP B 106 1.99 -32.02 16.80
CA ASP B 106 0.85 -32.28 15.92
C ASP B 106 1.22 -31.85 14.49
N GLY B 107 2.26 -31.02 14.39
CA GLY B 107 2.76 -30.60 13.10
C GLY B 107 2.29 -29.23 12.67
N ARG B 108 1.53 -28.55 13.52
CA ARG B 108 1.12 -27.19 13.19
CA ARG B 108 1.09 -27.18 13.26
C ARG B 108 2.18 -26.19 13.63
N LEU B 109 2.12 -25.01 13.06
CA LEU B 109 3.06 -23.95 13.35
C LEU B 109 2.64 -23.25 14.62
N LEU B 110 3.52 -23.20 15.62
CA LEU B 110 3.26 -22.54 16.89
C LEU B 110 3.59 -21.06 16.78
N ARG B 111 4.78 -20.75 16.25
CA ARG B 111 5.14 -19.38 15.96
C ARG B 111 6.16 -19.38 14.89
N GLY B 112 6.26 -18.23 14.21
CA GLY B 112 7.23 -18.04 13.13
C GLY B 112 8.19 -16.93 13.49
N TYR B 113 9.43 -17.04 13.04
CA TYR B 113 10.40 -15.98 13.29
C TYR B 113 10.95 -15.38 11.98
N GLN B 114 10.87 -14.05 11.94
CA GLN B 114 11.70 -13.29 11.04
C GLN B 114 12.10 -12.01 11.80
N GLN B 115 13.32 -12.00 12.34
CA GLN B 115 13.84 -10.88 13.12
C GLN B 115 15.08 -10.41 12.42
N TYR B 116 15.07 -9.14 12.07
CA TYR B 116 16.21 -8.44 11.49
C TYR B 116 16.81 -7.53 12.53
N ALA B 117 18.14 -7.45 12.52
CA ALA B 117 18.84 -6.51 13.36
C ALA B 117 19.94 -5.76 12.59
N TYR B 118 20.11 -4.49 12.90
CA TYR B 118 21.20 -3.73 12.35
C TYR B 118 22.17 -3.28 13.42
N ASP B 119 23.44 -3.63 13.29
CA ASP B 119 24.46 -3.29 14.30
C ASP B 119 24.04 -3.68 15.74
N GLY B 120 23.51 -4.89 15.92
CA GLY B 120 23.12 -5.40 17.26
C GLY B 120 21.89 -4.76 17.88
N CYS B 121 21.11 -4.08 17.05
CA CYS B 121 19.86 -3.47 17.45
C CYS B 121 18.68 -3.94 16.57
N ASP B 122 17.51 -4.15 17.18
CA ASP B 122 16.31 -4.62 16.43
C ASP B 122 16.00 -3.68 15.26
N TYR B 123 15.76 -4.25 14.08
CA TYR B 123 15.49 -3.42 12.92
C TYR B 123 14.06 -3.54 12.50
N ILE B 124 13.65 -4.76 12.15
CA ILE B 124 12.28 -5.03 11.84
C ILE B 124 12.04 -6.48 12.22
N ALA B 125 10.79 -6.83 12.51
CA ALA B 125 10.39 -8.23 12.69
C ALA B 125 8.93 -8.45 12.32
N LEU B 126 8.63 -9.68 11.93
CA LEU B 126 7.26 -10.09 11.65
C LEU B 126 6.53 -10.39 12.96
N ASN B 127 5.32 -9.87 13.07
CA ASN B 127 4.48 -10.06 14.26
C ASN B 127 3.96 -11.50 14.39
N GLU B 128 3.42 -11.82 15.57
CA GLU B 128 2.92 -13.18 15.86
C GLU B 128 1.81 -13.52 14.89
N ASP B 129 1.06 -12.50 14.48
CA ASP B 129 -0.05 -12.64 13.52
C ASP B 129 0.41 -13.03 12.11
N LEU B 130 1.72 -13.10 11.91
CA LEU B 130 2.31 -13.54 10.62
C LEU B 130 1.85 -12.71 9.40
N LYS B 131 1.35 -11.49 9.66
CA LYS B 131 0.76 -10.65 8.61
C LYS B 131 1.25 -9.20 8.58
N THR B 132 1.74 -8.69 9.71
CA THR B 132 2.26 -7.30 9.82
C THR B 132 3.69 -7.19 10.41
N TRP B 133 4.27 -6.00 10.36
CA TRP B 133 5.65 -5.77 10.76
C TRP B 133 5.78 -4.83 11.93
N THR B 134 6.80 -5.07 12.77
CA THR B 134 7.21 -4.12 13.80
C THR B 134 8.60 -3.57 13.43
N ALA B 135 8.66 -2.25 13.24
CA ALA B 135 9.89 -1.54 12.90
C ALA B 135 10.40 -0.73 14.07
N ALA B 136 11.70 -0.84 14.35
CA ALA B 136 12.25 -0.24 15.56
C ALA B 136 12.61 1.25 15.43
N ASP B 137 12.50 1.82 14.22
CA ASP B 137 12.91 3.22 13.98
C ASP B 137 12.53 3.75 12.60
N MET B 138 12.79 5.05 12.39
CA MET B 138 12.51 5.72 11.13
C MET B 138 13.11 4.97 9.92
N ALA B 139 14.32 4.46 10.06
CA ALA B 139 14.93 3.76 8.94
C ALA B 139 14.16 2.50 8.55
N ALA B 140 13.86 1.63 9.51
CA ALA B 140 13.09 0.41 9.26
C ALA B 140 11.69 0.67 8.69
N LEU B 141 11.15 1.87 8.98
CA LEU B 141 9.85 2.28 8.43
C LEU B 141 9.87 2.30 6.92
N ILE B 142 11.02 2.64 6.35
CA ILE B 142 11.23 2.58 4.90
C ILE B 142 11.25 1.13 4.41
N THR B 143 11.82 0.21 5.19
CA THR B 143 11.74 -1.21 4.84
C THR B 143 10.32 -1.75 5.05
N LYS B 144 9.61 -1.25 6.07
CA LYS B 144 8.21 -1.65 6.27
C LYS B 144 7.41 -1.33 5.02
N HIS B 145 7.38 -0.04 4.65
CA HIS B 145 6.73 0.47 3.43
C HIS B 145 6.98 -0.41 2.17
N LYS B 146 8.23 -0.63 1.78
CA LYS B 146 8.56 -1.54 0.65
C LYS B 146 8.01 -2.98 0.75
N TRP B 147 8.06 -3.57 1.95
CA TRP B 147 7.53 -4.93 2.19
C TRP B 147 5.99 -4.95 2.24
N GLU B 148 5.38 -3.82 2.59
CA GLU B 148 3.93 -3.70 2.55
C GLU B 148 3.51 -3.73 1.08
N GLN B 149 4.25 -2.98 0.26
CA GLN B 149 3.92 -2.80 -1.17
C GLN B 149 4.38 -3.94 -2.10
N ALA B 150 5.09 -4.91 -1.54
CA ALA B 150 5.42 -6.12 -2.30
C ALA B 150 4.79 -7.39 -1.67
N GLY B 151 3.86 -7.18 -0.74
CA GLY B 151 3.25 -8.25 0.04
C GLY B 151 4.29 -9.27 0.43
N GLU B 152 5.33 -8.82 1.14
CA GLU B 152 6.42 -9.70 1.55
C GLU B 152 5.97 -10.62 2.65
N ALA B 153 5.10 -10.09 3.54
CA ALA B 153 4.59 -10.85 4.67
C ALA B 153 3.94 -12.14 4.19
N GLU B 154 3.15 -12.03 3.12
CA GLU B 154 2.47 -13.19 2.55
C GLU B 154 3.49 -14.22 2.01
N ARG B 155 4.45 -13.77 1.21
CA ARG B 155 5.50 -14.67 0.67
C ARG B 155 6.29 -15.37 1.77
N LEU B 156 6.57 -14.64 2.84
CA LEU B 156 7.20 -15.19 4.02
C LEU B 156 6.28 -16.18 4.73
N ARG B 157 5.01 -15.78 4.90
CA ARG B 157 3.99 -16.62 5.54
C ARG B 157 3.99 -18.00 4.89
N ALA B 158 4.02 -18.00 3.56
CA ALA B 158 4.05 -19.22 2.75
C ALA B 158 5.27 -20.10 3.07
N TYR B 159 6.43 -19.46 3.19
CA TYR B 159 7.66 -20.17 3.48
C TYR B 159 7.51 -20.79 4.85
N LEU B 160 7.11 -19.97 5.82
CA LEU B 160 6.97 -20.42 7.21
C LEU B 160 6.06 -21.65 7.28
N GLU B 161 4.88 -21.50 6.67
CA GLU B 161 3.83 -22.50 6.73
C GLU B 161 4.09 -23.70 5.84
N GLY B 162 4.91 -23.51 4.80
CA GLY B 162 5.16 -24.58 3.82
C GLY B 162 6.55 -25.16 3.88
N THR B 163 7.46 -24.57 3.13
CA THR B 163 8.85 -24.99 3.09
C THR B 163 9.46 -25.22 4.47
N CYS B 164 9.34 -24.25 5.35
CA CYS B 164 9.97 -24.36 6.65
C CYS B 164 9.49 -25.62 7.36
N VAL B 165 8.17 -25.70 7.54
CA VAL B 165 7.55 -26.82 8.21
C VAL B 165 7.91 -28.15 7.54
N GLU B 166 7.77 -28.21 6.22
CA GLU B 166 8.02 -29.42 5.46
C GLU B 166 9.45 -29.95 5.61
N TRP B 167 10.43 -29.07 5.44
CA TRP B 167 11.82 -29.48 5.61
C TRP B 167 12.17 -29.87 7.05
N LEU B 168 11.67 -29.11 8.02
CA LEU B 168 11.92 -29.42 9.42
C LEU B 168 11.56 -30.86 9.67
N ARG B 169 10.49 -31.31 9.00
CA ARG B 169 10.01 -32.69 9.10
C ARG B 169 11.00 -33.63 8.42
N ARG B 170 11.43 -33.27 7.20
CA ARG B 170 12.41 -34.08 6.50
C ARG B 170 13.67 -34.18 7.35
N TYR B 171 14.17 -33.03 7.86
CA TYR B 171 15.41 -33.04 8.65
C TYR B 171 15.28 -33.91 9.90
N LEU B 172 14.12 -33.83 10.56
CA LEU B 172 13.87 -34.53 11.81
C LEU B 172 13.91 -36.02 11.64
N LYS B 173 13.49 -36.48 10.47
CA LYS B 173 13.45 -37.91 10.20
C LYS B 173 14.87 -38.42 9.97
N ASN B 174 15.76 -37.52 9.58
CA ASN B 174 17.13 -37.92 9.35
C ASN B 174 18.00 -37.93 10.61
N GLY B 175 17.76 -36.97 11.50
CA GLY B 175 18.61 -36.80 12.67
C GLY B 175 18.00 -36.90 14.05
N ASN B 176 16.81 -37.49 14.12
CA ASN B 176 16.04 -37.57 15.37
C ASN B 176 16.74 -38.33 16.53
N ALA B 177 17.18 -39.57 16.24
CA ALA B 177 17.99 -40.37 17.15
C ALA B 177 19.20 -39.58 17.70
N THR B 178 19.88 -38.84 16.83
CA THR B 178 21.04 -38.06 17.24
C THR B 178 20.59 -36.92 18.16
N LEU B 179 19.66 -36.09 17.70
CA LEU B 179 19.26 -34.89 18.45
C LEU B 179 18.75 -35.24 19.85
N LEU B 180 18.07 -36.39 19.96
CA LEU B 180 17.54 -36.90 21.24
C LEU B 180 18.59 -37.33 22.25
N ARG B 181 19.83 -37.49 21.80
CA ARG B 181 20.92 -37.98 22.66
C ARG B 181 20.99 -37.16 23.94
N THR B 182 21.37 -37.82 25.01
CA THR B 182 21.34 -37.23 26.31
C THR B 182 22.49 -37.77 27.16
N ASP B 183 23.35 -36.86 27.58
CA ASP B 183 24.49 -37.15 28.45
C ASP B 183 24.28 -36.67 29.91
N SER B 184 24.12 -37.60 30.85
CA SER B 184 23.99 -37.22 32.26
C SER B 184 25.26 -36.51 32.73
N PRO B 185 25.14 -35.53 33.67
CA PRO B 185 26.33 -34.96 34.25
C PRO B 185 26.99 -35.90 35.29
N LYS B 186 28.31 -35.70 35.46
CA LYS B 186 29.10 -36.33 36.52
C LYS B 186 29.58 -35.23 37.44
N ALA B 187 29.37 -35.41 38.75
CA ALA B 187 29.59 -34.32 39.68
C ALA B 187 30.63 -34.66 40.68
N HIS B 188 31.53 -33.72 40.97
CA HIS B 188 32.41 -33.87 42.15
C HIS B 188 32.50 -32.55 42.91
N VAL B 189 32.86 -32.63 44.19
CA VAL B 189 33.04 -31.46 45.03
C VAL B 189 34.52 -31.26 45.31
N THR B 190 34.98 -30.04 45.12
CA THR B 190 36.37 -29.74 45.48
C THR B 190 36.39 -28.79 46.67
N HIS B 191 37.56 -28.73 47.30
CA HIS B 191 37.79 -28.00 48.56
C HIS B 191 38.97 -27.10 48.31
N HIS B 192 38.85 -25.84 48.71
CA HIS B 192 39.91 -24.88 48.54
C HIS B 192 39.95 -23.95 49.75
N SER B 193 41.15 -23.58 50.17
CA SER B 193 41.37 -22.68 51.32
C SER B 193 40.87 -21.25 51.09
N ARG B 194 40.70 -20.51 52.19
CA ARG B 194 40.29 -19.09 52.15
C ARG B 194 40.83 -18.39 53.39
N PRO B 195 41.16 -17.07 53.30
CA PRO B 195 41.77 -16.41 54.45
C PRO B 195 41.12 -16.90 55.73
N GLU B 196 41.95 -17.44 56.61
CA GLU B 196 41.58 -17.95 57.94
C GLU B 196 40.63 -19.15 57.97
N ASP B 197 39.58 -19.01 58.76
CA ASP B 197 38.70 -20.12 59.13
C ASP B 197 37.53 -20.38 58.16
N LYS B 198 37.68 -20.00 56.90
CA LYS B 198 36.65 -20.26 55.89
C LYS B 198 37.21 -21.19 54.83
N VAL B 199 36.35 -21.96 54.19
CA VAL B 199 36.80 -22.72 53.03
C VAL B 199 35.76 -22.63 51.93
N THR B 200 36.21 -22.76 50.67
CA THR B 200 35.34 -22.74 49.50
C THR B 200 35.08 -24.19 49.13
N LEU B 201 33.79 -24.53 48.99
CA LEU B 201 33.44 -25.80 48.43
C LEU B 201 32.94 -25.48 47.03
N ARG B 202 33.38 -26.26 46.03
CA ARG B 202 32.97 -26.02 44.65
C ARG B 202 32.35 -27.27 44.05
N CYS B 203 31.12 -27.12 43.59
CA CYS B 203 30.38 -28.26 43.09
C CYS B 203 30.49 -28.23 41.60
N TRP B 204 31.06 -29.27 41.01
CA TRP B 204 31.30 -29.32 39.55
C TRP B 204 30.34 -30.28 38.89
N ALA B 205 29.88 -29.91 37.70
CA ALA B 205 29.19 -30.83 36.82
C ALA B 205 29.88 -30.86 35.44
N LEU B 206 30.18 -32.04 34.95
CA LEU B 206 31.00 -32.15 33.74
C LEU B 206 30.45 -33.20 32.83
N GLY B 207 30.68 -33.00 31.53
CA GLY B 207 30.41 -34.00 30.51
C GLY B 207 28.94 -34.19 30.19
N PHE B 208 28.18 -33.12 30.34
CA PHE B 208 26.72 -33.21 30.14
C PHE B 208 26.26 -32.59 28.86
N TYR B 209 25.17 -33.14 28.32
CA TYR B 209 24.47 -32.60 27.14
C TYR B 209 22.99 -32.88 27.31
N PRO B 210 22.15 -31.90 27.00
CA PRO B 210 22.44 -30.55 26.56
C PRO B 210 22.90 -29.65 27.70
N ALA B 211 23.05 -28.37 27.41
CA ALA B 211 23.62 -27.42 28.32
C ALA B 211 22.71 -27.05 29.52
N ASP B 212 21.40 -27.22 29.41
CA ASP B 212 20.56 -26.94 30.57
C ASP B 212 20.91 -27.78 31.79
N ILE B 213 21.10 -27.11 32.91
CA ILE B 213 21.45 -27.77 34.15
C ILE B 213 21.22 -26.76 35.25
N THR B 214 21.01 -27.24 36.47
CA THR B 214 20.87 -26.37 37.65
C THR B 214 21.72 -26.95 38.76
N LEU B 215 22.56 -26.11 39.34
CA LEU B 215 23.35 -26.48 40.50
C LEU B 215 22.97 -25.62 41.68
N THR B 216 22.69 -26.27 42.81
CA THR B 216 22.35 -25.59 44.08
C THR B 216 23.06 -26.20 45.30
N TRP B 217 23.37 -25.34 46.27
CA TRP B 217 23.97 -25.74 47.53
C TRP B 217 22.94 -25.61 48.60
N GLN B 218 22.77 -26.64 49.39
CA GLN B 218 21.85 -26.52 50.49
C GLN B 218 22.59 -26.64 51.80
N LEU B 219 22.10 -25.89 52.79
CA LEU B 219 22.61 -26.00 54.14
C LEU B 219 21.52 -26.50 55.07
N ASN B 220 21.81 -27.65 55.68
CA ASN B 220 20.94 -28.30 56.67
C ASN B 220 19.45 -28.40 56.29
N GLY B 221 19.07 -27.99 55.08
CA GLY B 221 17.65 -27.92 54.74
C GLY B 221 17.37 -26.98 53.59
N GLU B 222 17.27 -25.68 53.90
CA GLU B 222 16.99 -24.63 52.90
C GLU B 222 18.17 -24.38 51.93
N GLU B 223 17.90 -23.76 50.78
CA GLU B 223 18.92 -23.54 49.73
C GLU B 223 19.79 -22.30 49.95
N LEU B 224 20.92 -22.24 49.25
CA LEU B 224 21.83 -21.11 49.40
C LEU B 224 21.89 -20.17 48.20
N ILE B 225 21.19 -19.04 48.33
CA ILE B 225 21.03 -18.11 47.23
C ILE B 225 21.98 -16.90 47.35
N GLN B 226 21.74 -16.06 48.37
CA GLN B 226 22.44 -14.76 48.51
C GLN B 226 23.97 -14.86 48.25
N ASP B 227 24.63 -15.85 48.84
CA ASP B 227 26.09 -15.91 48.82
C ASP B 227 26.69 -16.78 47.72
N MET B 228 25.99 -17.86 47.36
CA MET B 228 26.46 -18.79 46.33
C MET B 228 27.05 -18.10 45.09
N GLU B 229 28.09 -18.71 44.51
CA GLU B 229 28.73 -18.23 43.30
C GLU B 229 28.73 -19.31 42.23
N LEU B 230 28.43 -18.94 40.98
CA LEU B 230 28.45 -19.90 39.88
C LEU B 230 28.94 -19.27 38.62
N VAL B 231 29.24 -20.09 37.62
CA VAL B 231 29.66 -19.58 36.36
C VAL B 231 28.63 -19.97 35.29
N GLU B 232 28.62 -19.22 34.19
CA GLU B 232 27.88 -19.59 33.01
C GLU B 232 28.32 -20.95 32.52
N THR B 233 27.35 -21.80 32.21
CA THR B 233 27.61 -23.09 31.57
C THR B 233 28.54 -22.84 30.40
N ARG B 234 29.49 -23.73 30.17
CA ARG B 234 30.46 -23.47 29.13
C ARG B 234 30.74 -24.77 28.43
N PRO B 235 31.08 -24.72 27.13
CA PRO B 235 31.38 -25.95 26.40
C PRO B 235 32.75 -26.53 26.75
N ALA B 236 32.82 -27.85 26.96
CA ALA B 236 34.12 -28.50 27.11
C ALA B 236 34.88 -28.42 25.78
N GLY B 237 34.08 -28.44 24.71
CA GLY B 237 34.61 -28.29 23.35
C GLY B 237 34.61 -29.62 22.66
N ASP B 238 33.96 -30.60 23.26
CA ASP B 238 33.86 -31.92 22.65
C ASP B 238 32.38 -32.29 22.50
N GLY B 239 31.55 -31.27 22.53
CA GLY B 239 30.16 -31.50 22.43
C GLY B 239 29.54 -31.45 23.81
N THR B 240 30.31 -31.76 24.86
CA THR B 240 29.70 -31.69 26.20
C THR B 240 29.83 -30.31 26.84
N PHE B 241 29.15 -30.12 27.97
CA PHE B 241 29.23 -28.84 28.68
C PHE B 241 29.65 -29.03 30.11
N GLN B 242 29.95 -27.92 30.78
CA GLN B 242 30.38 -27.97 32.16
C GLN B 242 29.97 -26.73 32.88
N LYS B 243 29.82 -26.91 34.20
CA LYS B 243 29.36 -25.87 35.11
C LYS B 243 29.78 -26.15 36.56
N TRP B 244 29.89 -25.08 37.34
CA TRP B 244 30.15 -25.23 38.77
C TRP B 244 29.51 -24.13 39.58
N ALA B 245 29.28 -24.43 40.85
CA ALA B 245 28.72 -23.47 41.80
C ALA B 245 29.39 -23.75 43.13
N SER B 246 29.72 -22.69 43.84
CA SER B 246 30.59 -22.76 45.00
C SER B 246 30.08 -21.83 46.06
N VAL B 247 30.52 -22.09 47.27
CA VAL B 247 29.95 -21.49 48.47
C VAL B 247 31.04 -21.47 49.55
N VAL B 248 31.08 -20.41 50.35
CA VAL B 248 32.10 -20.26 51.37
C VAL B 248 31.53 -20.66 52.71
N VAL B 249 32.03 -21.79 53.21
CA VAL B 249 31.55 -22.42 54.46
C VAL B 249 32.60 -22.35 55.60
N PRO B 250 32.14 -22.47 56.86
CA PRO B 250 33.05 -22.50 58.01
C PRO B 250 33.99 -23.70 58.01
N LEU B 251 35.28 -23.45 58.27
CA LEU B 251 36.29 -24.52 58.38
C LEU B 251 35.86 -25.53 59.42
N GLY B 252 35.80 -26.79 59.03
CA GLY B 252 35.30 -27.85 59.94
C GLY B 252 33.82 -28.22 59.82
N LYS B 253 33.06 -27.46 59.01
CA LYS B 253 31.63 -27.66 58.86
C LYS B 253 31.28 -28.17 57.46
N GLU B 254 32.30 -28.41 56.62
CA GLU B 254 32.10 -28.78 55.21
C GLU B 254 31.04 -29.84 55.06
N GLN B 255 31.15 -30.87 55.87
CA GLN B 255 30.23 -31.98 55.83
C GLN B 255 28.75 -31.63 56.05
N TYR B 256 28.47 -30.39 56.48
CA TYR B 256 27.11 -29.94 56.72
C TYR B 256 26.41 -29.40 55.47
N TYR B 257 27.12 -29.38 54.33
CA TYR B 257 26.60 -28.76 53.11
C TYR B 257 26.34 -29.76 52.00
N THR B 258 25.19 -29.65 51.33
CA THR B 258 24.86 -30.56 50.21
C THR B 258 24.62 -29.86 48.87
N CYS B 259 25.32 -30.37 47.86
CA CYS B 259 25.19 -29.92 46.49
C CYS B 259 24.15 -30.78 45.73
N HIS B 260 23.25 -30.12 45.02
CA HIS B 260 22.24 -30.85 44.26
C HIS B 260 22.40 -30.54 42.79
N VAL B 261 22.46 -31.58 41.97
CA VAL B 261 22.62 -31.39 40.54
C VAL B 261 21.37 -31.84 39.78
N TYR B 262 20.75 -30.90 39.04
CA TYR B 262 19.51 -31.16 38.34
C TYR B 262 19.69 -31.09 36.84
N HIS B 263 19.60 -32.25 36.18
CA HIS B 263 19.74 -32.30 34.74
C HIS B 263 18.79 -33.34 34.14
N GLN B 264 18.39 -33.10 32.89
CA GLN B 264 17.38 -33.94 32.23
C GLN B 264 17.78 -35.38 31.92
N GLY B 265 19.07 -35.66 31.88
CA GLY B 265 19.55 -37.00 31.57
C GLY B 265 19.62 -37.89 32.78
N LEU B 266 19.31 -37.33 33.96
CA LEU B 266 19.41 -38.04 35.25
C LEU B 266 18.13 -38.71 35.69
N PRO B 267 18.20 -40.02 35.97
CA PRO B 267 17.08 -40.70 36.62
C PRO B 267 16.52 -39.87 37.78
N GLU B 268 17.39 -39.17 38.51
CA GLU B 268 16.96 -38.25 39.57
C GLU B 268 18.06 -37.31 39.95
N PRO B 269 17.74 -36.18 40.61
CA PRO B 269 18.83 -35.23 40.92
C PRO B 269 19.99 -35.91 41.66
N LEU B 270 21.23 -35.51 41.37
CA LEU B 270 22.40 -35.97 42.15
C LEU B 270 22.59 -35.18 43.42
N THR B 271 22.94 -35.91 44.46
CA THR B 271 23.21 -35.33 45.78
C THR B 271 24.63 -35.75 46.16
N LEU B 272 25.48 -34.78 46.44
CA LEU B 272 26.83 -35.09 46.91
C LEU B 272 27.38 -34.06 47.88
N ARG B 273 28.27 -34.55 48.75
CA ARG B 273 28.99 -33.73 49.71
C ARG B 273 30.51 -33.72 49.38
N TRP B 274 31.25 -32.85 50.08
CA TRP B 274 32.70 -32.95 50.05
C TRP B 274 33.18 -34.23 50.74
N GLU B 275 34.05 -34.96 50.05
CA GLU B 275 34.63 -36.20 50.57
C GLU B 275 36.16 -36.14 50.82
N PRO B 276 36.57 -35.87 52.06
CA PRO B 276 38.00 -35.92 52.31
C PRO B 276 38.48 -37.37 52.28
N PRO B 277 39.36 -37.72 51.32
CA PRO B 277 40.07 -39.05 51.45
C PRO B 277 40.88 -39.18 52.76
N GLY C 1 11.47 -20.01 -36.58
CA GLY C 1 10.74 -18.75 -36.30
C GLY C 1 10.30 -18.67 -34.85
N PRO C 2 9.50 -17.64 -34.49
CA PRO C 2 9.05 -17.51 -33.10
C PRO C 2 7.99 -18.55 -32.74
N HIS C 3 7.76 -18.77 -31.45
CA HIS C 3 6.70 -19.66 -30.96
C HIS C 3 5.98 -18.98 -29.78
N SER C 4 4.85 -19.54 -29.39
CA SER C 4 4.10 -18.98 -28.31
C SER C 4 3.48 -20.09 -27.52
N LEU C 5 3.41 -19.89 -26.21
CA LEU C 5 2.58 -20.72 -25.33
C LEU C 5 1.54 -19.80 -24.71
N ARG C 6 0.27 -20.03 -25.06
CA ARG C 6 -0.85 -19.17 -24.70
C ARG C 6 -1.92 -19.95 -23.90
N TYR C 7 -2.53 -19.35 -22.90
CA TYR C 7 -3.66 -20.00 -22.18
C TYR C 7 -4.96 -19.18 -22.29
N PHE C 8 -6.03 -19.83 -22.72
CA PHE C 8 -7.30 -19.14 -22.88
C PHE C 8 -8.24 -19.50 -21.74
N VAL C 9 -8.59 -18.52 -20.94
CA VAL C 9 -9.32 -18.84 -19.75
C VAL C 9 -10.73 -18.26 -19.80
N THR C 10 -11.70 -19.07 -19.40
CA THR C 10 -13.11 -18.71 -19.38
C THR C 10 -13.75 -19.05 -18.06
N ALA C 11 -14.48 -18.09 -17.50
CA ALA C 11 -15.30 -18.35 -16.32
C ALA C 11 -16.67 -17.75 -16.53
N VAL C 12 -17.69 -18.60 -16.51
CA VAL C 12 -19.07 -18.19 -16.85
C VAL C 12 -20.04 -18.47 -15.72
N SER C 13 -20.54 -17.42 -15.08
CA SER C 13 -21.50 -17.63 -14.02
C SER C 13 -22.84 -18.02 -14.64
N ARG C 14 -23.72 -18.62 -13.83
CA ARG C 14 -25.05 -19.02 -14.27
C ARG C 14 -25.95 -19.23 -13.04
N PRO C 15 -26.39 -18.12 -12.42
CA PRO C 15 -27.10 -18.17 -11.14
C PRO C 15 -28.25 -19.15 -11.13
N GLY C 16 -28.51 -19.74 -9.97
CA GLY C 16 -29.57 -20.73 -9.77
C GLY C 16 -29.57 -21.90 -10.75
N LEU C 17 -28.46 -22.14 -11.45
CA LEU C 17 -28.36 -23.29 -12.34
C LEU C 17 -27.15 -24.17 -12.03
N GLY C 18 -26.30 -23.66 -11.13
CA GLY C 18 -25.11 -24.37 -10.72
C GLY C 18 -23.89 -23.48 -10.57
N GLU C 19 -22.76 -24.11 -10.28
CA GLU C 19 -21.51 -23.37 -10.16
C GLU C 19 -21.11 -22.77 -11.54
N PRO C 20 -20.29 -21.70 -11.53
CA PRO C 20 -19.74 -21.21 -12.80
C PRO C 20 -18.96 -22.28 -13.56
N ARG C 21 -18.92 -22.18 -14.87
CA ARG C 21 -18.22 -23.15 -15.64
C ARG C 21 -16.86 -22.54 -15.95
N TYR C 22 -15.81 -23.32 -15.80
CA TYR C 22 -14.47 -22.77 -15.95
C TYR C 22 -13.72 -23.66 -16.89
N MET C 23 -12.90 -23.03 -17.75
CA MET C 23 -12.05 -23.76 -18.67
C MET C 23 -10.72 -23.15 -18.81
N GLU C 24 -9.73 -24.01 -18.90
CA GLU C 24 -8.40 -23.54 -19.26
C GLU C 24 -8.07 -24.25 -20.56
N VAL C 25 -7.74 -23.47 -21.58
CA VAL C 25 -7.43 -24.08 -22.84
C VAL C 25 -6.06 -23.65 -23.28
N GLY C 26 -5.15 -24.61 -23.41
CA GLY C 26 -3.75 -24.32 -23.73
C GLY C 26 -3.44 -24.38 -25.21
N TYR C 27 -2.59 -23.45 -25.64
CA TYR C 27 -2.20 -23.36 -27.03
C TYR C 27 -0.68 -23.21 -27.18
N VAL C 28 -0.10 -24.15 -27.92
CA VAL C 28 1.23 -23.97 -28.48
C VAL C 28 1.07 -23.58 -29.95
N ASP C 29 1.39 -22.30 -30.25
CA ASP C 29 1.29 -21.70 -31.58
C ASP C 29 -0.06 -21.88 -32.24
N ASP C 30 -1.13 -21.51 -31.56
CA ASP C 30 -2.47 -21.64 -32.17
C ASP C 30 -3.06 -23.07 -32.23
N THR C 31 -2.23 -24.10 -32.12
CA THR C 31 -2.76 -25.44 -31.90
C THR C 31 -3.12 -25.66 -30.41
N GLU C 32 -4.38 -25.97 -30.13
CA GLU C 32 -4.79 -26.34 -28.79
C GLU C 32 -4.06 -27.64 -28.43
N PHE C 33 -3.52 -27.73 -27.22
CA PHE C 33 -2.81 -28.95 -26.82
C PHE C 33 -3.22 -29.48 -25.46
N VAL C 34 -3.77 -28.61 -24.61
CA VAL C 34 -4.35 -29.07 -23.34
C VAL C 34 -5.68 -28.38 -23.08
N ARG C 35 -6.62 -29.11 -22.46
CA ARG C 35 -7.90 -28.51 -22.05
C ARG C 35 -8.29 -28.98 -20.67
N PHE C 36 -8.87 -28.07 -19.89
CA PHE C 36 -9.53 -28.39 -18.63
C PHE C 36 -10.93 -27.81 -18.61
N ASP C 37 -11.92 -28.64 -18.26
CA ASP C 37 -13.35 -28.26 -18.25
C ASP C 37 -13.97 -28.65 -16.92
N SER C 38 -14.50 -27.66 -16.21
CA SER C 38 -15.05 -27.93 -14.89
C SER C 38 -16.36 -28.71 -14.89
N ASP C 39 -17.06 -28.80 -16.02
CA ASP C 39 -18.28 -29.60 -16.04
C ASP C 39 -18.00 -31.10 -15.97
N ALA C 40 -17.82 -31.54 -14.72
CA ALA C 40 -17.59 -32.95 -14.34
C ALA C 40 -17.46 -33.07 -12.80
N GLU C 41 -17.97 -34.16 -12.22
CA GLU C 41 -17.84 -34.45 -10.77
C GLU C 41 -16.35 -34.55 -10.35
N ASN C 42 -15.53 -35.09 -11.27
CA ASN C 42 -14.09 -35.18 -11.08
C ASN C 42 -13.38 -34.67 -12.36
N PRO C 43 -13.28 -33.33 -12.50
CA PRO C 43 -12.74 -32.68 -13.69
C PRO C 43 -11.23 -32.87 -13.77
N ARG C 44 -10.67 -33.03 -14.96
CA ARG C 44 -9.23 -33.31 -15.10
C ARG C 44 -8.62 -32.53 -16.27
N TYR C 45 -7.34 -32.18 -16.17
CA TYR C 45 -6.60 -31.67 -17.33
C TYR C 45 -6.51 -32.79 -18.36
N GLU C 46 -6.72 -32.47 -19.62
CA GLU C 46 -6.59 -33.47 -20.66
C GLU C 46 -5.66 -33.09 -21.80
N PRO C 47 -5.00 -34.10 -22.39
CA PRO C 47 -4.23 -33.84 -23.59
C PRO C 47 -5.20 -33.60 -24.77
N ARG C 48 -4.77 -32.79 -25.75
CA ARG C 48 -5.60 -32.45 -26.90
C ARG C 48 -4.78 -32.58 -28.17
N ALA C 49 -3.51 -32.94 -28.00
CA ALA C 49 -2.68 -33.37 -29.09
C ALA C 49 -2.10 -34.71 -28.68
N ARG C 50 -1.90 -35.63 -29.62
CA ARG C 50 -1.32 -36.96 -29.32
C ARG C 50 0.04 -36.88 -28.60
N TRP C 51 0.95 -36.03 -29.09
CA TRP C 51 2.26 -35.85 -28.47
C TRP C 51 2.27 -35.44 -26.99
N MET C 52 1.19 -34.87 -26.48
CA MET C 52 1.14 -34.52 -25.06
C MET C 52 0.99 -35.74 -24.16
N GLU C 53 0.50 -36.85 -24.71
CA GLU C 53 0.30 -38.08 -23.94
C GLU C 53 1.60 -38.58 -23.31
N GLN C 54 2.75 -38.08 -23.82
CA GLN C 54 4.08 -38.44 -23.33
C GLN C 54 4.33 -37.97 -21.89
N GLU C 55 3.57 -36.98 -21.43
CA GLU C 55 3.68 -36.47 -20.05
C GLU C 55 3.08 -37.45 -19.07
N GLY C 56 3.73 -37.57 -17.91
CA GLY C 56 3.45 -38.61 -16.93
C GLY C 56 2.28 -38.34 -16.00
N PRO C 57 1.90 -39.35 -15.21
CA PRO C 57 0.70 -39.22 -14.37
C PRO C 57 0.80 -38.00 -13.44
N GLU C 58 2.02 -37.65 -13.06
CA GLU C 58 2.31 -36.55 -12.14
C GLU C 58 2.01 -35.20 -12.77
N TYR C 59 2.25 -35.10 -14.09
CA TYR C 59 2.08 -33.84 -14.81
C TYR C 59 0.63 -33.44 -14.80
N TRP C 60 -0.23 -34.41 -15.08
CA TRP C 60 -1.65 -34.17 -15.14
C TRP C 60 -2.16 -33.92 -13.73
N GLU C 61 -1.74 -34.77 -12.79
CA GLU C 61 -2.12 -34.56 -11.42
C GLU C 61 -1.82 -33.11 -11.06
N ARG C 62 -0.62 -32.64 -11.35
CA ARG C 62 -0.18 -31.32 -10.90
C ARG C 62 -1.00 -30.20 -11.54
N GLU C 63 -1.22 -30.31 -12.84
CA GLU C 63 -1.96 -29.28 -13.58
C GLU C 63 -3.44 -29.18 -13.18
N THR C 64 -4.05 -30.36 -13.03
CA THR C 64 -5.45 -30.51 -12.62
C THR C 64 -5.73 -29.73 -11.36
N GLN C 65 -4.95 -30.01 -10.31
CA GLN C 65 -5.14 -29.31 -9.04
C GLN C 65 -4.95 -27.80 -9.20
N LYS C 66 -3.93 -27.40 -9.98
CA LYS C 66 -3.66 -25.98 -10.20
C LYS C 66 -4.86 -25.29 -10.86
N ALA C 67 -5.51 -26.00 -11.81
CA ALA C 67 -6.67 -25.49 -12.53
C ALA C 67 -7.82 -25.38 -11.60
N LYS C 68 -8.08 -26.47 -10.90
CA LYS C 68 -9.06 -26.50 -9.81
C LYS C 68 -8.88 -25.26 -8.92
N GLY C 69 -7.62 -25.02 -8.51
CA GLY C 69 -7.29 -23.86 -7.73
C GLY C 69 -7.72 -22.59 -8.42
N ASN C 70 -7.29 -22.43 -9.66
CA ASN C 70 -7.64 -21.26 -10.45
C ASN C 70 -9.14 -21.06 -10.56
N GLU C 71 -9.87 -22.14 -10.84
CA GLU C 71 -11.33 -22.08 -10.95
C GLU C 71 -11.95 -21.40 -9.75
N GLN C 72 -11.53 -21.85 -8.57
CA GLN C 72 -12.07 -21.31 -7.34
C GLN C 72 -11.71 -19.84 -7.18
N SER C 73 -10.51 -19.48 -7.61
CA SER C 73 -10.13 -18.09 -7.61
C SER C 73 -11.10 -17.23 -8.48
N PHE C 74 -11.38 -17.68 -9.70
CA PHE C 74 -12.36 -17.03 -10.55
C PHE C 74 -13.83 -17.09 -10.04
N ARG C 75 -14.18 -18.12 -9.28
CA ARG C 75 -15.51 -18.11 -8.65
C ARG C 75 -15.68 -16.87 -7.75
N VAL C 76 -14.67 -16.57 -6.95
CA VAL C 76 -14.68 -15.36 -6.12
C VAL C 76 -14.63 -14.10 -7.00
N ASP C 77 -13.90 -14.22 -8.11
CA ASP C 77 -13.71 -13.08 -9.00
C ASP C 77 -15.00 -12.64 -9.65
N LEU C 78 -15.83 -13.60 -10.02
CA LEU C 78 -17.15 -13.25 -10.56
C LEU C 78 -17.97 -12.51 -9.51
N ARG C 79 -17.93 -13.01 -8.27
CA ARG C 79 -18.73 -12.40 -7.19
C ARG C 79 -18.23 -11.01 -6.93
N THR C 80 -16.92 -10.82 -7.12
CA THR C 80 -16.27 -9.54 -6.86
C THR C 80 -16.65 -8.49 -7.89
N LEU C 81 -16.67 -8.88 -9.17
CA LEU C 81 -17.01 -7.95 -10.22
C LEU C 81 -18.44 -7.43 -10.12
N LEU C 82 -19.39 -8.27 -9.70
CA LEU C 82 -20.75 -7.80 -9.40
C LEU C 82 -20.69 -6.65 -8.40
N GLY C 83 -19.85 -6.80 -7.36
CA GLY C 83 -19.63 -5.76 -6.35
C GLY C 83 -19.03 -4.47 -6.90
N TYR C 84 -18.06 -4.58 -7.81
CA TYR C 84 -17.44 -3.43 -8.50
C TYR C 84 -18.41 -2.70 -9.41
N TYR C 85 -19.19 -3.46 -10.18
CA TYR C 85 -20.06 -2.86 -11.19
C TYR C 85 -21.46 -2.59 -10.69
N ASN C 86 -21.74 -3.03 -9.47
CA ASN C 86 -23.03 -2.80 -8.82
C ASN C 86 -24.19 -3.51 -9.57
N GLN C 87 -23.88 -4.71 -10.09
CA GLN C 87 -24.85 -5.49 -10.87
C GLN C 87 -25.63 -6.47 -10.00
N SER C 88 -26.90 -6.71 -10.37
CA SER C 88 -27.78 -7.61 -9.61
C SER C 88 -27.28 -9.06 -9.63
N LYS C 89 -27.67 -9.85 -8.63
CA LYS C 89 -27.11 -11.19 -8.43
C LYS C 89 -27.41 -12.21 -9.54
N GLY C 90 -28.54 -12.05 -10.24
CA GLY C 90 -29.08 -13.07 -11.16
C GLY C 90 -28.56 -13.14 -12.59
N GLY C 91 -27.74 -12.18 -12.97
CA GLY C 91 -27.20 -12.16 -14.32
C GLY C 91 -26.04 -13.12 -14.49
N SER C 92 -25.93 -13.70 -15.68
CA SER C 92 -24.78 -14.48 -16.06
C SER C 92 -23.72 -13.52 -16.56
N HIS C 93 -22.48 -13.71 -16.10
CA HIS C 93 -21.39 -12.87 -16.54
C HIS C 93 -20.16 -13.71 -16.90
N THR C 94 -19.26 -13.12 -17.68
CA THR C 94 -18.13 -13.87 -18.20
C THR C 94 -16.78 -13.19 -17.97
N ILE C 95 -15.86 -13.89 -17.32
CA ILE C 95 -14.49 -13.44 -17.27
C ILE C 95 -13.72 -14.27 -18.28
N GLN C 96 -12.84 -13.62 -19.05
CA GLN C 96 -11.97 -14.27 -20.00
C GLN C 96 -10.56 -13.75 -19.82
N VAL C 97 -9.58 -14.64 -19.96
CA VAL C 97 -8.19 -14.25 -19.82
C VAL C 97 -7.33 -14.85 -20.93
N ILE C 98 -6.37 -14.07 -21.43
CA ILE C 98 -5.37 -14.62 -22.33
C ILE C 98 -4.01 -14.45 -21.64
N SER C 99 -3.32 -15.57 -21.41
CA SER C 99 -2.13 -15.56 -20.59
C SER C 99 -1.04 -16.40 -21.24
N GLY C 100 0.16 -15.82 -21.36
CA GLY C 100 1.28 -16.57 -21.92
C GLY C 100 2.38 -15.75 -22.59
N CYS C 101 3.33 -16.44 -23.20
CA CYS C 101 4.53 -15.80 -23.72
C CYS C 101 4.76 -16.06 -25.21
N GLU C 102 5.41 -15.13 -25.89
CA GLU C 102 5.93 -15.38 -27.21
C GLU C 102 7.46 -15.34 -27.14
N VAL C 103 8.11 -16.42 -27.55
CA VAL C 103 9.59 -16.47 -27.54
C VAL C 103 10.21 -16.61 -28.92
N GLY C 104 11.22 -15.79 -29.19
CA GLY C 104 12.01 -15.87 -30.42
C GLY C 104 12.76 -17.19 -30.57
N SER C 105 13.44 -17.37 -31.70
CA SER C 105 14.18 -18.61 -31.95
C SER C 105 15.48 -18.65 -31.16
N ASP C 106 15.88 -17.50 -30.61
CA ASP C 106 17.04 -17.38 -29.75
C ASP C 106 16.67 -17.80 -28.32
N GLY C 107 15.38 -17.81 -28.04
CA GLY C 107 14.88 -18.28 -26.77
C GLY C 107 14.57 -17.14 -25.83
N ARG C 108 14.69 -15.91 -26.30
CA ARG C 108 14.30 -14.76 -25.49
C ARG C 108 12.80 -14.46 -25.60
N LEU C 109 12.30 -13.69 -24.64
CA LEU C 109 10.88 -13.33 -24.62
C LEU C 109 10.66 -12.11 -25.50
N LEU C 110 9.78 -12.25 -26.49
CA LEU C 110 9.47 -11.16 -27.42
C LEU C 110 8.40 -10.27 -26.85
N ARG C 111 7.30 -10.86 -26.43
CA ARG C 111 6.28 -10.14 -25.68
C ARG C 111 5.56 -11.12 -24.78
N GLY C 112 4.97 -10.58 -23.72
CA GLY C 112 4.17 -11.38 -22.79
C GLY C 112 2.72 -10.92 -22.82
N TYR C 113 1.79 -11.87 -22.65
CA TYR C 113 0.37 -11.54 -22.59
C TYR C 113 -0.28 -11.88 -21.25
N GLN C 114 -1.02 -10.91 -20.72
CA GLN C 114 -1.96 -11.15 -19.65
C GLN C 114 -3.04 -10.12 -19.92
N GLN C 115 -4.08 -10.56 -20.64
CA GLN C 115 -5.24 -9.76 -20.98
C GLN C 115 -6.47 -10.31 -20.31
N TYR C 116 -7.11 -9.48 -19.50
CA TYR C 116 -8.36 -9.79 -18.84
C TYR C 116 -9.49 -9.11 -19.59
N ALA C 117 -10.65 -9.77 -19.62
CA ALA C 117 -11.86 -9.18 -20.20
C ALA C 117 -13.08 -9.54 -19.41
N TYR C 118 -13.99 -8.59 -19.25
CA TYR C 118 -15.22 -8.84 -18.53
C TYR C 118 -16.39 -8.61 -19.45
N ASP C 119 -17.20 -9.64 -19.64
CA ASP C 119 -18.36 -9.60 -20.53
C ASP C 119 -18.00 -9.17 -21.95
N GLY C 120 -16.89 -9.67 -22.49
CA GLY C 120 -16.42 -9.33 -23.85
C GLY C 120 -15.79 -7.95 -24.05
N CYS C 121 -15.34 -7.34 -22.97
CA CYS C 121 -14.74 -6.02 -23.03
C CYS C 121 -13.47 -6.01 -22.23
N ASP C 122 -12.45 -5.33 -22.73
CA ASP C 122 -11.15 -5.26 -22.05
C ASP C 122 -11.30 -4.81 -20.59
N TYR C 123 -10.62 -5.49 -19.67
CA TYR C 123 -10.75 -5.13 -18.26
C TYR C 123 -9.44 -4.55 -17.76
N ILE C 124 -8.40 -5.37 -17.80
CA ILE C 124 -7.08 -4.92 -17.45
C ILE C 124 -6.13 -5.74 -18.32
N ALA C 125 -4.95 -5.17 -18.62
CA ALA C 125 -3.86 -5.91 -19.27
C ALA C 125 -2.48 -5.44 -18.83
N LEU C 126 -1.50 -6.34 -18.90
CA LEU C 126 -0.11 -6.01 -18.62
C LEU C 126 0.52 -5.32 -19.82
N ASN C 127 1.16 -4.19 -19.57
CA ASN C 127 1.82 -3.42 -20.63
C ASN C 127 3.04 -4.16 -21.22
N GLU C 128 3.55 -3.66 -22.36
CA GLU C 128 4.70 -4.29 -23.03
C GLU C 128 5.95 -4.28 -22.13
N ASP C 129 6.07 -3.23 -21.32
CA ASP C 129 7.12 -3.09 -20.31
C ASP C 129 7.10 -4.16 -19.21
N LEU C 130 6.08 -5.02 -19.20
CA LEU C 130 5.97 -6.14 -18.24
C LEU C 130 6.00 -5.70 -16.77
N LYS C 131 5.69 -4.42 -16.51
CA LYS C 131 5.88 -3.83 -15.20
C LYS C 131 4.68 -3.03 -14.70
N THR C 132 3.82 -2.56 -15.62
CA THR C 132 2.64 -1.76 -15.25
C THR C 132 1.38 -2.24 -15.95
N TRP C 133 0.23 -1.69 -15.54
CA TRP C 133 -1.07 -2.17 -15.99
C TRP C 133 -1.86 -1.12 -16.77
N THR C 134 -2.63 -1.58 -17.74
CA THR C 134 -3.64 -0.72 -18.37
C THR C 134 -5.04 -1.19 -18.01
N ALA C 135 -5.80 -0.30 -17.36
CA ALA C 135 -7.16 -0.58 -16.91
C ALA C 135 -8.18 0.14 -17.78
N ALA C 136 -9.20 -0.57 -18.22
CA ALA C 136 -10.15 0.01 -19.16
C ALA C 136 -11.32 0.79 -18.55
N ASP C 137 -11.39 0.89 -17.21
CA ASP C 137 -12.47 1.65 -16.52
C ASP C 137 -12.28 1.79 -15.01
N MET C 138 -13.20 2.52 -14.38
CA MET C 138 -13.19 2.72 -12.92
C MET C 138 -13.14 1.41 -12.15
N ALA C 139 -13.83 0.38 -12.65
CA ALA C 139 -13.82 -0.91 -11.97
C ALA C 139 -12.41 -1.50 -11.93
N ALA C 140 -11.79 -1.64 -13.09
CA ALA C 140 -10.46 -2.23 -13.20
C ALA C 140 -9.39 -1.44 -12.43
N LEU C 141 -9.64 -0.14 -12.22
CA LEU C 141 -8.75 0.69 -11.42
C LEU C 141 -8.62 0.11 -10.01
N ILE C 142 -9.70 -0.52 -9.52
CA ILE C 142 -9.68 -1.19 -8.21
C ILE C 142 -8.78 -2.44 -8.27
N THR C 143 -8.82 -3.17 -9.38
CA THR C 143 -7.93 -4.31 -9.59
C THR C 143 -6.47 -3.88 -9.83
N LYS C 144 -6.28 -2.73 -10.47
CA LYS C 144 -4.94 -2.16 -10.64
C LYS C 144 -4.32 -1.91 -9.26
N HIS C 145 -4.95 -1.04 -8.47
CA HIS C 145 -4.52 -0.73 -7.11
C HIS C 145 -4.17 -1.96 -6.27
N LYS C 146 -4.98 -3.03 -6.35
CA LYS C 146 -4.68 -4.28 -5.63
C LYS C 146 -3.34 -4.84 -6.10
N TRP C 147 -3.26 -5.07 -7.40
CA TRP C 147 -2.07 -5.67 -8.01
C TRP C 147 -0.78 -4.81 -7.88
N GLU C 148 -0.96 -3.51 -7.66
CA GLU C 148 0.17 -2.62 -7.38
C GLU C 148 0.72 -2.88 -5.97
N GLN C 149 -0.19 -2.99 -5.01
CA GLN C 149 0.17 -3.19 -3.60
C GLN C 149 0.46 -4.67 -3.20
N ALA C 150 0.33 -5.61 -4.15
CA ALA C 150 0.81 -6.99 -3.95
C ALA C 150 1.94 -7.33 -4.93
N GLY C 151 2.41 -6.32 -5.65
CA GLY C 151 3.44 -6.49 -6.67
C GLY C 151 3.15 -7.70 -7.52
N GLU C 152 1.98 -7.69 -8.16
CA GLU C 152 1.53 -8.81 -8.96
C GLU C 152 2.29 -8.87 -10.27
N ALA C 153 2.55 -7.68 -10.82
CA ALA C 153 3.30 -7.55 -12.05
C ALA C 153 4.63 -8.31 -12.00
N GLU C 154 5.35 -8.17 -10.88
CA GLU C 154 6.62 -8.87 -10.67
C GLU C 154 6.45 -10.41 -10.67
N ARG C 155 5.47 -10.90 -9.90
CA ARG C 155 5.16 -12.33 -9.84
C ARG C 155 4.80 -12.88 -11.22
N LEU C 156 4.06 -12.07 -11.97
CA LEU C 156 3.72 -12.40 -13.33
C LEU C 156 4.93 -12.41 -14.24
N ARG C 157 5.73 -11.37 -14.13
CA ARG C 157 6.96 -11.24 -14.91
C ARG C 157 7.81 -12.51 -14.76
N ALA C 158 7.93 -12.97 -13.52
CA ALA C 158 8.66 -14.20 -13.22
C ALA C 158 8.11 -15.40 -13.99
N TYR C 159 6.78 -15.55 -13.97
CA TYR C 159 6.13 -16.65 -14.66
C TYR C 159 6.40 -16.59 -16.16
N LEU C 160 6.16 -15.41 -16.74
CA LEU C 160 6.40 -15.17 -18.18
C LEU C 160 7.84 -15.46 -18.59
N GLU C 161 8.80 -14.94 -17.82
CA GLU C 161 10.21 -15.07 -18.15
C GLU C 161 10.77 -16.42 -17.77
N GLY C 162 10.14 -17.09 -16.81
CA GLY C 162 10.62 -18.40 -16.31
C GLY C 162 9.76 -19.59 -16.73
N THR C 163 8.78 -19.92 -15.90
CA THR C 163 7.88 -21.04 -16.16
C THR C 163 7.34 -21.07 -17.58
N CYS C 164 6.85 -19.93 -18.08
CA CYS C 164 6.25 -19.90 -19.41
C CYS C 164 7.23 -20.31 -20.49
N VAL C 165 8.35 -19.58 -20.55
CA VAL C 165 9.42 -19.86 -21.49
C VAL C 165 9.91 -21.29 -21.36
N GLU C 166 10.22 -21.71 -20.15
CA GLU C 166 10.80 -23.03 -19.89
C GLU C 166 9.93 -24.17 -20.39
N TRP C 167 8.65 -24.15 -20.03
CA TRP C 167 7.72 -25.17 -20.46
C TRP C 167 7.44 -25.14 -21.97
N LEU C 168 7.28 -23.93 -22.52
CA LEU C 168 7.11 -23.81 -23.97
C LEU C 168 8.20 -24.59 -24.67
N ARG C 169 9.41 -24.57 -24.11
CA ARG C 169 10.57 -25.28 -24.65
C ARG C 169 10.37 -26.79 -24.48
N ARG C 170 9.94 -27.20 -23.29
CA ARG C 170 9.63 -28.60 -23.02
C ARG C 170 8.55 -29.10 -23.97
N TYR C 171 7.45 -28.35 -24.09
CA TYR C 171 6.36 -28.75 -24.98
C TYR C 171 6.82 -28.84 -26.43
N LEU C 172 7.66 -27.90 -26.85
CA LEU C 172 8.05 -27.81 -28.24
C LEU C 172 8.88 -29.01 -28.63
N LYS C 173 9.65 -29.53 -27.68
CA LYS C 173 10.51 -30.68 -27.95
C LYS C 173 9.67 -31.93 -28.11
N ASN C 174 8.49 -31.94 -27.50
CA ASN C 174 7.62 -33.10 -27.63
C ASN C 174 6.78 -33.11 -28.90
N GLY C 175 6.30 -31.94 -29.32
CA GLY C 175 5.37 -31.85 -30.43
C GLY C 175 5.82 -31.09 -31.65
N ASN C 176 7.14 -30.91 -31.82
CA ASN C 176 7.68 -30.09 -32.90
C ASN C 176 7.40 -30.60 -34.33
N ALA C 177 7.68 -31.89 -34.55
CA ALA C 177 7.38 -32.57 -35.83
C ALA C 177 5.87 -32.47 -36.23
N THR C 178 4.99 -32.60 -35.24
CA THR C 178 3.56 -32.48 -35.43
C THR C 178 3.19 -31.05 -35.81
N LEU C 179 3.54 -30.06 -34.98
CA LEU C 179 3.12 -28.67 -35.21
C LEU C 179 3.55 -28.15 -36.59
N LEU C 180 4.79 -28.49 -36.97
CA LEU C 180 5.34 -28.18 -38.30
C LEU C 180 4.62 -28.78 -39.52
N ARG C 181 3.76 -29.79 -39.31
CA ARG C 181 3.03 -30.43 -40.41
C ARG C 181 2.37 -29.36 -41.29
N THR C 182 2.31 -29.67 -42.57
CA THR C 182 1.83 -28.73 -43.55
C THR C 182 1.09 -29.46 -44.67
N ASP C 183 -0.16 -29.08 -44.87
CA ASP C 183 -1.01 -29.68 -45.90
C ASP C 183 -1.28 -28.66 -47.00
N SER C 184 -0.77 -28.91 -48.21
CA SER C 184 -1.03 -28.04 -49.37
C SER C 184 -2.50 -28.07 -49.76
N PRO C 185 -3.05 -26.93 -50.23
CA PRO C 185 -4.42 -26.94 -50.71
C PRO C 185 -4.57 -27.61 -52.08
N LYS C 186 -5.76 -28.13 -52.33
CA LYS C 186 -6.13 -28.68 -53.61
C LYS C 186 -7.22 -27.74 -54.04
N ALA C 187 -7.15 -27.30 -55.31
CA ALA C 187 -8.09 -26.29 -55.80
C ALA C 187 -8.86 -26.75 -57.02
N HIS C 188 -10.15 -26.43 -57.06
CA HIS C 188 -10.91 -26.65 -58.29
C HIS C 188 -11.79 -25.45 -58.54
N VAL C 189 -12.19 -25.26 -59.80
CA VAL C 189 -13.14 -24.19 -60.13
C VAL C 189 -14.51 -24.77 -60.49
N THR C 190 -15.56 -24.19 -59.94
CA THR C 190 -16.88 -24.60 -60.34
C THR C 190 -17.55 -23.47 -61.09
N HIS C 191 -18.63 -23.82 -61.78
CA HIS C 191 -19.35 -22.93 -62.68
C HIS C 191 -20.81 -23.01 -62.25
N HIS C 192 -21.46 -21.85 -62.18
CA HIS C 192 -22.86 -21.79 -61.78
C HIS C 192 -23.62 -20.69 -62.54
N SER C 193 -24.83 -21.00 -63.00
CA SER C 193 -25.66 -20.03 -63.73
C SER C 193 -25.99 -18.74 -62.91
N ARG C 194 -26.45 -17.69 -63.62
CA ARG C 194 -26.89 -16.44 -63.00
C ARG C 194 -27.85 -15.76 -63.96
N PRO C 195 -28.83 -14.98 -63.43
CA PRO C 195 -29.80 -14.41 -64.36
C PRO C 195 -29.15 -13.97 -65.66
N GLU C 196 -29.64 -14.55 -66.75
CA GLU C 196 -29.20 -14.22 -68.12
C GLU C 196 -27.75 -14.56 -68.45
N ASP C 197 -27.06 -13.56 -68.98
CA ASP C 197 -25.78 -13.75 -69.66
C ASP C 197 -24.58 -13.60 -68.74
N LYS C 198 -24.77 -13.91 -67.45
CA LYS C 198 -23.70 -13.90 -66.47
C LYS C 198 -23.50 -15.30 -65.88
N VAL C 199 -22.29 -15.61 -65.47
CA VAL C 199 -22.03 -16.85 -64.75
C VAL C 199 -21.12 -16.58 -63.56
N THR C 200 -21.23 -17.43 -62.54
CA THR C 200 -20.43 -17.34 -61.33
C THR C 200 -19.36 -18.41 -61.43
N LEU C 201 -18.11 -17.99 -61.32
CA LEU C 201 -17.04 -18.93 -61.21
C LEU C 201 -16.62 -18.92 -59.74
N ARG C 202 -16.46 -20.09 -59.15
CA ARG C 202 -16.11 -20.18 -57.75
C ARG C 202 -14.86 -20.99 -57.62
N CYS C 203 -13.84 -20.39 -56.98
CA CYS C 203 -12.53 -21.01 -56.84
C CYS C 203 -12.44 -21.57 -55.47
N TRP C 204 -12.25 -22.88 -55.38
CA TRP C 204 -12.25 -23.59 -54.09
C TRP C 204 -10.85 -24.02 -53.72
N ALA C 205 -10.54 -23.93 -52.44
CA ALA C 205 -9.36 -24.51 -51.87
C ALA C 205 -9.78 -25.42 -50.69
N LEU C 206 -9.33 -26.67 -50.73
CA LEU C 206 -9.76 -27.66 -49.75
C LEU C 206 -8.59 -28.44 -49.20
N GLY C 207 -8.73 -28.93 -47.96
CA GLY C 207 -7.81 -29.91 -47.40
C GLY C 207 -6.48 -29.32 -46.93
N PHE C 208 -6.49 -28.04 -46.59
CA PHE C 208 -5.23 -27.38 -46.27
C PHE C 208 -5.03 -27.15 -44.79
N TYR C 209 -3.76 -27.18 -44.37
CA TYR C 209 -3.38 -26.79 -43.02
C TYR C 209 -2.04 -26.07 -43.07
N PRO C 210 -1.89 -24.98 -42.31
CA PRO C 210 -2.84 -24.28 -41.44
C PRO C 210 -3.85 -23.49 -42.25
N ALA C 211 -4.69 -22.75 -41.54
CA ALA C 211 -5.76 -21.94 -42.10
C ALA C 211 -5.34 -20.71 -42.97
N ASP C 212 -4.12 -20.20 -42.80
CA ASP C 212 -3.76 -19.08 -43.64
C ASP C 212 -3.68 -19.45 -45.11
N ILE C 213 -4.37 -18.66 -45.92
CA ILE C 213 -4.45 -18.87 -47.36
C ILE C 213 -4.95 -17.56 -47.98
N THR C 214 -4.64 -17.36 -49.25
CA THR C 214 -5.15 -16.24 -50.01
C THR C 214 -5.64 -16.70 -51.37
N LEU C 215 -6.90 -16.38 -51.69
CA LEU C 215 -7.48 -16.69 -52.98
C LEU C 215 -7.76 -15.41 -53.73
N THR C 216 -7.28 -15.34 -54.97
CA THR C 216 -7.56 -14.17 -55.83
C THR C 216 -7.96 -14.56 -57.25
N TRP C 217 -8.80 -13.73 -57.85
CA TRP C 217 -9.20 -13.86 -59.23
C TRP C 217 -8.54 -12.79 -60.06
N GLN C 218 -7.90 -13.19 -61.14
CA GLN C 218 -7.38 -12.20 -62.03
C GLN C 218 -8.08 -12.25 -63.36
N LEU C 219 -8.23 -11.05 -63.98
CA LEU C 219 -8.75 -10.91 -65.33
C LEU C 219 -7.68 -10.38 -66.24
N ASN C 220 -7.34 -11.20 -67.25
CA ASN C 220 -6.37 -10.86 -68.31
C ASN C 220 -5.02 -10.25 -67.85
N GLY C 221 -4.79 -10.16 -66.54
CA GLY C 221 -3.64 -9.40 -66.03
C GLY C 221 -3.79 -8.94 -64.60
N GLU C 222 -4.43 -7.78 -64.41
CA GLU C 222 -4.69 -7.21 -63.08
C GLU C 222 -5.70 -8.04 -62.21
N GLU C 223 -5.70 -7.82 -60.89
CA GLU C 223 -6.54 -8.61 -59.93
C GLU C 223 -7.96 -8.08 -59.76
N LEU C 224 -8.86 -8.96 -59.29
CA LEU C 224 -10.27 -8.56 -59.10
C LEU C 224 -10.67 -8.34 -57.64
N ILE C 225 -10.73 -7.07 -57.26
CA ILE C 225 -11.01 -6.68 -55.88
C ILE C 225 -12.48 -6.29 -55.70
N GLN C 226 -12.86 -5.12 -56.24
CA GLN C 226 -14.19 -4.52 -56.04
C GLN C 226 -15.36 -5.56 -56.02
N ASP C 227 -15.43 -6.43 -57.01
CA ASP C 227 -16.59 -7.31 -57.18
C ASP C 227 -16.49 -8.71 -56.52
N MET C 228 -15.27 -9.23 -56.43
CA MET C 228 -15.01 -10.58 -55.89
C MET C 228 -15.73 -10.87 -54.57
N GLU C 229 -16.13 -12.13 -54.39
CA GLU C 229 -16.79 -12.55 -53.17
C GLU C 229 -16.05 -13.76 -52.61
N LEU C 230 -15.89 -13.77 -51.30
CA LEU C 230 -15.24 -14.90 -50.63
C LEU C 230 -15.85 -15.13 -49.27
N VAL C 231 -15.59 -16.31 -48.70
CA VAL C 231 -16.09 -16.62 -47.37
C VAL C 231 -14.94 -16.75 -46.42
N GLU C 232 -15.21 -16.54 -45.13
CA GLU C 232 -14.23 -16.83 -44.09
C GLU C 232 -13.77 -18.28 -44.20
N THR C 233 -12.46 -18.50 -44.18
CA THR C 233 -11.85 -19.81 -44.02
C THR C 233 -12.58 -20.55 -42.93
N ARG C 234 -12.84 -21.83 -43.15
CA ARG C 234 -13.65 -22.61 -42.22
C ARG C 234 -13.06 -24.00 -42.08
N PRO C 235 -13.20 -24.62 -40.89
CA PRO C 235 -12.69 -25.97 -40.67
C PRO C 235 -13.52 -27.06 -41.36
N ALA C 236 -12.86 -27.99 -42.03
CA ALA C 236 -13.54 -29.13 -42.60
C ALA C 236 -14.05 -30.03 -41.49
N GLY C 237 -13.36 -29.92 -40.35
CA GLY C 237 -13.75 -30.61 -39.13
C GLY C 237 -12.90 -31.84 -38.96
N ASP C 238 -11.90 -31.99 -39.80
CA ASP C 238 -10.97 -33.11 -39.70
C ASP C 238 -9.53 -32.62 -39.53
N GLY C 239 -9.39 -31.40 -39.02
CA GLY C 239 -8.08 -30.84 -38.91
C GLY C 239 -7.70 -29.97 -40.09
N THR C 240 -8.33 -30.17 -41.25
CA THR C 240 -8.05 -29.29 -42.40
C THR C 240 -9.02 -28.11 -42.48
N PHE C 241 -8.71 -27.18 -43.37
CA PHE C 241 -9.55 -26.00 -43.59
C PHE C 241 -9.95 -25.88 -45.05
N GLN C 242 -10.93 -25.02 -45.28
CA GLN C 242 -11.43 -24.79 -46.63
C GLN C 242 -11.89 -23.35 -46.81
N LYS C 243 -11.86 -22.93 -48.08
CA LYS C 243 -12.16 -21.56 -48.50
C LYS C 243 -12.46 -21.52 -49.99
N TRP C 244 -13.24 -20.51 -50.38
CA TRP C 244 -13.51 -20.22 -51.78
C TRP C 244 -13.69 -18.73 -52.02
N ALA C 245 -13.44 -18.35 -53.27
CA ALA C 245 -13.69 -16.99 -53.73
C ALA C 245 -14.25 -17.08 -55.14
N SER C 246 -15.26 -16.27 -55.40
CA SER C 246 -16.06 -16.35 -56.62
C SER C 246 -16.25 -14.97 -57.20
N VAL C 247 -16.54 -14.97 -58.50
CA VAL C 247 -16.57 -13.74 -59.28
C VAL C 247 -17.63 -13.92 -60.40
N VAL C 248 -18.38 -12.86 -60.72
CA VAL C 248 -19.41 -12.95 -61.75
C VAL C 248 -18.89 -12.49 -63.09
N VAL C 249 -18.72 -13.44 -64.01
CA VAL C 249 -18.13 -13.15 -65.34
C VAL C 249 -19.18 -13.25 -66.47
N PRO C 250 -18.95 -12.57 -67.60
CA PRO C 250 -19.81 -12.71 -68.79
C PRO C 250 -19.87 -14.14 -69.33
N LEU C 251 -21.08 -14.59 -69.72
CA LEU C 251 -21.27 -15.92 -70.30
C LEU C 251 -20.46 -16.05 -71.58
N GLY C 252 -19.65 -17.09 -71.68
CA GLY C 252 -18.76 -17.25 -72.84
C GLY C 252 -17.31 -16.79 -72.66
N LYS C 253 -17.06 -16.08 -71.55
CA LYS C 253 -15.75 -15.47 -71.26
C LYS C 253 -15.00 -16.14 -70.09
N GLU C 254 -15.63 -17.16 -69.49
CA GLU C 254 -15.08 -17.86 -68.34
C GLU C 254 -13.58 -18.09 -68.52
N GLN C 255 -13.21 -18.60 -69.69
CA GLN C 255 -11.83 -18.98 -69.97
C GLN C 255 -10.82 -17.81 -69.89
N TYR C 256 -11.35 -16.59 -69.78
CA TYR C 256 -10.54 -15.38 -69.65
C TYR C 256 -10.18 -15.03 -68.20
N TYR C 257 -10.60 -15.84 -67.24
CA TYR C 257 -10.36 -15.56 -65.81
C TYR C 257 -9.41 -16.57 -65.09
N THR C 258 -8.47 -16.06 -64.30
CA THR C 258 -7.55 -16.96 -63.61
C THR C 258 -7.56 -16.83 -62.09
N CYS C 259 -7.67 -17.99 -61.42
CA CYS C 259 -7.69 -18.04 -59.98
C CYS C 259 -6.32 -18.42 -59.48
N HIS C 260 -5.86 -17.72 -58.45
CA HIS C 260 -4.52 -17.94 -57.89
C HIS C 260 -4.66 -18.32 -56.42
N VAL C 261 -3.99 -19.41 -56.03
CA VAL C 261 -4.13 -19.90 -54.68
C VAL C 261 -2.78 -19.81 -53.99
N TYR C 262 -2.75 -19.09 -52.88
CA TYR C 262 -1.49 -18.81 -52.18
C TYR C 262 -1.51 -19.42 -50.79
N HIS C 263 -0.70 -20.46 -50.62
CA HIS C 263 -0.59 -21.14 -49.33
C HIS C 263 0.86 -21.53 -49.06
N GLN C 264 1.21 -21.59 -47.78
CA GLN C 264 2.61 -21.88 -47.37
C GLN C 264 3.11 -23.30 -47.64
N GLY C 265 2.21 -24.26 -47.86
CA GLY C 265 2.59 -25.62 -48.16
C GLY C 265 2.90 -25.86 -49.62
N LEU C 266 2.76 -24.82 -50.44
CA LEU C 266 2.85 -24.96 -51.88
C LEU C 266 4.22 -24.61 -52.39
N PRO C 267 4.85 -25.53 -53.16
CA PRO C 267 6.08 -25.17 -53.87
C PRO C 267 5.95 -23.83 -54.58
N GLU C 268 4.80 -23.55 -55.15
CA GLU C 268 4.50 -22.23 -55.70
C GLU C 268 3.00 -22.01 -55.85
N PRO C 269 2.56 -20.74 -56.01
CA PRO C 269 1.11 -20.51 -56.05
C PRO C 269 0.42 -21.37 -57.12
N LEU C 270 -0.81 -21.79 -56.83
CA LEU C 270 -1.59 -22.56 -57.79
C LEU C 270 -2.28 -21.61 -58.77
N THR C 271 -2.19 -21.95 -60.04
CA THR C 271 -2.94 -21.25 -61.09
C THR C 271 -3.92 -22.20 -61.75
N LEU C 272 -5.20 -21.85 -61.79
CA LEU C 272 -6.21 -22.68 -62.47
C LEU C 272 -7.33 -21.86 -63.09
N ARG C 273 -7.92 -22.43 -64.13
CA ARG C 273 -9.10 -21.86 -64.76
C ARG C 273 -10.32 -22.81 -64.62
N TRP C 274 -11.47 -22.36 -65.11
CA TRP C 274 -12.62 -23.23 -65.24
C TRP C 274 -12.36 -24.23 -66.37
N GLU C 275 -12.63 -25.51 -66.09
CA GLU C 275 -12.46 -26.58 -67.10
C GLU C 275 -13.76 -27.28 -67.50
N PRO C 276 -14.42 -26.83 -68.56
CA PRO C 276 -15.55 -27.63 -69.00
C PRO C 276 -15.08 -28.98 -69.54
N PRO C 277 -15.52 -30.10 -68.94
CA PRO C 277 -15.38 -31.43 -69.61
C PRO C 277 -16.09 -31.50 -70.98
N GLY D 1 -9.04 20.47 36.84
CA GLY D 1 -8.91 19.04 36.49
C GLY D 1 -9.01 18.78 35.00
N PRO D 2 -9.07 17.51 34.58
CA PRO D 2 -9.16 17.19 33.15
C PRO D 2 -10.54 17.49 32.53
N HIS D 3 -10.62 17.58 31.21
CA HIS D 3 -11.88 17.78 30.51
C HIS D 3 -11.88 16.88 29.29
N SER D 4 -13.04 16.74 28.69
CA SER D 4 -13.17 15.89 27.53
C SER D 4 -14.18 16.47 26.55
N LEU D 5 -13.88 16.33 25.26
CA LEU D 5 -14.83 16.62 24.20
C LEU D 5 -15.04 15.33 23.44
N ARG D 6 -16.24 14.79 23.55
CA ARG D 6 -16.56 13.49 22.98
C ARG D 6 -17.77 13.60 22.02
N TYR D 7 -17.74 12.85 20.93
CA TYR D 7 -18.92 12.75 20.04
C TYR D 7 -19.52 11.36 20.01
N PHE D 8 -20.84 11.27 20.18
CA PHE D 8 -21.55 9.99 20.17
C PHE D 8 -22.35 9.82 18.90
N VAL D 9 -21.94 8.85 18.10
CA VAL D 9 -22.51 8.74 16.78
C VAL D 9 -23.36 7.47 16.60
N THR D 10 -24.51 7.65 15.96
CA THR D 10 -25.43 6.57 15.76
C THR D 10 -25.89 6.57 14.34
N ALA D 11 -25.86 5.39 13.70
CA ALA D 11 -26.48 5.20 12.39
C ALA D 11 -27.30 3.91 12.45
N VAL D 12 -28.60 4.02 12.17
CA VAL D 12 -29.54 2.91 12.32
C VAL D 12 -30.28 2.70 10.99
N SER D 13 -30.02 1.59 10.32
CA SER D 13 -30.78 1.26 9.12
C SER D 13 -32.18 0.81 9.51
N ARG D 14 -33.10 0.89 8.57
CA ARG D 14 -34.49 0.44 8.74
C ARG D 14 -35.14 0.19 7.37
N PRO D 15 -34.76 -0.92 6.73
CA PRO D 15 -35.11 -1.21 5.34
C PRO D 15 -36.60 -1.01 5.09
N GLY D 16 -36.93 -0.59 3.86
CA GLY D 16 -38.31 -0.42 3.44
C GLY D 16 -39.16 0.48 4.32
N LEU D 17 -38.53 1.28 5.19
CA LEU D 17 -39.24 2.25 6.01
C LEU D 17 -38.66 3.65 5.84
N GLY D 18 -37.51 3.75 5.18
CA GLY D 18 -36.84 5.02 4.98
C GLY D 18 -35.32 4.96 5.04
N GLU D 19 -34.70 6.13 4.88
CA GLU D 19 -33.26 6.25 5.01
C GLU D 19 -32.84 5.93 6.45
N PRO D 20 -31.58 5.48 6.65
CA PRO D 20 -31.08 5.30 7.99
C PRO D 20 -31.19 6.58 8.79
N ARG D 21 -31.40 6.46 10.11
CA ARG D 21 -31.44 7.63 10.97
C ARG D 21 -30.03 7.81 11.55
N TYR D 22 -29.56 9.06 11.55
CA TYR D 22 -28.20 9.34 11.93
C TYR D 22 -28.25 10.41 12.98
N MET D 23 -27.34 10.34 13.92
CA MET D 23 -27.23 11.36 14.94
C MET D 23 -25.82 11.59 15.36
N GLU D 24 -25.51 12.86 15.55
CA GLU D 24 -24.24 13.21 16.17
C GLU D 24 -24.58 13.92 17.47
N VAL D 25 -24.09 13.40 18.57
CA VAL D 25 -24.39 14.05 19.82
C VAL D 25 -23.10 14.43 20.50
N GLY D 26 -22.92 15.72 20.75
CA GLY D 26 -21.67 16.21 21.32
C GLY D 26 -21.71 16.35 22.83
N TYR D 27 -20.59 16.01 23.47
CA TYR D 27 -20.47 16.08 24.92
C TYR D 27 -19.19 16.76 25.37
N VAL D 28 -19.33 17.83 26.14
CA VAL D 28 -18.22 18.40 26.88
C VAL D 28 -18.38 17.94 28.31
N ASP D 29 -17.50 17.02 28.70
CA ASP D 29 -17.47 16.47 30.06
C ASP D 29 -18.78 15.82 30.47
N ASP D 30 -19.34 14.97 29.63
CA ASP D 30 -20.62 14.30 29.97
C ASP D 30 -21.88 15.18 29.88
N THR D 31 -21.73 16.49 29.78
CA THR D 31 -22.85 17.34 29.43
C THR D 31 -23.03 17.35 27.91
N GLU D 32 -24.21 16.97 27.43
CA GLU D 32 -24.53 17.13 26.01
C GLU D 32 -24.56 18.64 25.70
N PHE D 33 -23.96 19.05 24.59
CA PHE D 33 -23.97 20.46 24.23
C PHE D 33 -24.35 20.75 22.79
N VAL D 34 -24.20 19.77 21.91
CA VAL D 34 -24.71 19.85 20.55
C VAL D 34 -25.33 18.54 20.11
N ARG D 35 -26.37 18.63 19.28
CA ARG D 35 -27.03 17.46 18.69
C ARG D 35 -27.35 17.71 17.22
N PHE D 36 -27.26 16.65 16.43
CA PHE D 36 -27.75 16.63 15.07
C PHE D 36 -28.55 15.35 14.89
N ASP D 37 -29.75 15.48 14.32
CA ASP D 37 -30.68 14.36 14.09
C ASP D 37 -31.18 14.41 12.68
N SER D 38 -30.95 13.34 11.94
CA SER D 38 -31.31 13.36 10.53
C SER D 38 -32.80 13.27 10.22
N ASP D 39 -33.63 12.91 11.20
CA ASP D 39 -35.07 12.90 10.96
C ASP D 39 -35.63 14.31 10.85
N ALA D 40 -35.54 14.84 9.62
CA ALA D 40 -36.10 16.15 9.21
C ALA D 40 -35.78 16.39 7.72
N GLU D 41 -36.70 17.04 7.01
CA GLU D 41 -36.50 17.42 5.59
C GLU D 41 -35.28 18.35 5.45
N ASN D 42 -35.11 19.22 6.45
CA ASN D 42 -33.94 20.07 6.50
C ASN D 42 -33.27 20.03 7.89
N PRO D 43 -32.47 18.96 8.15
CA PRO D 43 -31.87 18.68 9.45
C PRO D 43 -30.75 19.67 9.73
N ARG D 44 -30.57 20.06 10.99
CA ARG D 44 -29.56 21.06 11.37
C ARG D 44 -28.87 20.73 12.69
N TYR D 45 -27.60 21.08 12.82
CA TYR D 45 -26.91 21.05 14.13
C TYR D 45 -27.58 22.03 15.06
N GLU D 46 -27.88 21.57 16.27
CA GLU D 46 -28.50 22.42 17.26
C GLU D 46 -27.70 22.56 18.59
N PRO D 47 -27.79 23.75 19.20
CA PRO D 47 -27.24 23.89 20.54
C PRO D 47 -28.09 23.07 21.53
N ARG D 48 -27.49 22.61 22.62
CA ARG D 48 -28.21 21.82 23.63
C ARG D 48 -27.88 22.37 25.01
N ALA D 49 -27.00 23.35 25.05
CA ALA D 49 -26.73 24.14 26.23
C ALA D 49 -26.84 25.62 25.86
N ARG D 50 -27.41 26.42 26.76
CA ARG D 50 -27.62 27.85 26.48
C ARG D 50 -26.35 28.58 26.02
N TRP D 51 -25.22 28.37 26.71
CA TRP D 51 -23.94 28.98 26.32
C TRP D 51 -23.45 28.70 24.89
N MET D 52 -23.91 27.62 24.27
CA MET D 52 -23.53 27.35 22.89
C MET D 52 -24.13 28.34 21.88
N GLU D 53 -25.25 28.98 22.27
CA GLU D 53 -25.99 29.93 21.42
C GLU D 53 -25.09 31.07 20.99
N GLN D 54 -23.98 31.23 21.68
CA GLN D 54 -23.02 32.30 21.39
C GLN D 54 -22.29 32.13 20.05
N GLU D 55 -22.26 30.91 19.53
CA GLU D 55 -21.66 30.61 18.23
C GLU D 55 -22.53 31.14 17.10
N GLY D 56 -21.87 31.65 16.06
CA GLY D 56 -22.50 32.41 15.00
C GLY D 56 -23.09 31.58 13.90
N PRO D 57 -23.84 32.22 12.97
CA PRO D 57 -24.61 31.50 11.97
C PRO D 57 -23.70 30.55 11.18
N GLU D 58 -22.46 31.00 10.97
CA GLU D 58 -21.44 30.27 10.22
C GLU D 58 -21.06 28.95 10.90
N TYR D 59 -21.03 28.96 12.23
CA TYR D 59 -20.62 27.79 12.98
C TYR D 59 -21.56 26.62 12.76
N TRP D 60 -22.85 26.93 12.80
CA TRP D 60 -23.89 25.93 12.63
C TRP D 60 -23.93 25.54 11.16
N GLU D 61 -23.87 26.53 10.29
CA GLU D 61 -23.83 26.21 8.87
C GLU D 61 -22.73 25.18 8.63
N ARG D 62 -21.53 25.45 9.14
CA ARG D 62 -20.36 24.60 8.88
C ARG D 62 -20.53 23.19 9.45
N GLU D 63 -21.00 23.08 10.68
CA GLU D 63 -21.17 21.78 11.33
C GLU D 63 -22.28 20.94 10.71
N THR D 64 -23.40 21.59 10.39
CA THR D 64 -24.55 20.95 9.76
C THR D 64 -24.12 20.17 8.52
N GLN D 65 -23.45 20.87 7.60
CA GLN D 65 -23.01 20.25 6.35
C GLN D 65 -22.05 19.10 6.64
N LYS D 66 -21.15 19.29 7.60
CA LYS D 66 -20.15 18.27 7.94
C LYS D 66 -20.81 16.99 8.49
N ALA D 67 -21.90 17.16 9.23
CA ALA D 67 -22.68 16.04 9.75
C ALA D 67 -23.45 15.36 8.64
N LYS D 68 -24.14 16.17 7.83
CA LYS D 68 -24.76 15.70 6.60
C LYS D 68 -23.75 14.83 5.82
N GLY D 69 -22.55 15.35 5.68
CA GLY D 69 -21.47 14.61 5.06
C GLY D 69 -21.26 13.26 5.70
N ASN D 70 -21.03 13.28 7.01
CA ASN D 70 -20.81 12.08 7.78
C ASN D 70 -21.93 11.10 7.67
N GLU D 71 -23.18 11.58 7.75
CA GLU D 71 -24.36 10.73 7.59
C GLU D 71 -24.33 9.89 6.32
N GLN D 72 -24.01 10.53 5.21
CA GLN D 72 -23.93 9.85 3.94
C GLN D 72 -22.79 8.82 3.95
N SER D 73 -21.70 9.18 4.60
CA SER D 73 -20.62 8.22 4.77
C SER D 73 -21.10 6.94 5.48
N PHE D 74 -21.79 7.10 6.61
CA PHE D 74 -22.39 5.98 7.34
C PHE D 74 -23.51 5.24 6.60
N ARG D 75 -24.26 5.92 5.73
CA ARG D 75 -25.22 5.22 4.86
C ARG D 75 -24.53 4.12 4.04
N VAL D 76 -23.38 4.46 3.46
CA VAL D 76 -22.58 3.51 2.70
C VAL D 76 -22.00 2.43 3.63
N ASP D 77 -21.64 2.87 4.83
CA ASP D 77 -21.01 2.00 5.83
C ASP D 77 -21.95 0.87 6.27
N LEU D 78 -23.23 1.19 6.39
CA LEU D 78 -24.21 0.18 6.76
C LEU D 78 -24.28 -0.84 5.64
N ARG D 79 -24.34 -0.36 4.39
CA ARG D 79 -24.45 -1.24 3.24
C ARG D 79 -23.22 -2.13 3.16
N THR D 80 -22.08 -1.56 3.52
CA THR D 80 -20.80 -2.26 3.49
C THR D 80 -20.73 -3.40 4.51
N LEU D 81 -21.17 -3.14 5.73
CA LEU D 81 -21.12 -4.16 6.77
C LEU D 81 -21.98 -5.41 6.45
N LEU D 82 -23.16 -5.20 5.87
CA LEU D 82 -23.94 -6.31 5.35
C LEU D 82 -23.09 -7.20 4.44
N GLY D 83 -22.27 -6.56 3.59
CA GLY D 83 -21.36 -7.25 2.67
C GLY D 83 -20.24 -8.01 3.37
N TYR D 84 -19.68 -7.41 4.44
CA TYR D 84 -18.66 -8.06 5.29
C TYR D 84 -19.20 -9.24 6.06
N TYR D 85 -20.39 -9.06 6.64
CA TYR D 85 -20.97 -10.09 7.51
C TYR D 85 -21.88 -11.05 6.77
N ASN D 86 -22.08 -10.82 5.47
CA ASN D 86 -22.92 -11.67 4.65
C ASN D 86 -24.38 -11.77 5.15
N GLN D 87 -24.90 -10.65 5.67
CA GLN D 87 -26.26 -10.58 6.24
C GLN D 87 -27.27 -10.14 5.21
N SER D 88 -28.49 -10.69 5.30
CA SER D 88 -29.58 -10.36 4.37
C SER D 88 -29.93 -8.86 4.39
N LYS D 89 -30.53 -8.38 3.30
CA LYS D 89 -30.80 -6.93 3.11
C LYS D 89 -31.82 -6.28 4.09
N GLY D 90 -32.75 -7.07 4.63
CA GLY D 90 -33.93 -6.56 5.34
C GLY D 90 -33.81 -6.27 6.82
N GLY D 91 -32.71 -6.67 7.41
CA GLY D 91 -32.47 -6.45 8.83
C GLY D 91 -32.11 -5.00 9.13
N SER D 92 -32.56 -4.52 10.28
CA SER D 92 -32.10 -3.25 10.80
C SER D 92 -30.76 -3.48 11.51
N HIS D 93 -29.76 -2.64 11.24
CA HIS D 93 -28.50 -2.74 11.95
C HIS D 93 -28.02 -1.39 12.44
N THR D 94 -27.05 -1.39 13.36
CA THR D 94 -26.66 -0.17 14.03
C THR D 94 -25.14 0.00 14.10
N ILE D 95 -24.66 1.10 13.55
CA ILE D 95 -23.30 1.54 13.80
C ILE D 95 -23.29 2.61 14.89
N GLN D 96 -22.39 2.45 15.88
CA GLN D 96 -22.18 3.44 16.92
C GLN D 96 -20.72 3.79 17.01
N VAL D 97 -20.43 5.07 17.24
CA VAL D 97 -19.06 5.54 17.37
C VAL D 97 -18.89 6.48 18.57
N ILE D 98 -17.75 6.37 19.26
CA ILE D 98 -17.41 7.32 20.30
C ILE D 98 -16.11 7.97 19.87
N SER D 99 -16.16 9.28 19.60
CA SER D 99 -15.02 10.01 19.03
C SER D 99 -14.71 11.27 19.81
N GLY D 100 -13.42 11.47 20.15
CA GLY D 100 -13.00 12.68 20.87
C GLY D 100 -11.78 12.52 21.76
N CYS D 101 -11.46 13.59 22.46
CA CYS D 101 -10.22 13.72 23.23
C CYS D 101 -10.43 14.00 24.71
N GLU D 102 -9.50 13.56 25.55
CA GLU D 102 -9.45 13.98 26.95
C GLU D 102 -8.17 14.78 27.16
N VAL D 103 -8.31 16.03 27.60
CA VAL D 103 -7.15 16.89 27.80
C VAL D 103 -6.96 17.27 29.27
N GLY D 104 -5.72 17.16 29.75
CA GLY D 104 -5.33 17.61 31.10
C GLY D 104 -5.44 19.12 31.29
N SER D 105 -5.18 19.58 32.51
CA SER D 105 -5.31 21.01 32.81
C SER D 105 -4.14 21.81 32.24
N ASP D 106 -3.09 21.10 31.84
CA ASP D 106 -1.94 21.71 31.18
C ASP D 106 -2.23 21.89 29.69
N GLY D 107 -3.26 21.19 29.22
CA GLY D 107 -3.71 21.32 27.84
C GLY D 107 -3.20 20.23 26.93
N ARG D 108 -2.45 19.29 27.47
CA ARG D 108 -1.94 18.19 26.66
C ARG D 108 -3.03 17.10 26.55
N LEU D 109 -2.89 16.23 25.55
CA LEU D 109 -3.84 15.14 25.34
C LEU D 109 -3.49 13.97 26.25
N LEU D 110 -4.42 13.57 27.11
CA LEU D 110 -4.23 12.43 28.01
C LEU D 110 -4.52 11.10 27.31
N ARG D 111 -5.67 11.02 26.66
CA ARG D 111 -5.98 9.89 25.80
C ARG D 111 -6.98 10.29 24.76
N GLY D 112 -6.98 9.55 23.66
CA GLY D 112 -7.89 9.81 22.55
C GLY D 112 -8.86 8.67 22.37
N TYR D 113 -10.08 8.96 21.93
CA TYR D 113 -11.05 7.91 21.68
C TYR D 113 -11.55 7.88 20.25
N GLN D 114 -11.49 6.70 19.67
CA GLN D 114 -12.19 6.40 18.43
C GLN D 114 -12.60 4.94 18.57
N GLN D 115 -13.83 4.73 19.05
CA GLN D 115 -14.38 3.39 19.25
C GLN D 115 -15.57 3.20 18.35
N TYR D 116 -15.50 2.18 17.52
CA TYR D 116 -16.59 1.78 16.63
C TYR D 116 -17.28 0.56 17.20
N ALA D 117 -18.59 0.48 17.01
CA ALA D 117 -19.33 -0.71 17.40
C ALA D 117 -20.39 -1.04 16.38
N TYR D 118 -20.55 -2.32 16.09
CA TYR D 118 -21.57 -2.78 15.17
C TYR D 118 -22.55 -3.63 15.94
N ASP D 119 -23.83 -3.26 15.84
CA ASP D 119 -24.89 -3.96 16.55
C ASP D 119 -24.60 -4.17 18.07
N GLY D 120 -24.11 -3.14 18.76
CA GLY D 120 -23.79 -3.24 20.20
C GLY D 120 -22.59 -4.10 20.56
N CYS D 121 -21.71 -4.33 19.59
CA CYS D 121 -20.48 -5.10 19.82
C CYS D 121 -19.27 -4.35 19.29
N ASP D 122 -18.15 -4.38 20.01
CA ASP D 122 -16.94 -3.69 19.56
C ASP D 122 -16.57 -4.07 18.12
N TYR D 123 -16.25 -3.09 17.28
CA TYR D 123 -15.87 -3.38 15.90
C TYR D 123 -14.40 -3.14 15.69
N ILE D 124 -14.00 -1.89 15.87
CA ILE D 124 -12.60 -1.49 15.79
C ILE D 124 -12.40 -0.35 16.77
N ALA D 125 -11.18 -0.18 17.28
CA ALA D 125 -10.83 1.03 18.03
C ALA D 125 -9.34 1.39 17.88
N LEU D 126 -9.06 2.69 18.01
CA LEU D 126 -7.69 3.20 17.99
C LEU D 126 -7.06 2.93 19.34
N ASN D 127 -5.86 2.36 19.30
CA ASN D 127 -5.10 2.05 20.51
C ASN D 127 -4.64 3.30 21.26
N GLU D 128 -4.15 3.12 22.49
CA GLU D 128 -3.67 4.25 23.31
C GLU D 128 -2.50 4.95 22.62
N ASP D 129 -1.70 4.16 21.88
CA ASP D 129 -0.56 4.68 21.09
C ASP D 129 -0.96 5.62 19.95
N LEU D 130 -2.25 5.80 19.71
CA LEU D 130 -2.77 6.72 18.69
C LEU D 130 -2.27 6.43 17.28
N LYS D 131 -1.77 5.21 17.06
CA LYS D 131 -1.05 4.87 15.83
C LYS D 131 -1.47 3.56 15.17
N THR D 132 -2.05 2.64 15.96
CA THR D 132 -2.53 1.34 15.45
C THR D 132 -3.99 1.02 15.85
N TRP D 133 -4.53 -0.06 15.28
CA TRP D 133 -5.93 -0.41 15.48
C TRP D 133 -6.11 -1.77 16.15
N THR D 134 -7.13 -1.87 16.99
CA THR D 134 -7.59 -3.16 17.50
C THR D 134 -8.95 -3.52 16.86
N ALA D 135 -8.99 -4.66 16.17
CA ALA D 135 -10.17 -5.15 15.47
C ALA D 135 -10.76 -6.34 16.20
N ALA D 136 -12.07 -6.34 16.40
CA ALA D 136 -12.71 -7.36 17.20
C ALA D 136 -13.09 -8.65 16.45
N ASP D 137 -12.85 -8.72 15.14
CA ASP D 137 -13.20 -9.92 14.33
C ASP D 137 -12.74 -9.84 12.90
N MET D 138 -13.02 -10.90 12.16
CA MET D 138 -12.63 -11.01 10.75
C MET D 138 -13.18 -9.87 9.89
N ALA D 139 -14.39 -9.42 10.20
CA ALA D 139 -14.94 -8.31 9.45
C ALA D 139 -14.12 -7.03 9.62
N ALA D 140 -13.88 -6.64 10.87
CA ALA D 140 -13.12 -5.41 11.16
C ALA D 140 -11.69 -5.44 10.62
N LEU D 141 -11.14 -6.64 10.47
CA LEU D 141 -9.82 -6.81 9.86
C LEU D 141 -9.79 -6.21 8.46
N ILE D 142 -10.92 -6.28 7.76
CA ILE D 142 -11.05 -5.64 6.45
C ILE D 142 -11.02 -4.10 6.59
N THR D 143 -11.69 -3.58 7.62
CA THR D 143 -11.60 -2.14 7.92
C THR D 143 -10.21 -1.72 8.43
N LYS D 144 -9.53 -2.61 9.15
CA LYS D 144 -8.15 -2.34 9.57
C LYS D 144 -7.25 -2.15 8.34
N HIS D 145 -7.17 -3.18 7.51
CA HIS D 145 -6.44 -3.13 6.26
C HIS D 145 -6.72 -1.86 5.44
N LYS D 146 -8.00 -1.49 5.33
CA LYS D 146 -8.40 -0.27 4.63
C LYS D 146 -7.68 0.96 5.20
N TRP D 147 -7.86 1.17 6.50
CA TRP D 147 -7.31 2.30 7.27
C TRP D 147 -5.79 2.30 7.45
N GLU D 148 -5.16 1.13 7.29
CA GLU D 148 -3.70 1.04 7.26
C GLU D 148 -3.14 1.65 5.96
N GLN D 149 -3.75 1.28 4.84
CA GLN D 149 -3.33 1.70 3.51
C GLN D 149 -3.85 3.08 3.07
N ALA D 150 -4.65 3.74 3.92
CA ALA D 150 -4.99 5.16 3.73
C ALA D 150 -4.41 6.04 4.86
N GLY D 151 -3.59 5.44 5.72
CA GLY D 151 -3.00 6.13 6.86
C GLY D 151 -4.06 6.93 7.60
N GLU D 152 -5.12 6.24 7.99
CA GLU D 152 -6.25 6.89 8.64
C GLU D 152 -5.91 7.28 10.08
N ALA D 153 -5.08 6.45 10.72
CA ALA D 153 -4.66 6.67 12.09
C ALA D 153 -3.99 8.03 12.21
N GLU D 154 -3.16 8.39 11.22
CA GLU D 154 -2.44 9.67 11.23
C GLU D 154 -3.39 10.86 11.07
N ARG D 155 -4.33 10.75 10.14
CA ARG D 155 -5.35 11.79 9.91
C ARG D 155 -6.18 12.00 11.16
N LEU D 156 -6.50 10.89 11.82
CA LEU D 156 -7.20 10.90 13.10
C LEU D 156 -6.38 11.54 14.20
N ARG D 157 -5.12 11.09 14.31
CA ARG D 157 -4.18 11.63 15.28
C ARG D 157 -4.18 13.15 15.20
N ALA D 158 -4.08 13.68 13.97
CA ALA D 158 -4.12 15.13 13.71
C ALA D 158 -5.38 15.78 14.29
N TYR D 159 -6.54 15.16 14.06
CA TYR D 159 -7.79 15.68 14.56
C TYR D 159 -7.77 15.73 16.07
N LEU D 160 -7.41 14.59 16.69
CA LEU D 160 -7.38 14.45 18.15
C LEU D 160 -6.46 15.49 18.77
N GLU D 161 -5.24 15.60 18.23
CA GLU D 161 -4.20 16.49 18.77
C GLU D 161 -4.43 17.95 18.40
N GLY D 162 -5.21 18.19 17.34
CA GLY D 162 -5.43 19.54 16.83
C GLY D 162 -6.84 20.07 17.03
N THR D 163 -7.66 19.89 16.02
CA THR D 163 -9.07 20.28 16.07
C THR D 163 -9.77 19.94 17.40
N CYS D 164 -9.65 18.69 17.85
CA CYS D 164 -10.38 18.28 19.03
C CYS D 164 -9.96 19.11 20.23
N VAL D 165 -8.65 19.12 20.50
CA VAL D 165 -8.11 19.88 21.61
C VAL D 165 -8.44 21.37 21.49
N GLU D 166 -8.26 21.93 20.29
CA GLU D 166 -8.44 23.37 20.06
C GLU D 166 -9.87 23.82 20.35
N TRP D 167 -10.83 23.08 19.82
CA TRP D 167 -12.22 23.42 20.01
C TRP D 167 -12.66 23.19 21.46
N LEU D 168 -12.22 22.10 22.07
CA LEU D 168 -12.56 21.82 23.46
C LEU D 168 -12.22 23.03 24.32
N ARG D 169 -11.13 23.70 23.95
CA ARG D 169 -10.70 24.93 24.63
C ARG D 169 -11.67 26.08 24.33
N ARG D 170 -12.02 26.24 23.04
CA ARG D 170 -12.99 27.24 22.64
C ARG D 170 -14.31 27.01 23.37
N TYR D 171 -14.79 25.76 23.36
CA TYR D 171 -16.07 25.45 24.02
C TYR D 171 -16.01 25.71 25.51
N LEU D 172 -14.86 25.39 26.14
CA LEU D 172 -14.73 25.50 27.58
C LEU D 172 -14.78 26.93 28.02
N LYS D 173 -14.28 27.83 27.19
CA LYS D 173 -14.28 29.26 27.55
C LYS D 173 -15.68 29.83 27.46
N ASN D 174 -16.53 29.22 26.65
CA ASN D 174 -17.92 29.67 26.56
C ASN D 174 -18.83 29.16 27.69
N GLY D 175 -18.66 27.90 28.08
CA GLY D 175 -19.57 27.27 29.03
C GLY D 175 -19.01 26.78 30.37
N ASN D 176 -17.84 27.31 30.76
CA ASN D 176 -17.15 26.86 31.96
C ASN D 176 -17.93 27.11 33.28
N ALA D 177 -18.40 28.34 33.46
CA ALA D 177 -19.25 28.70 34.59
C ALA D 177 -20.47 27.77 34.71
N THR D 178 -21.09 27.44 33.59
CA THR D 178 -22.25 26.55 33.56
C THR D 178 -21.84 25.13 34.00
N LEU D 179 -20.88 24.54 33.30
CA LEU D 179 -20.48 23.15 33.52
C LEU D 179 -20.09 22.88 34.99
N LEU D 180 -19.32 23.81 35.56
CA LEU D 180 -18.94 23.78 36.98
C LEU D 180 -20.10 23.81 38.01
N ARG D 181 -21.30 24.19 37.57
CA ARG D 181 -22.43 24.31 38.46
C ARG D 181 -22.57 23.04 39.29
N THR D 182 -23.08 23.23 40.50
CA THR D 182 -23.12 22.16 41.44
C THR D 182 -24.33 22.34 42.34
N ASP D 183 -25.17 21.32 42.36
CA ASP D 183 -26.35 21.25 43.23
C ASP D 183 -26.23 20.20 44.33
N SER D 184 -26.10 20.65 45.59
CA SER D 184 -26.07 19.75 46.76
C SER D 184 -27.35 18.90 46.83
N PRO D 185 -27.25 17.62 47.27
CA PRO D 185 -28.46 16.84 47.50
C PRO D 185 -29.19 17.27 48.80
N LYS D 186 -30.50 17.01 48.82
CA LYS D 186 -31.36 17.20 49.98
C LYS D 186 -31.86 15.80 50.34
N ALA D 187 -31.72 15.41 51.60
CA ALA D 187 -31.98 14.03 51.95
C ALA D 187 -33.05 13.95 53.00
N HIS D 188 -33.93 12.96 52.86
CA HIS D 188 -34.88 12.66 53.92
C HIS D 188 -34.97 11.14 54.06
N VAL D 189 -35.40 10.71 55.25
CA VAL D 189 -35.63 9.27 55.49
C VAL D 189 -37.11 8.96 55.62
N THR D 190 -37.55 7.94 54.90
CA THR D 190 -38.94 7.51 55.05
C THR D 190 -38.99 6.16 55.75
N HIS D 191 -40.18 5.85 56.26
CA HIS D 191 -40.43 4.68 57.07
C HIS D 191 -41.60 3.98 56.42
N HIS D 192 -41.50 2.66 56.30
CA HIS D 192 -42.53 1.85 55.67
C HIS D 192 -42.68 0.52 56.38
N SER D 193 -43.92 0.04 56.49
CA SER D 193 -44.18 -1.24 57.18
C SER D 193 -43.64 -2.46 56.40
N ARG D 194 -43.51 -3.58 57.10
CA ARG D 194 -43.03 -4.86 56.53
C ARG D 194 -43.61 -6.02 57.36
N PRO D 195 -43.87 -7.19 56.73
CA PRO D 195 -44.55 -8.25 57.47
C PRO D 195 -44.02 -8.33 58.89
N GLU D 196 -44.94 -8.21 59.84
CA GLU D 196 -44.64 -8.25 61.29
C GLU D 196 -43.70 -7.18 61.84
N ASP D 197 -42.69 -7.65 62.57
CA ASP D 197 -41.83 -6.81 63.42
C ASP D 197 -40.58 -6.23 62.72
N LYS D 198 -40.67 -6.03 61.41
CA LYS D 198 -39.61 -5.37 60.66
C LYS D 198 -40.11 -4.10 60.02
N VAL D 199 -39.24 -3.14 59.80
CA VAL D 199 -39.64 -1.97 59.04
C VAL D 199 -38.55 -1.63 58.04
N THR D 200 -38.92 -1.00 56.91
CA THR D 200 -37.97 -0.54 55.91
C THR D 200 -37.73 0.94 56.16
N LEU D 201 -36.46 1.31 56.26
CA LEU D 201 -36.08 2.68 56.30
C LEU D 201 -35.48 2.98 54.93
N ARG D 202 -35.90 4.09 54.30
CA ARG D 202 -35.40 4.43 52.97
C ARG D 202 -34.81 5.81 53.00
N CYS D 203 -33.54 5.89 52.65
CA CYS D 203 -32.79 7.15 52.61
C CYS D 203 -32.79 7.73 51.21
N TRP D 204 -33.39 8.91 51.08
CA TRP D 204 -33.56 9.57 49.78
C TRP D 204 -32.59 10.71 49.60
N ALA D 205 -32.03 10.81 48.41
CA ALA D 205 -31.31 12.01 48.00
C ALA D 205 -31.97 12.59 46.72
N LEU D 206 -32.37 13.87 46.80
CA LEU D 206 -33.09 14.53 45.71
C LEU D 206 -32.51 15.89 45.35
N GLY D 207 -32.64 16.24 44.06
CA GLY D 207 -32.31 17.57 43.55
C GLY D 207 -30.82 17.82 43.38
N PHE D 208 -30.05 16.77 43.09
CA PHE D 208 -28.61 16.92 43.03
C PHE D 208 -28.07 16.95 41.62
N TYR D 209 -26.96 17.66 41.41
CA TYR D 209 -26.20 17.63 40.16
C TYR D 209 -24.73 17.79 40.50
N PRO D 210 -23.83 17.02 39.84
CA PRO D 210 -24.08 15.97 38.89
C PRO D 210 -24.60 14.70 39.56
N ALA D 211 -24.65 13.61 38.77
CA ALA D 211 -25.24 12.35 39.18
C ALA D 211 -24.42 11.58 40.22
N ASP D 212 -23.11 11.77 40.26
CA ASP D 212 -22.31 10.99 41.21
C ASP D 212 -22.73 11.26 42.63
N ILE D 213 -23.02 10.19 43.36
CA ILE D 213 -23.42 10.27 44.74
C ILE D 213 -23.21 8.90 45.37
N THR D 214 -23.09 8.88 46.70
CA THR D 214 -23.02 7.63 47.44
C THR D 214 -23.95 7.73 48.63
N LEU D 215 -24.80 6.71 48.78
CA LEU D 215 -25.65 6.59 49.95
C LEU D 215 -25.30 5.35 50.68
N THR D 216 -25.05 5.47 51.99
CA THR D 216 -24.79 4.30 52.82
C THR D 216 -25.58 4.31 54.13
N TRP D 217 -25.88 3.13 54.65
CA TRP D 217 -26.55 2.97 55.94
C TRP D 217 -25.57 2.40 56.93
N GLN D 218 -25.50 3.01 58.09
CA GLN D 218 -24.64 2.46 59.13
C GLN D 218 -25.46 2.04 60.33
N LEU D 219 -25.05 0.92 60.94
CA LEU D 219 -25.59 0.49 62.21
C LEU D 219 -24.57 0.62 63.32
N ASN D 220 -24.92 1.46 64.31
CA ASN D 220 -24.17 1.66 65.56
C ASN D 220 -22.67 1.95 65.38
N GLY D 221 -22.21 2.05 64.13
CA GLY D 221 -20.75 2.05 63.85
C GLY D 221 -20.40 1.64 62.42
N GLU D 222 -20.23 0.33 62.20
CA GLU D 222 -19.88 -0.24 60.88
C GLU D 222 -20.99 -0.03 59.81
N GLU D 223 -20.64 -0.16 58.53
CA GLU D 223 -21.62 0.08 57.41
C GLU D 223 -22.48 -1.16 57.03
N LEU D 224 -23.57 -0.91 56.33
CA LEU D 224 -24.46 -2.02 55.94
C LEU D 224 -24.42 -2.36 54.45
N ILE D 225 -23.69 -3.44 54.16
CA ILE D 225 -23.47 -3.90 52.78
C ILE D 225 -24.45 -5.04 52.38
N GLN D 226 -24.22 -6.23 52.94
CA GLN D 226 -24.93 -7.46 52.53
C GLN D 226 -26.44 -7.25 52.24
N ASP D 227 -27.14 -6.54 53.14
CA ASP D 227 -28.60 -6.47 53.09
C ASP D 227 -29.18 -5.25 52.40
N MET D 228 -28.44 -4.14 52.46
CA MET D 228 -28.87 -2.85 51.90
C MET D 228 -29.39 -2.95 50.44
N GLU D 229 -30.40 -2.13 50.14
CA GLU D 229 -30.95 -2.09 48.80
C GLU D 229 -30.92 -0.67 48.24
N LEU D 230 -30.54 -0.52 46.98
CA LEU D 230 -30.54 0.81 46.38
C LEU D 230 -30.92 0.74 44.92
N VAL D 231 -31.24 1.88 44.33
CA VAL D 231 -31.58 1.94 42.93
C VAL D 231 -30.54 2.75 42.22
N GLU D 232 -30.36 2.46 40.93
CA GLU D 232 -29.57 3.32 40.03
C GLU D 232 -30.05 4.76 40.12
N THR D 233 -29.11 5.68 40.29
CA THR D 233 -29.37 7.10 40.21
C THR D 233 -30.20 7.34 38.97
N ARG D 234 -31.15 8.25 39.08
CA ARG D 234 -32.06 8.51 37.97
C ARG D 234 -32.33 10.00 37.84
N PRO D 235 -32.57 10.47 36.59
CA PRO D 235 -32.90 11.89 36.41
C PRO D 235 -34.32 12.27 36.87
N ALA D 236 -34.42 13.37 37.62
CA ALA D 236 -35.71 13.94 37.94
C ALA D 236 -36.38 14.38 36.65
N GLY D 237 -35.56 14.76 35.68
CA GLY D 237 -36.04 15.23 34.39
C GLY D 237 -36.04 16.74 34.30
N ASP D 238 -35.48 17.38 35.31
CA ASP D 238 -35.30 18.82 35.27
C ASP D 238 -33.82 19.21 35.35
N GLY D 239 -32.96 18.33 34.91
CA GLY D 239 -31.55 18.58 35.07
C GLY D 239 -30.98 18.04 36.35
N THR D 240 -31.78 17.87 37.41
CA THR D 240 -31.28 17.20 38.63
C THR D 240 -31.42 15.68 38.63
N PHE D 241 -30.80 15.02 39.61
CA PHE D 241 -30.91 13.56 39.74
C PHE D 241 -31.47 13.17 41.12
N GLN D 242 -31.77 11.85 41.23
CA GLN D 242 -32.26 11.32 42.48
C GLN D 242 -31.85 9.87 42.66
N LYS D 243 -31.81 9.46 43.94
CA LYS D 243 -31.36 8.14 44.38
C LYS D 243 -31.84 7.88 45.78
N TRP D 244 -31.98 6.60 46.10
CA TRP D 244 -32.29 6.16 47.45
C TRP D 244 -31.64 4.82 47.77
N ALA D 245 -31.52 4.56 49.06
CA ALA D 245 -31.02 3.29 49.57
C ALA D 245 -31.73 3.01 50.87
N SER D 246 -32.13 1.76 51.03
CA SER D 246 -33.01 1.33 52.10
C SER D 246 -32.49 0.05 52.71
N VAL D 247 -33.02 -0.22 53.90
CA VAL D 247 -32.52 -1.26 54.76
C VAL D 247 -33.68 -1.75 55.64
N VAL D 248 -33.73 -3.05 55.91
CA VAL D 248 -34.78 -3.60 56.75
C VAL D 248 -34.29 -3.73 58.19
N VAL D 249 -34.87 -2.92 59.08
CA VAL D 249 -34.47 -2.88 60.49
C VAL D 249 -35.58 -3.42 61.41
N PRO D 250 -35.23 -3.85 62.65
CA PRO D 250 -36.19 -4.25 63.67
C PRO D 250 -37.14 -3.15 64.16
N LEU D 251 -38.44 -3.44 64.19
CA LEU D 251 -39.45 -2.49 64.66
C LEU D 251 -39.04 -2.03 66.05
N GLY D 252 -38.98 -0.71 66.23
CA GLY D 252 -38.58 -0.13 67.53
C GLY D 252 -37.10 0.26 67.63
N LYS D 253 -36.33 -0.14 66.61
CA LYS D 253 -34.87 0.12 66.59
C LYS D 253 -34.45 1.13 65.52
N GLU D 254 -35.42 1.67 64.78
CA GLU D 254 -35.16 2.62 63.70
C GLU D 254 -34.10 3.62 64.12
N GLN D 255 -34.29 4.22 65.29
CA GLN D 255 -33.41 5.29 65.76
C GLN D 255 -31.94 4.89 65.89
N TYR D 256 -31.63 3.60 65.73
CA TYR D 256 -30.26 3.10 65.89
C TYR D 256 -29.50 3.13 64.57
N TYR D 257 -30.16 3.54 63.49
CA TYR D 257 -29.56 3.47 62.13
C TYR D 257 -29.25 4.86 61.52
N THR D 258 -28.08 4.98 60.90
CA THR D 258 -27.69 6.27 60.32
C THR D 258 -27.39 6.22 58.82
N CYS D 259 -27.99 7.17 58.11
CA CYS D 259 -27.79 7.26 56.69
C CYS D 259 -26.81 8.36 56.38
N HIS D 260 -25.91 8.10 55.44
CA HIS D 260 -24.81 9.01 55.16
C HIS D 260 -24.86 9.33 53.69
N VAL D 261 -24.97 10.62 53.37
CA VAL D 261 -25.02 11.04 51.96
C VAL D 261 -23.77 11.78 51.51
N TYR D 262 -23.09 11.21 50.50
CA TYR D 262 -21.79 11.71 50.07
C TYR D 262 -21.89 12.25 48.66
N HIS D 263 -21.77 13.58 48.54
CA HIS D 263 -21.86 14.23 47.24
C HIS D 263 -20.91 15.41 47.16
N GLN D 264 -20.46 15.71 45.96
CA GLN D 264 -19.41 16.70 45.75
C GLN D 264 -19.81 18.15 46.04
N GLY D 265 -21.08 18.43 46.08
CA GLY D 265 -21.56 19.78 46.28
C GLY D 265 -21.76 20.05 47.75
N LEU D 266 -21.51 19.05 48.59
CA LEU D 266 -21.64 19.19 50.05
C LEU D 266 -20.38 19.67 50.80
N PRO D 267 -20.49 20.73 51.60
CA PRO D 267 -19.40 21.07 52.52
C PRO D 267 -18.89 19.84 53.29
N GLU D 268 -19.79 18.92 53.64
CA GLU D 268 -19.41 17.65 54.25
C GLU D 268 -20.53 16.66 54.15
N PRO D 269 -20.23 15.35 54.30
CA PRO D 269 -21.30 14.37 54.15
C PRO D 269 -22.53 14.71 55.03
N LEU D 270 -23.71 14.38 54.53
CA LEU D 270 -24.94 14.53 55.32
C LEU D 270 -25.16 13.30 56.16
N THR D 271 -25.53 13.52 57.41
CA THR D 271 -25.91 12.48 58.33
C THR D 271 -27.35 12.72 58.77
N LEU D 272 -28.21 11.72 58.54
CA LEU D 272 -29.60 11.80 59.04
C LEU D 272 -30.18 10.47 59.50
N ARG D 273 -31.14 10.56 60.42
CA ARG D 273 -31.90 9.40 60.92
C ARG D 273 -33.37 9.50 60.53
N TRP D 274 -34.13 8.46 60.80
CA TRP D 274 -35.60 8.53 60.72
C TRP D 274 -36.18 9.44 61.84
N GLU D 275 -37.04 10.38 61.45
CA GLU D 275 -37.64 11.34 62.39
C GLU D 275 -39.16 11.16 62.51
N PRO D 276 -39.62 10.41 63.51
CA PRO D 276 -41.07 10.39 63.70
C PRO D 276 -41.57 11.74 64.24
N PRO D 277 -42.40 12.47 63.46
CA PRO D 277 -43.15 13.63 64.04
C PRO D 277 -44.03 13.22 65.23
N GLN E 2 -27.79 -8.01 21.57
CA GLN E 2 -29.20 -7.71 22.03
C GLN E 2 -29.46 -7.67 23.58
N LYS E 3 -29.91 -6.54 24.09
CA LYS E 3 -30.00 -6.30 25.55
C LYS E 3 -31.39 -5.89 26.06
N THR E 4 -31.81 -6.53 27.17
CA THR E 4 -33.08 -6.28 27.85
C THR E 4 -33.05 -5.03 28.74
N PRO E 5 -34.05 -4.15 28.56
CA PRO E 5 -34.15 -2.84 29.21
C PRO E 5 -34.42 -2.93 30.68
N GLN E 6 -33.85 -1.99 31.43
CA GLN E 6 -34.19 -1.84 32.83
C GLN E 6 -35.20 -0.69 32.93
N ILE E 7 -36.22 -0.89 33.77
CA ILE E 7 -37.25 0.10 33.92
C ILE E 7 -37.32 0.70 35.31
N GLN E 8 -37.49 2.01 35.39
CA GLN E 8 -37.79 2.67 36.63
C GLN E 8 -38.99 3.63 36.45
N VAL E 9 -40.00 3.51 37.33
CA VAL E 9 -41.17 4.36 37.30
C VAL E 9 -41.13 5.18 38.54
N TYR E 10 -41.18 6.49 38.39
CA TYR E 10 -41.09 7.31 39.56
C TYR E 10 -41.55 8.73 39.25
N SER E 11 -41.93 9.45 40.29
CA SER E 11 -42.36 10.81 40.11
C SER E 11 -41.17 11.70 40.26
N ARG E 12 -41.33 12.93 39.77
CA ARG E 12 -40.24 13.90 39.78
C ARG E 12 -40.02 14.47 41.17
N HIS E 13 -41.11 14.74 41.88
CA HIS E 13 -41.12 15.27 43.24
C HIS E 13 -41.84 14.24 44.13
N PRO E 14 -41.63 14.31 45.46
CA PRO E 14 -42.36 13.41 46.36
C PRO E 14 -43.85 13.54 46.13
N PRO E 15 -44.56 12.41 45.99
CA PRO E 15 -46.00 12.45 45.63
C PRO E 15 -46.82 13.05 46.76
N GLU E 16 -47.84 13.83 46.41
CA GLU E 16 -48.77 14.43 47.38
C GLU E 16 -50.14 14.49 46.74
N ASN E 17 -51.08 13.72 47.27
CA ASN E 17 -52.40 13.58 46.68
C ASN E 17 -53.04 14.92 46.37
N GLY E 18 -53.44 15.09 45.12
CA GLY E 18 -54.11 16.31 44.65
C GLY E 18 -53.21 17.36 44.03
N LYS E 19 -51.91 17.24 44.25
CA LYS E 19 -50.96 18.20 43.72
C LYS E 19 -50.33 17.63 42.45
N PRO E 20 -50.25 18.45 41.38
CA PRO E 20 -49.63 18.00 40.13
C PRO E 20 -48.13 17.71 40.28
N ASN E 21 -47.66 16.78 39.49
CA ASN E 21 -46.31 16.26 39.60
C ASN E 21 -45.99 15.79 38.18
N ILE E 22 -44.93 15.00 38.03
CA ILE E 22 -44.56 14.43 36.76
C ILE E 22 -44.14 12.96 36.96
N LEU E 23 -44.69 12.08 36.13
CA LEU E 23 -44.38 10.67 36.25
C LEU E 23 -43.33 10.29 35.22
N ASN E 24 -42.25 9.69 35.69
CA ASN E 24 -41.15 9.32 34.81
C ASN E 24 -41.11 7.85 34.58
N CYS E 25 -40.83 7.47 33.35
CA CYS E 25 -40.48 6.11 33.03
C CYS E 25 -39.07 6.15 32.43
N TYR E 26 -38.08 5.64 33.16
CA TYR E 26 -36.68 5.72 32.77
C TYR E 26 -36.24 4.35 32.37
N VAL E 27 -35.93 4.22 31.08
CA VAL E 27 -35.65 2.94 30.42
C VAL E 27 -34.20 2.97 29.91
N THR E 28 -33.41 2.02 30.40
CA THR E 28 -31.96 2.00 30.18
C THR E 28 -31.53 0.62 29.73
N GLN E 29 -30.28 0.50 29.28
CA GLN E 29 -29.60 -0.80 29.09
C GLN E 29 -30.15 -1.64 27.97
N PHE E 30 -30.87 -1.01 27.05
CA PHE E 30 -31.45 -1.78 25.96
C PHE E 30 -30.73 -1.68 24.63
N HIS E 31 -30.97 -2.64 23.75
CA HIS E 31 -30.34 -2.68 22.44
C HIS E 31 -31.03 -3.81 21.66
N PRO E 32 -31.47 -3.55 20.43
CA PRO E 32 -31.34 -2.42 19.53
C PRO E 32 -32.04 -1.18 20.05
N PRO E 33 -31.85 -0.01 19.39
CA PRO E 33 -32.39 1.25 19.91
C PRO E 33 -33.87 1.49 19.63
N HIS E 34 -34.51 0.66 18.82
CA HIS E 34 -35.94 0.78 18.64
C HIS E 34 -36.69 0.24 19.86
N ILE E 35 -37.52 1.08 20.46
CA ILE E 35 -38.30 0.66 21.64
C ILE E 35 -39.70 1.31 21.61
N GLU E 36 -40.68 0.69 22.27
CA GLU E 36 -42.00 1.32 22.41
C GLU E 36 -42.34 1.41 23.88
N ILE E 37 -42.64 2.64 24.33
CA ILE E 37 -42.89 2.90 25.76
C ILE E 37 -44.25 3.52 25.94
N GLN E 38 -45.17 2.85 26.63
CA GLN E 38 -46.45 3.46 26.98
C GLN E 38 -46.53 3.69 28.46
N MET E 39 -47.37 4.64 28.81
CA MET E 39 -47.68 4.86 30.20
C MET E 39 -49.18 4.67 30.31
N LEU E 40 -49.59 3.83 31.26
CA LEU E 40 -50.95 3.45 31.44
C LEU E 40 -51.47 4.09 32.71
N LYS E 41 -52.70 4.53 32.69
CA LYS E 41 -53.41 4.93 33.91
C LYS E 41 -54.66 4.07 34.11
N ASN E 42 -54.69 3.38 35.25
CA ASN E 42 -55.77 2.47 35.58
C ASN E 42 -56.09 1.53 34.42
N GLY E 43 -55.04 1.06 33.75
CA GLY E 43 -55.18 0.07 32.70
C GLY E 43 -55.20 0.66 31.30
N LYS E 44 -55.44 1.97 31.22
CA LYS E 44 -55.63 2.69 29.93
C LYS E 44 -54.45 3.57 29.51
N LYS E 45 -54.18 3.58 28.20
CA LYS E 45 -53.03 4.29 27.61
C LYS E 45 -53.15 5.81 27.85
N ILE E 46 -52.11 6.39 28.44
CA ILE E 46 -52.05 7.83 28.63
C ILE E 46 -51.73 8.47 27.26
N PRO E 47 -52.64 9.34 26.78
CA PRO E 47 -52.47 9.77 25.37
C PRO E 47 -51.22 10.68 25.12
N LYS E 48 -50.95 11.64 26.02
CA LYS E 48 -49.84 12.61 25.81
C LYS E 48 -48.57 12.30 26.64
N VAL E 49 -47.58 11.67 26.00
CA VAL E 49 -46.40 11.20 26.73
C VAL E 49 -45.20 11.73 26.00
N GLU E 50 -44.36 12.49 26.70
CA GLU E 50 -43.15 12.98 26.08
C GLU E 50 -41.97 12.02 26.23
N MET E 51 -41.06 12.06 25.26
CA MET E 51 -39.83 11.28 25.27
C MET E 51 -38.60 12.20 25.15
N SER E 52 -37.59 11.95 25.96
CA SER E 52 -36.32 12.62 25.76
C SER E 52 -35.75 12.10 24.43
N ASP E 53 -34.76 12.82 23.89
CA ASP E 53 -34.02 12.35 22.72
C ASP E 53 -33.22 11.10 23.13
N MET E 54 -32.93 10.24 22.17
CA MET E 54 -32.26 9.02 22.53
C MET E 54 -30.76 9.29 22.69
N SER E 55 -30.14 8.60 23.65
CA SER E 55 -28.71 8.65 23.87
C SER E 55 -28.22 7.24 24.16
N PHE E 56 -26.91 7.05 24.16
CA PHE E 56 -26.34 5.78 24.59
C PHE E 56 -25.14 6.00 25.51
N SER E 57 -24.56 4.90 25.98
CA SER E 57 -23.60 4.94 27.07
C SER E 57 -22.32 4.30 26.65
N LYS E 58 -21.26 4.49 27.45
CA LYS E 58 -19.93 3.98 27.11
C LYS E 58 -19.99 2.54 26.63
N ASP E 59 -20.98 1.77 27.10
CA ASP E 59 -21.12 0.36 26.76
C ASP E 59 -22.12 0.10 25.63
N TRP E 60 -22.47 1.15 24.90
CA TRP E 60 -23.25 1.05 23.68
C TRP E 60 -24.76 0.98 23.86
N SER E 61 -25.21 0.68 25.06
CA SER E 61 -26.63 0.50 25.31
C SER E 61 -27.34 1.85 25.29
N PHE E 62 -28.65 1.82 24.98
CA PHE E 62 -29.45 3.03 24.80
C PHE E 62 -30.26 3.43 26.02
N TYR E 63 -30.52 4.71 26.18
CA TYR E 63 -31.44 5.14 27.23
C TYR E 63 -32.36 6.28 26.79
N ILE E 64 -33.49 6.43 27.50
CA ILE E 64 -34.51 7.40 27.17
C ILE E 64 -35.43 7.56 28.39
N LEU E 65 -35.80 8.80 28.67
CA LEU E 65 -36.72 9.15 29.74
C LEU E 65 -38.05 9.50 29.13
N ALA E 66 -39.11 8.80 29.58
CA ALA E 66 -40.51 9.07 29.19
C ALA E 66 -41.18 9.69 30.39
N HIS E 67 -41.91 10.76 30.18
CA HIS E 67 -42.56 11.45 31.26
C HIS E 67 -43.90 12.03 30.84
N THR E 68 -44.82 12.10 31.80
CA THR E 68 -46.16 12.62 31.62
C THR E 68 -46.59 13.44 32.83
N GLU E 69 -47.41 14.45 32.61
CA GLU E 69 -47.98 15.20 33.73
C GLU E 69 -49.05 14.39 34.46
N PHE E 70 -49.06 14.43 35.79
CA PHE E 70 -50.12 13.73 36.49
C PHE E 70 -50.40 14.27 37.89
N THR E 71 -51.63 14.04 38.35
CA THR E 71 -51.97 14.41 39.68
C THR E 71 -52.21 13.11 40.46
N PRO E 72 -51.28 12.72 41.33
CA PRO E 72 -51.49 11.51 42.13
C PRO E 72 -52.74 11.53 43.03
N THR E 73 -53.42 10.40 43.09
CA THR E 73 -54.58 10.16 43.95
C THR E 73 -54.19 9.06 44.92
N GLU E 74 -55.05 8.83 45.90
CA GLU E 74 -54.90 7.71 46.81
C GLU E 74 -55.04 6.38 46.09
N THR E 75 -55.83 6.35 45.03
CA THR E 75 -56.22 5.07 44.49
C THR E 75 -55.90 4.84 43.04
N ASP E 76 -55.43 5.85 42.32
CA ASP E 76 -55.04 5.67 40.90
C ASP E 76 -53.82 4.79 40.75
N THR E 77 -53.84 3.88 39.79
CA THR E 77 -52.69 3.03 39.51
C THR E 77 -52.09 3.50 38.20
N TYR E 78 -50.78 3.76 38.18
CA TYR E 78 -50.05 4.09 36.94
C TYR E 78 -48.97 3.05 36.67
N ALA E 79 -48.66 2.82 35.42
CA ALA E 79 -47.62 1.86 35.08
C ALA E 79 -46.90 2.29 33.82
N CYS E 80 -45.76 1.71 33.57
CA CYS E 80 -45.09 1.97 32.33
C CYS E 80 -44.93 0.63 31.62
N ARG E 81 -45.19 0.62 30.32
CA ARG E 81 -45.14 -0.61 29.56
C ARG E 81 -44.19 -0.43 28.39
N VAL E 82 -43.39 -1.47 28.14
CA VAL E 82 -42.28 -1.39 27.21
C VAL E 82 -42.26 -2.60 26.30
N LYS E 83 -42.29 -2.36 24.99
CA LYS E 83 -42.16 -3.42 24.00
C LYS E 83 -40.79 -3.25 23.39
N HIS E 84 -40.05 -4.35 23.28
CA HIS E 84 -38.68 -4.30 22.78
C HIS E 84 -38.26 -5.69 22.28
N ASP E 85 -37.57 -5.74 21.14
CA ASP E 85 -37.30 -7.02 20.47
C ASP E 85 -36.55 -8.03 21.35
N SER E 86 -35.91 -7.55 22.41
CA SER E 86 -35.16 -8.46 23.26
C SER E 86 -36.08 -9.32 24.11
N MET E 87 -37.34 -8.90 24.25
CA MET E 87 -38.30 -9.56 25.14
C MET E 87 -39.35 -10.22 24.30
N ALA E 88 -39.70 -11.46 24.65
CA ALA E 88 -40.77 -12.19 23.97
C ALA E 88 -42.10 -11.44 24.07
N GLU E 89 -42.36 -10.82 25.23
CA GLU E 89 -43.60 -10.08 25.46
C GLU E 89 -43.33 -8.74 26.15
N PRO E 90 -44.28 -7.77 26.09
CA PRO E 90 -43.99 -6.44 26.66
C PRO E 90 -43.81 -6.51 28.18
N LYS E 91 -43.22 -5.48 28.76
CA LYS E 91 -42.92 -5.47 30.18
C LYS E 91 -43.54 -4.27 30.85
N THR E 92 -44.38 -4.54 31.86
CA THR E 92 -45.11 -3.52 32.57
C THR E 92 -44.48 -3.35 33.95
N VAL E 93 -44.29 -2.13 34.38
CA VAL E 93 -43.82 -1.89 35.72
C VAL E 93 -44.75 -0.87 36.40
N TYR E 94 -45.39 -1.26 37.51
CA TYR E 94 -46.27 -0.35 38.22
C TYR E 94 -45.55 0.67 39.08
N TRP E 95 -46.05 1.90 39.06
CA TRP E 95 -45.53 2.93 39.92
C TRP E 95 -45.78 2.51 41.34
N ASP E 96 -44.75 2.65 42.18
CA ASP E 96 -44.90 2.48 43.63
C ASP E 96 -44.46 3.78 44.30
N ARG E 97 -45.35 4.46 45.01
CA ARG E 97 -45.04 5.82 45.50
C ARG E 97 -43.92 5.88 46.55
N ASP E 98 -43.82 4.83 47.34
CA ASP E 98 -42.71 4.67 48.28
C ASP E 98 -41.40 4.38 47.59
N MET E 99 -41.41 4.23 46.25
CA MET E 99 -40.17 3.88 45.53
C MET E 99 -39.83 4.85 44.40
N GLN F 2 26.59 -1.58 20.77
CA GLN F 2 27.99 -2.04 21.19
C GLN F 2 28.16 -2.70 22.61
N LYS F 3 28.62 -3.95 22.66
CA LYS F 3 28.63 -4.76 23.90
C LYS F 3 29.98 -5.38 24.27
N THR F 4 30.35 -5.20 25.54
CA THR F 4 31.60 -5.71 26.13
C THR F 4 31.53 -7.21 26.41
N PRO F 5 32.55 -7.95 25.93
CA PRO F 5 32.68 -9.41 25.98
C PRO F 5 32.86 -9.95 27.38
N GLN F 6 32.23 -11.08 27.66
CA GLN F 6 32.51 -11.82 28.87
C GLN F 6 33.54 -12.92 28.54
N ILE F 7 34.51 -13.13 29.44
CA ILE F 7 35.56 -14.09 29.17
C ILE F 7 35.61 -15.18 30.20
N GLN F 8 35.84 -16.41 29.78
CA GLN F 8 36.05 -17.51 30.72
C GLN F 8 37.23 -18.37 30.27
N VAL F 9 38.19 -18.56 31.16
CA VAL F 9 39.37 -19.32 30.80
C VAL F 9 39.33 -20.62 31.58
N TYR F 10 39.43 -21.76 30.91
CA TYR F 10 39.28 -22.99 31.62
C TYR F 10 39.75 -24.15 30.83
N SER F 11 40.06 -25.23 31.52
CA SER F 11 40.49 -26.40 30.81
C SER F 11 39.32 -27.31 30.52
N ARG F 12 39.53 -28.19 29.54
CA ARG F 12 38.47 -29.05 29.07
C ARG F 12 38.25 -30.15 30.11
N HIS F 13 39.34 -30.68 30.67
CA HIS F 13 39.26 -31.70 31.70
C HIS F 13 39.92 -31.17 32.97
N PRO F 14 39.60 -31.77 34.14
CA PRO F 14 40.24 -31.28 35.37
C PRO F 14 41.76 -31.34 35.24
N PRO F 15 42.45 -30.24 35.57
CA PRO F 15 43.90 -30.14 35.32
C PRO F 15 44.70 -31.12 36.16
N GLU F 16 45.73 -31.71 35.56
CA GLU F 16 46.63 -32.65 36.22
C GLU F 16 48.05 -32.45 35.69
N ASN F 17 48.94 -31.95 36.53
CA ASN F 17 50.31 -31.63 36.11
C ASN F 17 50.98 -32.73 35.32
N GLY F 18 51.45 -32.38 34.12
CA GLY F 18 52.18 -33.31 33.27
C GLY F 18 51.32 -34.03 32.25
N LYS F 19 50.00 -33.94 32.40
CA LYS F 19 49.05 -34.60 31.48
C LYS F 19 48.44 -33.59 30.51
N PRO F 20 48.45 -33.91 29.20
CA PRO F 20 47.90 -33.00 28.22
C PRO F 20 46.40 -32.81 28.40
N ASN F 21 45.92 -31.64 28.03
CA ASN F 21 44.57 -31.19 28.30
C ASN F 21 44.30 -30.17 27.19
N ILE F 22 43.26 -29.38 27.31
CA ILE F 22 42.99 -28.34 26.36
C ILE F 22 42.55 -27.09 27.09
N LEU F 23 43.12 -25.94 26.73
CA LEU F 23 42.77 -24.69 27.41
C LEU F 23 41.75 -23.91 26.61
N ASN F 24 40.66 -23.53 27.26
CA ASN F 24 39.59 -22.83 26.56
C ASN F 24 39.50 -21.37 26.93
N CYS F 25 39.38 -20.52 25.91
CA CYS F 25 38.94 -19.17 26.14
C CYS F 25 37.55 -18.96 25.50
N TYR F 26 36.54 -18.80 26.34
CA TYR F 26 35.15 -18.75 25.87
C TYR F 26 34.65 -17.31 26.02
N VAL F 27 34.48 -16.66 24.88
CA VAL F 27 34.20 -15.24 24.82
C VAL F 27 32.78 -15.07 24.27
N THR F 28 31.93 -14.41 25.05
CA THR F 28 30.52 -14.26 24.75
C THR F 28 30.07 -12.81 24.90
N GLN F 29 28.83 -12.54 24.46
CA GLN F 29 28.14 -11.28 24.80
C GLN F 29 28.74 -10.04 24.18
N PHE F 30 29.53 -10.21 23.11
CA PHE F 30 30.16 -9.07 22.48
C PHE F 30 29.45 -8.60 21.18
N HIS F 31 29.73 -7.36 20.80
CA HIS F 31 29.18 -6.75 19.58
C HIS F 31 29.91 -5.43 19.38
N PRO F 32 30.40 -5.14 18.17
CA PRO F 32 30.36 -5.82 16.86
C PRO F 32 31.09 -7.18 16.82
N PRO F 33 30.90 -7.96 15.73
CA PRO F 33 31.41 -9.32 15.75
C PRO F 33 32.91 -9.44 15.54
N HIS F 34 33.58 -8.37 15.12
CA HIS F 34 35.04 -8.40 15.01
C HIS F 34 35.75 -8.39 16.38
N ILE F 35 36.58 -9.40 16.61
CA ILE F 35 37.26 -9.52 17.90
C ILE F 35 38.64 -10.10 17.65
N GLU F 36 39.63 -9.75 18.47
CA GLU F 36 40.93 -10.44 18.47
C GLU F 36 41.17 -11.15 19.81
N ILE F 37 41.43 -12.47 19.74
CA ILE F 37 41.63 -13.29 20.92
C ILE F 37 43.00 -13.96 20.95
N GLN F 38 43.82 -13.63 21.95
CA GLN F 38 45.13 -14.29 22.09
C GLN F 38 45.14 -15.13 23.34
N MET F 39 45.97 -16.16 23.30
CA MET F 39 46.26 -16.91 24.46
C MET F 39 47.73 -16.77 24.74
N LEU F 40 48.06 -16.42 25.97
CA LEU F 40 49.42 -16.13 26.37
C LEU F 40 49.88 -17.23 27.32
N LYS F 41 51.14 -17.64 27.22
CA LYS F 41 51.76 -18.54 28.18
C LYS F 41 52.96 -17.82 28.74
N ASN F 42 52.95 -17.62 30.05
CA ASN F 42 54.04 -16.95 30.74
C ASN F 42 54.39 -15.61 30.09
N GLY F 43 53.36 -14.88 29.66
CA GLY F 43 53.54 -13.56 29.07
C GLY F 43 53.70 -13.53 27.55
N LYS F 44 54.01 -14.69 26.95
CA LYS F 44 54.20 -14.81 25.49
C LYS F 44 53.02 -15.45 24.73
N LYS F 45 52.80 -14.95 23.52
CA LYS F 45 51.71 -15.34 22.62
C LYS F 45 51.83 -16.81 22.21
N ILE F 46 50.77 -17.57 22.46
CA ILE F 46 50.73 -18.96 22.05
C ILE F 46 50.51 -18.98 20.53
N PRO F 47 51.45 -19.56 19.76
CA PRO F 47 51.36 -19.38 18.31
C PRO F 47 50.16 -20.11 17.65
N LYS F 48 49.86 -21.35 18.07
CA LYS F 48 48.79 -22.17 17.43
C LYS F 48 47.49 -22.20 18.27
N VAL F 49 46.53 -21.36 17.89
CA VAL F 49 45.29 -21.25 18.64
C VAL F 49 44.15 -21.45 17.68
N GLU F 50 43.29 -22.42 17.95
CA GLU F 50 42.12 -22.60 17.12
C GLU F 50 40.92 -21.78 17.57
N MET F 51 40.06 -21.44 16.62
CA MET F 51 38.81 -20.75 16.91
C MET F 51 37.60 -21.57 16.40
N SER F 52 36.54 -21.63 17.17
CA SER F 52 35.31 -22.18 16.65
C SER F 52 34.79 -21.15 15.61
N ASP F 53 33.89 -21.58 14.72
CA ASP F 53 33.17 -20.64 13.86
C ASP F 53 32.35 -19.71 14.71
N MET F 54 32.14 -18.49 14.24
CA MET F 54 31.35 -17.51 14.99
C MET F 54 29.85 -17.82 14.93
N SER F 55 29.15 -17.61 16.05
CA SER F 55 27.68 -17.71 16.12
C SER F 55 27.14 -16.54 16.92
N PHE F 56 25.82 -16.35 16.93
CA PHE F 56 25.24 -15.37 17.84
C PHE F 56 24.02 -15.92 18.51
N SER F 57 23.44 -15.13 19.40
CA SER F 57 22.37 -15.58 20.27
C SER F 57 21.06 -14.85 19.98
N LYS F 58 19.97 -15.37 20.56
CA LYS F 58 18.65 -14.70 20.46
C LYS F 58 18.74 -13.17 20.65
N ASP F 59 19.69 -12.69 21.46
CA ASP F 59 19.83 -11.25 21.73
C ASP F 59 20.89 -10.57 20.84
N TRP F 60 21.28 -11.25 19.77
CA TRP F 60 22.12 -10.65 18.74
C TRP F 60 23.62 -10.66 19.00
N SER F 61 24.01 -10.85 20.27
CA SER F 61 25.42 -10.84 20.67
C SER F 61 26.16 -12.08 20.18
N PHE F 62 27.46 -11.93 19.96
CA PHE F 62 28.26 -12.97 19.32
C PHE F 62 29.02 -13.81 20.32
N TYR F 63 29.28 -15.08 19.99
CA TYR F 63 30.17 -15.90 20.79
C TYR F 63 31.12 -16.81 19.98
N ILE F 64 32.24 -17.16 20.62
CA ILE F 64 33.30 -17.92 19.96
C ILE F 64 34.13 -18.60 21.06
N LEU F 65 34.65 -19.78 20.74
CA LEU F 65 35.46 -20.54 21.65
C LEU F 65 36.84 -20.64 21.04
N ALA F 66 37.83 -20.12 21.76
CA ALA F 66 39.24 -20.26 21.42
C ALA F 66 39.86 -21.34 22.29
N HIS F 67 40.64 -22.22 21.71
CA HIS F 67 41.23 -23.32 22.45
C HIS F 67 42.58 -23.66 21.89
N THR F 68 43.45 -24.11 22.80
CA THR F 68 44.82 -24.53 22.47
C THR F 68 45.18 -25.78 23.27
N GLU F 69 46.06 -26.62 22.73
CA GLU F 69 46.55 -27.78 23.47
C GLU F 69 47.60 -27.35 24.46
N PHE F 70 47.48 -27.80 25.72
CA PHE F 70 48.53 -27.53 26.70
C PHE F 70 48.75 -28.64 27.73
N THR F 71 49.97 -28.72 28.23
CA THR F 71 50.25 -29.56 29.39
C THR F 71 50.44 -28.69 30.65
N PRO F 72 49.46 -28.71 31.55
CA PRO F 72 49.59 -27.89 32.75
C PRO F 72 50.80 -28.26 33.60
N THR F 73 51.42 -27.25 34.19
CA THR F 73 52.54 -27.39 35.16
C THR F 73 52.11 -26.84 36.50
N GLU F 74 52.96 -26.97 37.49
CA GLU F 74 52.70 -26.35 38.78
C GLU F 74 52.88 -24.84 38.71
N THR F 75 53.71 -24.38 37.78
CA THR F 75 54.12 -22.98 37.84
C THR F 75 53.85 -22.16 36.57
N ASP F 76 53.37 -22.80 35.51
CA ASP F 76 53.06 -22.08 34.27
C ASP F 76 51.83 -21.18 34.41
N THR F 77 51.90 -19.97 33.91
CA THR F 77 50.75 -19.08 33.96
C THR F 77 50.25 -18.96 32.54
N TYR F 78 48.94 -19.16 32.33
CA TYR F 78 48.31 -18.97 31.04
C TYR F 78 47.25 -17.90 31.17
N ALA F 79 47.04 -17.11 30.13
CA ALA F 79 45.95 -16.15 30.16
C ALA F 79 45.28 -16.06 28.79
N CYS F 80 44.13 -15.42 28.74
CA CYS F 80 43.49 -15.13 27.48
C CYS F 80 43.35 -13.62 27.36
N ARG F 81 43.68 -13.09 26.18
CA ARG F 81 43.67 -11.64 25.98
C ARG F 81 42.81 -11.30 24.80
N VAL F 82 42.00 -10.25 24.96
CA VAL F 82 40.93 -9.94 24.04
C VAL F 82 40.93 -8.46 23.68
N LYS F 83 41.02 -8.18 22.38
CA LYS F 83 40.89 -6.79 21.88
C LYS F 83 39.53 -6.71 21.17
N HIS F 84 38.77 -5.67 21.50
CA HIS F 84 37.44 -5.52 20.93
C HIS F 84 37.00 -4.06 21.01
N ASP F 85 36.39 -3.52 19.96
CA ASP F 85 36.14 -2.06 19.95
C ASP F 85 35.37 -1.50 21.13
N SER F 86 34.66 -2.35 21.86
CA SER F 86 33.87 -1.87 22.97
C SER F 86 34.73 -1.46 24.14
N MET F 87 35.98 -1.88 24.12
CA MET F 87 36.90 -1.65 25.23
C MET F 87 37.99 -0.70 24.82
N ALA F 88 38.29 0.28 25.68
CA ALA F 88 39.37 1.22 25.40
C ALA F 88 40.70 0.49 25.24
N GLU F 89 40.92 -0.52 26.08
CA GLU F 89 42.14 -1.32 26.05
C GLU F 89 41.86 -2.84 26.12
N PRO F 90 42.84 -3.69 25.71
CA PRO F 90 42.57 -5.14 25.69
C PRO F 90 42.28 -5.70 27.08
N LYS F 91 41.63 -6.85 27.14
CA LYS F 91 41.28 -7.45 28.42
C LYS F 91 41.93 -8.82 28.59
N THR F 92 42.70 -8.95 29.67
CA THR F 92 43.40 -10.19 29.95
C THR F 92 42.70 -10.92 31.09
N VAL F 93 42.52 -12.23 30.93
CA VAL F 93 42.00 -13.02 32.01
C VAL F 93 42.92 -14.21 32.30
N TYR F 94 43.42 -14.34 33.53
CA TYR F 94 44.34 -15.46 33.84
C TYR F 94 43.62 -16.73 34.18
N TRP F 95 44.15 -17.83 33.67
CA TRP F 95 43.59 -19.13 33.98
C TRP F 95 43.73 -19.35 35.46
N ASP F 96 42.65 -19.79 36.09
CA ASP F 96 42.73 -20.22 37.48
C ASP F 96 42.29 -21.69 37.54
N ARG F 97 43.15 -22.58 38.00
CA ARG F 97 42.87 -24.03 37.85
C ARG F 97 41.76 -24.54 38.76
N ASP F 98 41.58 -23.89 39.90
CA ASP F 98 40.42 -24.16 40.75
C ASP F 98 39.13 -23.63 40.13
N MET F 99 39.19 -22.92 39.01
CA MET F 99 37.99 -22.34 38.44
C MET F 99 37.67 -22.79 37.01
N GLN G 2 22.76 17.02 -16.18
CA GLN G 2 23.70 18.19 -16.37
C GLN G 2 23.71 18.90 -17.77
N LYS G 3 23.41 20.22 -17.79
CA LYS G 3 23.16 20.94 -19.06
C LYS G 3 23.98 22.21 -19.28
N THR G 4 24.61 22.29 -20.45
CA THR G 4 25.41 23.46 -20.89
C THR G 4 24.59 24.70 -21.22
N PRO G 5 24.96 25.86 -20.64
CA PRO G 5 24.23 27.13 -20.76
C PRO G 5 24.36 27.78 -22.11
N GLN G 6 23.25 28.34 -22.59
CA GLN G 6 23.27 29.22 -23.76
C GLN G 6 23.42 30.67 -23.30
N ILE G 7 24.25 31.43 -24.03
CA ILE G 7 24.55 32.80 -23.65
C ILE G 7 24.12 33.77 -24.71
N GLN G 8 23.53 34.90 -24.31
CA GLN G 8 23.28 36.00 -25.24
C GLN G 8 23.77 37.32 -24.65
N VAL G 9 24.55 38.09 -25.42
CA VAL G 9 25.06 39.36 -24.91
C VAL G 9 24.48 40.42 -25.75
N TYR G 10 23.74 41.33 -25.17
CA TYR G 10 23.08 42.32 -25.98
C TYR G 10 22.77 43.52 -25.15
N SER G 11 22.54 44.66 -25.81
CA SER G 11 22.10 45.86 -25.10
C SER G 11 20.59 45.92 -25.05
N ARG G 12 20.09 46.76 -24.16
CA ARG G 12 18.67 46.87 -23.92
C ARG G 12 18.05 47.70 -25.02
N HIS G 13 18.74 48.75 -25.42
CA HIS G 13 18.30 49.63 -26.52
C HIS G 13 19.33 49.58 -27.63
N PRO G 14 18.95 49.97 -28.86
CA PRO G 14 19.95 50.00 -29.91
C PRO G 14 21.15 50.86 -29.52
N PRO G 15 22.38 50.33 -29.68
CA PRO G 15 23.55 51.04 -29.23
C PRO G 15 23.74 52.34 -29.98
N GLU G 16 24.21 53.36 -29.28
CA GLU G 16 24.57 54.67 -29.83
C GLU G 16 25.79 55.23 -29.07
N ASN G 17 26.91 55.39 -29.76
CA ASN G 17 28.11 55.83 -29.09
C ASN G 17 27.89 57.06 -28.26
N GLY G 18 28.32 57.00 -27.00
CA GLY G 18 28.19 58.12 -26.06
C GLY G 18 26.92 58.15 -25.23
N LYS G 19 25.91 57.39 -25.63
CA LYS G 19 24.64 57.39 -24.92
C LYS G 19 24.56 56.20 -23.97
N PRO G 20 24.18 56.44 -22.69
CA PRO G 20 24.06 55.33 -21.75
C PRO G 20 22.97 54.33 -22.14
N ASN G 21 23.19 53.06 -21.79
CA ASN G 21 22.37 51.97 -22.25
C ASN G 21 22.52 50.96 -21.12
N ILE G 22 22.16 49.71 -21.39
CA ILE G 22 22.32 48.61 -20.44
C ILE G 22 22.75 47.35 -21.18
N LEU G 23 23.79 46.70 -20.70
CA LEU G 23 24.31 45.52 -21.37
C LEU G 23 23.79 44.29 -20.68
N ASN G 24 23.20 43.38 -21.43
CA ASN G 24 22.58 42.21 -20.85
C ASN G 24 23.40 41.01 -21.13
N CYS G 25 23.54 40.14 -20.13
CA CYS G 25 23.99 38.78 -20.36
C CYS G 25 22.87 37.84 -19.95
N TYR G 26 22.26 37.18 -20.94
CA TYR G 26 21.12 36.27 -20.73
C TYR G 26 21.58 34.82 -20.89
N VAL G 27 21.56 34.09 -19.78
CA VAL G 27 22.12 32.75 -19.67
C VAL G 27 20.94 31.84 -19.36
N THR G 28 20.79 30.82 -20.20
CA THR G 28 19.63 29.93 -20.16
C THR G 28 20.09 28.51 -20.33
N GLN G 29 19.19 27.57 -20.10
CA GLN G 29 19.38 26.16 -20.47
C GLN G 29 20.42 25.40 -19.66
N PHE G 30 20.77 25.92 -18.49
CA PHE G 30 21.81 25.29 -17.69
C PHE G 30 21.28 24.50 -16.49
N HIS G 31 22.10 23.56 -16.00
CA HIS G 31 21.76 22.71 -14.87
C HIS G 31 23.03 21.96 -14.46
N PRO G 32 23.38 21.95 -13.15
CA PRO G 32 22.77 22.46 -11.93
C PRO G 32 22.60 23.99 -11.86
N PRO G 33 21.84 24.50 -10.87
CA PRO G 33 21.53 25.93 -10.85
C PRO G 33 22.64 26.86 -10.39
N HIS G 34 23.72 26.31 -9.82
CA HIS G 34 24.89 27.15 -9.49
C HIS G 34 25.69 27.56 -10.74
N ILE G 35 25.92 28.86 -10.88
CA ILE G 35 26.63 29.39 -12.03
C ILE G 35 27.37 30.66 -11.60
N GLU G 36 28.44 30.99 -12.31
CA GLU G 36 29.16 32.26 -12.06
C GLU G 36 29.19 33.03 -13.35
N ILE G 37 28.70 34.26 -13.31
CA ILE G 37 28.60 35.10 -14.50
C ILE G 37 29.38 36.42 -14.32
N GLN G 38 30.36 36.66 -15.17
CA GLN G 38 31.07 37.93 -15.11
C GLN G 38 30.81 38.65 -16.39
N MET G 39 30.92 39.98 -16.30
CA MET G 39 30.94 40.81 -17.47
C MET G 39 32.26 41.56 -17.44
N LEU G 40 32.94 41.49 -18.57
CA LEU G 40 34.26 42.04 -18.72
C LEU G 40 34.18 43.27 -19.62
N LYS G 41 34.96 44.30 -19.31
CA LYS G 41 35.18 45.42 -20.21
C LYS G 41 36.66 45.52 -20.56
N ASN G 42 36.95 45.38 -21.86
CA ASN G 42 38.31 45.43 -22.35
C ASN G 42 39.22 44.49 -21.57
N GLY G 43 38.69 43.32 -21.23
CA GLY G 43 39.44 42.26 -20.60
C GLY G 43 39.32 42.25 -19.09
N LYS G 44 38.84 43.35 -18.51
CA LYS G 44 38.75 43.50 -17.03
C LYS G 44 37.32 43.34 -16.46
N LYS G 45 37.25 42.73 -15.29
CA LYS G 45 35.99 42.42 -14.63
C LYS G 45 35.21 43.70 -14.30
N ILE G 46 33.97 43.78 -14.77
CA ILE G 46 33.11 44.91 -14.41
C ILE G 46 32.66 44.76 -12.94
N PRO G 47 33.01 45.73 -12.08
CA PRO G 47 32.75 45.47 -10.65
C PRO G 47 31.24 45.39 -10.25
N LYS G 48 30.40 46.30 -10.75
CA LYS G 48 28.96 46.32 -10.35
C LYS G 48 28.03 45.68 -11.40
N VAL G 49 27.61 44.44 -11.13
CA VAL G 49 26.78 43.70 -12.08
C VAL G 49 25.57 43.19 -11.31
N GLU G 50 24.37 43.56 -11.76
CA GLU G 50 23.17 42.98 -11.19
C GLU G 50 22.73 41.66 -11.80
N MET G 51 22.05 40.85 -10.98
CA MET G 51 21.51 39.57 -11.40
C MET G 51 19.99 39.54 -11.13
N SER G 52 19.23 39.02 -12.09
CA SER G 52 17.84 38.77 -11.84
C SER G 52 17.76 37.58 -10.83
N ASP G 53 16.63 37.42 -10.14
CA ASP G 53 16.45 36.23 -9.31
C ASP G 53 16.46 35.00 -10.22
N MET G 54 16.81 33.85 -9.70
CA MET G 54 16.84 32.65 -10.54
C MET G 54 15.44 32.07 -10.74
N SER G 55 15.22 31.51 -11.93
CA SER G 55 13.95 30.83 -12.26
C SER G 55 14.27 29.61 -13.08
N PHE G 56 13.28 28.74 -13.30
CA PHE G 56 13.52 27.65 -14.23
C PHE G 56 12.34 27.49 -15.19
N SER G 57 12.44 26.53 -16.08
CA SER G 57 11.46 26.34 -17.13
C SER G 57 10.76 25.00 -17.04
N LYS G 58 9.67 24.84 -17.80
CA LYS G 58 8.92 23.55 -17.85
C LYS G 58 9.85 22.34 -17.99
N ASP G 59 11.04 22.52 -18.59
CA ASP G 59 12.00 21.43 -18.78
C ASP G 59 13.10 21.37 -17.72
N TRP G 60 12.88 22.13 -16.64
CA TRP G 60 13.69 22.05 -15.42
C TRP G 60 14.94 22.91 -15.44
N SER G 61 15.38 23.32 -16.63
CA SER G 61 16.60 24.12 -16.79
C SER G 61 16.43 25.54 -16.21
N PHE G 62 17.57 26.10 -15.78
CA PHE G 62 17.57 27.38 -15.09
C PHE G 62 17.88 28.55 -16.01
N TYR G 63 17.37 29.74 -15.67
CA TYR G 63 17.77 30.95 -16.38
C TYR G 63 17.96 32.15 -15.46
N ILE G 64 18.75 33.10 -15.93
CA ILE G 64 19.07 34.27 -15.15
C ILE G 64 19.55 35.35 -16.14
N LEU G 65 19.20 36.61 -15.85
CA LEU G 65 19.65 37.77 -16.64
C LEU G 65 20.64 38.56 -15.83
N ALA G 66 21.84 38.74 -16.37
CA ALA G 66 22.89 39.60 -15.79
C ALA G 66 22.97 40.90 -16.59
N HIS G 67 22.93 42.04 -15.91
CA HIS G 67 22.96 43.32 -16.60
C HIS G 67 23.81 44.34 -15.86
N THR G 68 24.43 45.23 -16.64
CA THR G 68 25.26 46.30 -16.12
C THR G 68 25.00 47.58 -16.92
N GLU G 69 25.16 48.74 -16.28
CA GLU G 69 25.04 50.01 -16.99
C GLU G 69 26.29 50.28 -17.77
N PHE G 70 26.16 50.73 -19.01
CA PHE G 70 27.34 51.08 -19.81
C PHE G 70 27.08 52.15 -20.86
N THR G 71 28.16 52.80 -21.29
CA THR G 71 28.07 53.76 -22.37
C THR G 71 28.90 53.26 -23.54
N PRO G 72 28.24 52.76 -24.60
CA PRO G 72 29.00 52.19 -25.71
C PRO G 72 29.93 53.19 -26.40
N THR G 73 31.13 52.71 -26.74
CA THR G 73 32.11 53.48 -27.52
C THR G 73 32.26 52.80 -28.86
N GLU G 74 33.01 53.45 -29.76
CA GLU G 74 33.36 52.85 -31.01
C GLU G 74 34.29 51.67 -30.78
N THR G 75 35.12 51.74 -29.75
CA THR G 75 36.23 50.81 -29.66
C THR G 75 36.25 49.90 -28.43
N ASP G 76 35.35 50.13 -27.48
CA ASP G 76 35.29 49.32 -26.26
C ASP G 76 34.80 47.90 -26.55
N THR G 77 35.47 46.91 -25.97
CA THR G 77 35.07 45.53 -26.12
C THR G 77 34.48 45.07 -24.79
N TYR G 78 33.26 44.53 -24.84
CA TYR G 78 32.62 43.95 -23.67
C TYR G 78 32.34 42.49 -23.94
N ALA G 79 32.36 41.67 -22.89
CA ALA G 79 32.06 40.26 -23.01
C ALA G 79 31.39 39.74 -21.75
N CYS G 80 30.78 38.58 -21.86
CA CYS G 80 30.17 37.95 -20.72
C CYS G 80 30.85 36.61 -20.52
N ARG G 81 31.20 36.31 -19.27
CA ARG G 81 31.96 35.10 -18.98
C ARG G 81 31.23 34.27 -17.95
N VAL G 82 31.16 32.97 -18.22
CA VAL G 82 30.30 32.07 -17.48
C VAL G 82 31.07 30.83 -17.05
N LYS G 83 31.07 30.56 -15.74
CA LYS G 83 31.65 29.34 -15.20
C LYS G 83 30.48 28.47 -14.74
N HIS G 84 30.50 27.20 -15.12
CA HIS G 84 29.44 26.29 -14.77
C HIS G 84 29.91 24.84 -14.86
N ASP G 85 29.52 24.02 -13.89
CA ASP G 85 30.08 22.69 -13.77
C ASP G 85 29.98 21.79 -15.03
N SER G 86 29.09 22.17 -15.94
CA SER G 86 28.87 21.39 -17.15
C SER G 86 30.02 21.57 -18.16
N MET G 87 30.82 22.61 -17.96
CA MET G 87 31.86 22.96 -18.90
C MET G 87 33.20 22.78 -18.23
N ALA G 88 34.13 22.16 -18.95
CA ALA G 88 35.49 21.97 -18.47
C ALA G 88 36.12 23.32 -18.13
N GLU G 89 35.85 24.33 -18.95
CA GLU G 89 36.45 25.66 -18.76
C GLU G 89 35.41 26.75 -18.97
N PRO G 90 35.68 27.98 -18.49
CA PRO G 90 34.65 29.02 -18.59
C PRO G 90 34.32 29.41 -20.03
N LYS G 91 33.17 30.04 -20.25
CA LYS G 91 32.77 30.40 -21.61
C LYS G 91 32.55 31.88 -21.75
N THR G 92 33.29 32.47 -22.68
CA THR G 92 33.25 33.90 -22.91
C THR G 92 32.49 34.18 -24.18
N VAL G 93 31.60 35.17 -24.15
CA VAL G 93 30.94 35.58 -25.35
C VAL G 93 31.08 37.11 -25.48
N TYR G 94 31.62 37.56 -26.60
CA TYR G 94 31.77 39.00 -26.82
C TYR G 94 30.51 39.64 -27.33
N TRP G 95 30.25 40.84 -26.81
CA TRP G 95 29.17 41.64 -27.32
C TRP G 95 29.42 41.98 -28.79
N ASP G 96 28.42 41.72 -29.63
CA ASP G 96 28.43 42.20 -31.01
C ASP G 96 27.27 43.18 -31.16
N ARG G 97 27.57 44.45 -31.44
CA ARG G 97 26.52 45.49 -31.51
C ARG G 97 25.44 45.29 -32.60
N ASP G 98 25.84 44.74 -33.76
CA ASP G 98 24.90 44.34 -34.78
C ASP G 98 23.99 43.18 -34.34
N MET G 99 24.27 42.58 -33.19
CA MET G 99 23.53 41.39 -32.80
C MET G 99 22.82 41.54 -31.42
N GLN H 2 -22.14 -7.78 -26.05
CA GLN H 2 -23.04 -8.77 -26.76
C GLN H 2 -22.95 -8.81 -28.33
N LYS H 3 -22.59 -9.98 -28.88
CA LYS H 3 -22.30 -10.11 -30.32
C LYS H 3 -23.09 -11.19 -31.06
N THR H 4 -23.69 -10.79 -32.17
CA THR H 4 -24.41 -11.70 -33.10
C THR H 4 -23.52 -12.67 -33.89
N PRO H 5 -23.90 -13.97 -33.88
CA PRO H 5 -23.12 -15.08 -34.49
C PRO H 5 -23.12 -15.09 -36.00
N GLN H 6 -21.98 -15.42 -36.60
CA GLN H 6 -21.92 -15.68 -38.03
C GLN H 6 -22.10 -17.16 -38.24
N ILE H 7 -22.86 -17.52 -39.26
CA ILE H 7 -23.13 -18.94 -39.52
C ILE H 7 -22.62 -19.38 -40.88
N GLN H 8 -22.03 -20.57 -40.93
CA GLN H 8 -21.67 -21.20 -42.20
C GLN H 8 -22.11 -22.67 -42.22
N VAL H 9 -22.86 -23.05 -43.26
CA VAL H 9 -23.34 -24.42 -43.37
C VAL H 9 -22.65 -24.99 -44.56
N TYR H 10 -21.97 -26.12 -44.40
CA TYR H 10 -21.23 -26.67 -45.50
C TYR H 10 -20.86 -28.07 -45.23
N SER H 11 -20.57 -28.80 -46.29
CA SER H 11 -20.13 -30.18 -46.16
C SER H 11 -18.61 -30.26 -46.06
N ARG H 12 -18.15 -31.38 -45.54
CA ARG H 12 -16.74 -31.60 -45.30
C ARG H 12 -16.05 -31.88 -46.61
N HIS H 13 -16.69 -32.67 -47.46
CA HIS H 13 -16.17 -33.00 -48.79
C HIS H 13 -17.16 -32.50 -49.85
N PRO H 14 -16.71 -32.31 -51.11
CA PRO H 14 -17.67 -31.89 -52.14
C PRO H 14 -18.83 -32.87 -52.20
N PRO H 15 -20.05 -32.36 -52.22
CA PRO H 15 -21.23 -33.21 -52.13
C PRO H 15 -21.35 -34.10 -53.35
N GLU H 16 -21.82 -35.31 -53.15
CA GLU H 16 -22.10 -36.26 -54.23
C GLU H 16 -23.30 -37.13 -53.84
N ASN H 17 -24.43 -36.96 -54.54
CA ASN H 17 -25.64 -37.68 -54.22
C ASN H 17 -25.39 -39.18 -53.98
N GLY H 18 -25.90 -39.66 -52.84
CA GLY H 18 -25.77 -41.07 -52.48
C GLY H 18 -24.54 -41.43 -51.67
N LYS H 19 -23.55 -40.55 -51.63
CA LYS H 19 -22.31 -40.84 -50.91
C LYS H 19 -22.33 -40.15 -49.55
N PRO H 20 -22.00 -40.88 -48.47
CA PRO H 20 -21.96 -40.26 -47.14
C PRO H 20 -20.90 -39.16 -47.04
N ASN H 21 -21.16 -38.16 -46.22
CA ASN H 21 -20.35 -36.97 -46.12
C ASN H 21 -20.58 -36.51 -44.69
N ILE H 22 -20.25 -35.26 -44.39
CA ILE H 22 -20.49 -34.68 -43.07
C ILE H 22 -20.94 -33.24 -43.25
N LEU H 23 -21.98 -32.84 -42.52
CA LEU H 23 -22.51 -31.51 -42.69
C LEU H 23 -22.08 -30.66 -41.52
N ASN H 24 -21.46 -29.54 -41.83
CA ASN H 24 -20.93 -28.67 -40.80
C ASN H 24 -21.79 -27.44 -40.61
N CYS H 25 -22.02 -27.10 -39.34
CA CYS H 25 -22.51 -25.80 -38.97
C CYS H 25 -21.44 -25.07 -38.13
N TYR H 26 -20.78 -24.06 -38.73
CA TYR H 26 -19.70 -23.33 -38.09
C TYR H 26 -20.17 -21.96 -37.65
N VAL H 27 -20.21 -21.77 -36.35
CA VAL H 27 -20.82 -20.61 -35.73
C VAL H 27 -19.72 -19.86 -35.01
N THR H 28 -19.54 -18.60 -35.40
CA THR H 28 -18.44 -17.76 -34.90
C THR H 28 -18.95 -16.40 -34.43
N GLN H 29 -18.07 -15.68 -33.73
CA GLN H 29 -18.24 -14.24 -33.49
C GLN H 29 -19.32 -13.90 -32.51
N PHE H 30 -19.76 -14.88 -31.73
CA PHE H 30 -20.86 -14.64 -30.80
C PHE H 30 -20.42 -14.44 -29.36
N HIS H 31 -21.30 -13.86 -28.56
CA HIS H 31 -21.03 -13.53 -27.15
C HIS H 31 -22.35 -13.02 -26.54
N PRO H 32 -22.75 -13.54 -25.36
CA PRO H 32 -22.17 -14.51 -24.44
C PRO H 32 -21.98 -15.92 -25.03
N PRO H 33 -21.26 -16.80 -24.32
CA PRO H 33 -20.88 -18.08 -24.90
C PRO H 33 -21.99 -19.14 -24.90
N HIS H 34 -23.10 -18.88 -24.22
CA HIS H 34 -24.24 -19.79 -24.30
C HIS H 34 -24.97 -19.66 -25.65
N ILE H 35 -25.12 -20.80 -26.33
CA ILE H 35 -25.76 -20.83 -27.63
C ILE H 35 -26.48 -22.16 -27.79
N GLU H 36 -27.55 -22.18 -28.59
CA GLU H 36 -28.24 -23.43 -28.95
C GLU H 36 -28.20 -23.61 -30.46
N ILE H 37 -27.61 -24.72 -30.91
CA ILE H 37 -27.45 -24.99 -32.33
C ILE H 37 -28.19 -26.25 -32.72
N GLN H 38 -29.12 -26.15 -33.66
CA GLN H 38 -29.80 -27.33 -34.21
C GLN H 38 -29.48 -27.49 -35.67
N MET H 39 -29.53 -28.72 -36.11
CA MET H 39 -29.49 -29.00 -37.53
C MET H 39 -30.79 -29.69 -37.92
N LEU H 40 -31.42 -29.15 -38.96
CA LEU H 40 -32.72 -29.58 -39.37
C LEU H 40 -32.57 -30.30 -40.69
N LYS H 41 -33.34 -31.37 -40.87
CA LYS H 41 -33.45 -32.01 -42.19
C LYS H 41 -34.90 -31.98 -42.66
N ASN H 42 -35.13 -31.31 -43.79
CA ASN H 42 -36.47 -31.19 -44.33
C ASN H 42 -37.47 -30.68 -43.27
N GLY H 43 -37.00 -29.77 -42.43
CA GLY H 43 -37.83 -29.09 -41.44
C GLY H 43 -37.73 -29.68 -40.05
N LYS H 44 -37.27 -30.93 -39.97
CA LYS H 44 -37.19 -31.69 -38.70
C LYS H 44 -35.79 -31.76 -38.06
N LYS H 45 -35.79 -31.71 -36.73
CA LYS H 45 -34.55 -31.67 -35.95
C LYS H 45 -33.75 -32.97 -36.15
N ILE H 46 -32.50 -32.84 -36.53
CA ILE H 46 -31.62 -33.99 -36.64
C ILE H 46 -31.25 -34.44 -35.23
N PRO H 47 -31.57 -35.70 -34.85
CA PRO H 47 -31.39 -36.05 -33.42
C PRO H 47 -29.93 -36.14 -32.93
N LYS H 48 -29.03 -36.72 -33.74
CA LYS H 48 -27.61 -36.91 -33.30
C LYS H 48 -26.64 -35.89 -33.94
N VAL H 49 -26.30 -34.86 -33.17
CA VAL H 49 -25.46 -33.75 -33.64
C VAL H 49 -24.32 -33.57 -32.66
N GLU H 50 -23.09 -33.70 -33.16
CA GLU H 50 -21.92 -33.43 -32.34
C GLU H 50 -21.48 -31.98 -32.33
N MET H 51 -20.87 -31.59 -31.22
CA MET H 51 -20.35 -30.24 -31.07
C MET H 51 -18.85 -30.32 -30.74
N SER H 52 -18.08 -29.43 -31.34
CA SER H 52 -16.70 -29.25 -30.90
C SER H 52 -16.72 -28.60 -29.50
N ASP H 53 -15.61 -28.68 -28.77
CA ASP H 53 -15.52 -27.98 -27.49
C ASP H 53 -15.54 -26.50 -27.79
N MET H 54 -15.90 -25.67 -26.82
CA MET H 54 -15.93 -24.25 -27.07
C MET H 54 -14.55 -23.59 -26.95
N SER H 55 -14.30 -22.61 -27.82
CA SER H 55 -13.07 -21.84 -27.81
C SER H 55 -13.40 -20.38 -28.07
N PHE H 56 -12.45 -19.48 -27.84
CA PHE H 56 -12.67 -18.09 -28.23
C PHE H 56 -11.46 -17.54 -28.95
N SER H 57 -11.56 -16.30 -29.39
CA SER H 57 -10.51 -15.71 -30.21
C SER H 57 -9.85 -14.50 -29.59
N LYS H 58 -8.81 -13.99 -30.23
CA LYS H 58 -8.06 -12.84 -29.69
C LYS H 58 -9.01 -11.71 -29.26
N ASP H 59 -10.18 -11.64 -29.92
CA ASP H 59 -11.14 -10.55 -29.69
C ASP H 59 -12.27 -10.95 -28.73
N TRP H 60 -12.11 -12.09 -28.06
CA TRP H 60 -12.99 -12.52 -26.97
C TRP H 60 -14.20 -13.31 -27.40
N SER H 61 -14.54 -13.25 -28.68
CA SER H 61 -15.75 -13.91 -29.20
C SER H 61 -15.59 -15.42 -29.25
N PHE H 62 -16.71 -16.13 -29.21
CA PHE H 62 -16.72 -17.58 -29.10
C PHE H 62 -16.96 -18.28 -30.42
N TYR H 63 -16.39 -19.47 -30.59
CA TYR H 63 -16.70 -20.29 -31.76
C TYR H 63 -16.86 -21.78 -31.45
N ILE H 64 -17.61 -22.45 -32.31
CA ILE H 64 -17.96 -23.85 -32.14
C ILE H 64 -18.38 -24.41 -33.50
N LEU H 65 -18.01 -25.67 -33.76
CA LEU H 65 -18.35 -26.38 -34.99
C LEU H 65 -19.31 -27.49 -34.66
N ALA H 66 -20.50 -27.44 -35.25
CA ALA H 66 -21.50 -28.49 -35.10
C ALA H 66 -21.50 -29.29 -36.39
N HIS H 67 -21.54 -30.61 -36.27
CA HIS H 67 -21.48 -31.47 -37.44
C HIS H 67 -22.28 -32.74 -37.25
N THR H 68 -22.83 -33.24 -38.34
CA THR H 68 -23.65 -34.46 -38.35
C THR H 68 -23.32 -35.26 -39.58
N GLU H 69 -23.50 -36.57 -39.52
CA GLU H 69 -23.31 -37.43 -40.67
C GLU H 69 -24.53 -37.35 -41.58
N PHE H 70 -24.32 -37.23 -42.89
CA PHE H 70 -25.45 -37.22 -43.81
C PHE H 70 -25.11 -37.72 -45.20
N THR H 71 -26.12 -38.23 -45.88
CA THR H 71 -25.97 -38.62 -47.27
C THR H 71 -26.78 -37.67 -48.15
N PRO H 72 -26.09 -36.78 -48.86
CA PRO H 72 -26.80 -35.81 -49.69
C PRO H 72 -27.65 -36.44 -50.82
N THR H 73 -28.86 -35.90 -50.97
CA THR H 73 -29.80 -36.27 -52.03
C THR H 73 -29.91 -35.11 -53.00
N GLU H 74 -30.63 -35.34 -54.10
CA GLU H 74 -30.98 -34.25 -55.02
C GLU H 74 -31.94 -33.25 -54.38
N THR H 75 -32.80 -33.73 -53.49
CA THR H 75 -33.95 -32.95 -53.06
C THR H 75 -34.03 -32.66 -51.58
N ASP H 76 -33.13 -33.24 -50.78
CA ASP H 76 -33.16 -33.05 -49.33
C ASP H 76 -32.67 -31.64 -48.94
N THR H 77 -33.40 -30.99 -48.05
CA THR H 77 -33.04 -29.66 -47.59
C THR H 77 -32.55 -29.78 -46.16
N TYR H 78 -31.33 -29.29 -45.91
CA TYR H 78 -30.77 -29.23 -44.58
C TYR H 78 -30.53 -27.78 -44.22
N ALA H 79 -30.64 -27.48 -42.95
CA ALA H 79 -30.35 -26.15 -42.45
C ALA H 79 -29.75 -26.24 -41.05
N CYS H 80 -29.21 -25.12 -40.57
CA CYS H 80 -28.69 -25.07 -39.22
C CYS H 80 -29.44 -23.92 -38.58
N ARG H 81 -29.85 -24.12 -37.34
CA ARG H 81 -30.64 -23.11 -36.65
C ARG H 81 -29.99 -22.81 -35.33
N VAL H 82 -29.94 -21.52 -35.00
CA VAL H 82 -29.16 -21.01 -33.87
C VAL H 82 -29.96 -20.06 -32.99
N LYS H 83 -30.08 -20.42 -31.71
CA LYS H 83 -30.70 -19.53 -30.75
C LYS H 83 -29.56 -18.91 -29.93
N HIS H 84 -29.61 -17.59 -29.72
CA HIS H 84 -28.57 -16.88 -28.97
C HIS H 84 -29.09 -15.54 -28.49
N ASP H 85 -28.74 -15.16 -27.26
CA ASP H 85 -29.38 -14.01 -26.61
C ASP H 85 -29.25 -12.67 -27.36
N SER H 86 -28.30 -12.60 -28.28
CA SER H 86 -28.08 -11.38 -29.05
C SER H 86 -29.17 -11.16 -30.10
N MET H 87 -29.90 -12.21 -30.43
CA MET H 87 -30.91 -12.16 -31.48
C MET H 87 -32.30 -12.27 -30.87
N ALA H 88 -33.21 -11.42 -31.32
CA ALA H 88 -34.60 -11.46 -30.85
C ALA H 88 -35.21 -12.84 -31.13
N GLU H 89 -34.85 -13.42 -32.27
CA GLU H 89 -35.41 -14.70 -32.70
C GLU H 89 -34.30 -15.60 -33.29
N PRO H 90 -34.52 -16.93 -33.36
CA PRO H 90 -33.47 -17.84 -33.85
C PRO H 90 -33.14 -17.57 -35.31
N LYS H 91 -31.97 -18.02 -35.74
CA LYS H 91 -31.52 -17.76 -37.10
C LYS H 91 -31.27 -19.07 -37.80
N THR H 92 -31.91 -19.23 -38.95
CA THR H 92 -31.79 -20.46 -39.71
C THR H 92 -30.94 -20.18 -40.95
N VAL H 93 -30.06 -21.10 -41.29
CA VAL H 93 -29.30 -20.94 -42.52
C VAL H 93 -29.38 -22.26 -43.30
N TYR H 94 -29.87 -22.20 -44.53
CA TYR H 94 -29.96 -23.41 -45.34
C TYR H 94 -28.68 -23.74 -46.02
N TRP H 95 -28.36 -25.03 -46.03
CA TRP H 95 -27.24 -25.54 -46.78
C TRP H 95 -27.41 -25.26 -48.24
N ASP H 96 -26.38 -24.70 -48.87
CA ASP H 96 -26.36 -24.55 -50.31
C ASP H 96 -25.16 -25.35 -50.83
N ARG H 97 -25.39 -26.35 -51.68
CA ARG H 97 -24.28 -27.24 -52.08
C ARG H 97 -23.16 -26.59 -52.89
N ASP H 98 -23.50 -25.60 -53.71
CA ASP H 98 -22.54 -24.81 -54.45
C ASP H 98 -21.76 -23.90 -53.52
N MET H 99 -22.12 -23.86 -52.24
CA MET H 99 -21.45 -22.95 -51.29
C MET H 99 -20.78 -23.63 -50.09
N ARG I 1 -2.23 30.87 -3.21
CA ARG I 1 -1.66 30.10 -2.07
C ARG I 1 -0.99 28.83 -2.57
N ABA I 2 0.27 28.61 -2.19
CA ABA I 2 1.01 27.38 -2.55
C ABA I 2 0.54 26.20 -1.69
O ABA I 2 0.23 26.37 -0.52
CB ABA I 2 2.52 27.61 -2.35
CG ABA I 2 3.37 26.42 -2.83
N TYR I 3 0.51 25.01 -2.30
CA TYR I 3 0.18 23.76 -1.62
C TYR I 3 1.12 23.53 -0.42
N ILE I 4 0.65 22.84 0.61
CA ILE I 4 1.52 22.39 1.70
C ILE I 4 2.00 21.00 1.31
N PHE I 5 3.20 20.90 0.73
CA PHE I 5 3.67 19.63 0.12
C PHE I 5 3.89 18.52 1.13
N ALA I 6 3.74 17.28 0.66
CA ALA I 6 4.03 16.11 1.47
C ALA I 6 5.51 15.79 1.32
N ASN I 7 6.09 15.19 2.35
CA ASN I 7 7.41 14.57 2.23
C ASN I 7 7.35 13.47 1.18
N ILE I 8 8.43 13.29 0.42
CA ILE I 8 8.50 12.17 -0.51
C ILE I 8 9.17 10.98 0.18
N ARG J 1 15.63 -25.82 4.67
CA ARG J 1 15.86 -24.82 3.56
C ARG J 1 15.64 -23.40 4.06
N ABA J 2 16.65 -22.55 3.85
CA ABA J 2 16.58 -21.13 4.22
C ABA J 2 15.72 -20.34 3.26
O ABA J 2 15.75 -20.60 2.06
CB ABA J 2 18.00 -20.52 4.28
CG ABA J 2 18.03 -19.08 4.82
N TYR J 3 15.00 -19.36 3.77
CA TYR J 3 14.20 -18.46 2.94
C TYR J 3 15.07 -17.74 1.92
N ILE J 4 14.51 -17.39 0.76
CA ILE J 4 15.16 -16.53 -0.21
C ILE J 4 14.80 -15.07 0.13
N PHE J 5 15.62 -14.40 0.91
CA PHE J 5 15.27 -13.08 1.45
C PHE J 5 15.05 -11.99 0.41
N ALA J 6 14.17 -11.06 0.72
CA ALA J 6 14.00 -9.86 -0.04
C ALA J 6 15.06 -8.83 0.34
N ASN J 7 15.44 -7.99 -0.62
CA ASN J 7 16.21 -6.79 -0.34
C ASN J 7 15.41 -5.89 0.58
N ILE J 8 16.09 -5.20 1.50
CA ILE J 8 15.40 -4.23 2.34
C ILE J 8 15.45 -2.84 1.71
N ARG K 1 2.63 -25.02 -18.56
CA ARG K 1 1.95 -24.72 -17.25
C ARG K 1 1.26 -23.35 -17.29
N ABA K 2 0.00 -23.33 -16.89
CA ABA K 2 -0.76 -22.08 -16.74
C ABA K 2 -0.40 -21.34 -15.46
O ABA K 2 -0.21 -21.94 -14.42
CB ABA K 2 -2.27 -22.40 -16.79
CG ABA K 2 -3.13 -21.16 -16.79
N TYR K 3 -0.33 -20.02 -15.54
CA TYR K 3 -0.15 -19.16 -14.37
C TYR K 3 -1.18 -19.43 -13.26
N ILE K 4 -0.79 -19.23 -12.01
CA ILE K 4 -1.71 -19.25 -10.89
C ILE K 4 -2.22 -17.82 -10.73
N PHE K 5 -3.40 -17.52 -11.29
CA PHE K 5 -3.91 -16.13 -11.34
C PHE K 5 -4.26 -15.53 -10.00
N ALA K 6 -4.10 -14.22 -9.92
CA ALA K 6 -4.50 -13.46 -8.76
C ALA K 6 -5.98 -13.14 -8.86
N ASN K 7 -6.63 -13.00 -7.69
CA ASN K 7 -7.97 -12.42 -7.62
C ASN K 7 -7.90 -10.98 -8.08
N ILE K 8 -8.90 -10.56 -8.86
CA ILE K 8 -8.96 -9.15 -9.26
C ILE K 8 -9.73 -8.38 -8.19
N ARG L 1 -15.80 20.46 17.51
CA ARG L 1 -15.99 19.99 16.10
C ARG L 1 -15.83 18.48 16.05
N ABA L 2 -16.76 17.81 15.37
CA ABA L 2 -16.69 16.36 15.22
C ABA L 2 -15.75 15.99 14.09
O ABA L 2 -15.64 16.71 13.10
CB ABA L 2 -18.09 15.79 14.97
CG ABA L 2 -18.09 14.27 14.91
N TYR L 3 -15.06 14.85 14.24
CA TYR L 3 -14.18 14.32 13.22
C TYR L 3 -14.95 14.06 11.93
N ILE L 4 -14.26 14.16 10.79
CA ILE L 4 -14.82 13.72 9.51
C ILE L 4 -14.48 12.24 9.35
N PHE L 5 -15.40 11.34 9.70
CA PHE L 5 -15.10 9.89 9.73
C PHE L 5 -14.79 9.26 8.39
N ALA L 6 -13.98 8.22 8.43
CA ALA L 6 -13.63 7.44 7.25
C ALA L 6 -14.67 6.37 7.08
N ASN L 7 -14.93 5.97 5.83
CA ASN L 7 -15.73 4.79 5.53
C ASN L 7 -15.02 3.58 6.10
N ILE L 8 -15.75 2.64 6.68
CA ILE L 8 -15.14 1.42 7.13
C ILE L 8 -15.18 0.40 6.02
#